data_6EMX
#
_entry.id   6EMX
#
_cell.length_a   179.790
_cell.length_b   133.322
_cell.length_c   158.767
_cell.angle_alpha   90.00
_cell.angle_beta   101.68
_cell.angle_gamma   90.00
#
_symmetry.space_group_name_H-M   'C 1 2 1'
#
loop_
_entity.id
_entity.type
_entity.pdbx_description
1 polymer 'Proton-gated ion channel'
2 non-polymer 'CHLORIDE ION'
3 non-polymer 'SODIUM ION'
4 non-polymer TRIBROMOMETHANE
5 water water
#
_entity_poly.entity_id   1
_entity_poly.type   'polypeptide(L)'
_entity_poly.pdbx_seq_one_letter_code
;GQDMVSPPPPIADEPLTVNTGIYLIECYSLDDKAETFKVNAFLSLSWKDRRLAFDPVRSGVRVKTYEPEAIWIPEIRFVN
VENARDADVVDISVSPDGTVQYLERFSARVLSPLDFRRYPFDSQTLHIYLIVRSVDTRNIVLAVDLEKVGKNDDVFLTGW
DIESFTAVVKPANFALEDRLESKLDYQLRISRQYFSYIPNIILPMLFILFISWTAFWSTSYEANVTLVVSTLIAHIAFCI
LVETNLPKTPYMTYTGAIIFMIYLFYFVAVIEVTVQHYLKVESQPARAASITRASRIAFPVVFLLANIILAFLFFGFGYP
YDVPDYA
;
_entity_poly.pdbx_strand_id   A,B,C,D,E
#
loop_
_chem_comp.id
_chem_comp.type
_chem_comp.name
_chem_comp.formula
CL non-polymer 'CHLORIDE ION' 'Cl -1'
MBR non-polymer TRIBROMOMETHANE 'C H Br3'
NA non-polymer 'SODIUM ION' 'Na 1'
#
# COMPACT_ATOMS: atom_id res chain seq x y z
N VAL A 5 24.24 0.46 -37.61
CA VAL A 5 23.63 -0.67 -36.91
C VAL A 5 22.24 -0.98 -37.50
N SER A 6 22.18 -2.08 -38.28
CA SER A 6 20.99 -2.58 -38.97
C SER A 6 21.03 -4.13 -38.98
N PRO A 7 19.92 -4.87 -39.23
CA PRO A 7 19.97 -6.35 -39.19
C PRO A 7 20.94 -6.99 -40.18
N PRO A 8 21.52 -8.18 -39.86
CA PRO A 8 22.46 -8.80 -40.81
C PRO A 8 21.75 -9.27 -42.08
N PRO A 9 22.31 -9.00 -43.29
CA PRO A 9 21.64 -9.44 -44.52
C PRO A 9 21.63 -10.97 -44.64
N PRO A 10 20.55 -11.56 -45.20
CA PRO A 10 20.49 -13.02 -45.30
C PRO A 10 21.31 -13.59 -46.45
N ILE A 11 21.92 -14.79 -46.24
CA ILE A 11 22.71 -15.48 -47.28
C ILE A 11 21.76 -15.85 -48.43
N ALA A 12 20.68 -16.58 -48.10
CA ALA A 12 19.63 -16.98 -49.03
C ALA A 12 18.37 -16.17 -48.56
N ASP A 13 17.16 -16.44 -49.06
CA ASP A 13 15.98 -15.70 -48.58
C ASP A 13 15.29 -16.38 -47.37
N GLU A 14 16.06 -16.53 -46.25
CA GLU A 14 15.60 -17.19 -45.01
C GLU A 14 15.43 -16.20 -43.82
N PRO A 15 14.50 -16.45 -42.86
CA PRO A 15 14.37 -15.56 -41.72
C PRO A 15 15.42 -15.81 -40.64
N LEU A 16 15.77 -14.77 -39.87
CA LEU A 16 16.77 -14.86 -38.81
C LEU A 16 16.25 -15.58 -37.54
N THR A 17 16.86 -16.71 -37.21
CA THR A 17 16.50 -17.48 -36.03
C THR A 17 17.34 -17.00 -34.83
N VAL A 18 16.64 -16.58 -33.78
CA VAL A 18 17.24 -16.12 -32.53
C VAL A 18 16.99 -17.19 -31.46
N ASN A 19 18.08 -17.80 -30.96
CA ASN A 19 18.05 -18.84 -29.94
C ASN A 19 17.97 -18.25 -28.53
N THR A 20 16.78 -18.40 -27.94
CA THR A 20 16.41 -17.89 -26.62
C THR A 20 16.62 -18.92 -25.50
N GLY A 21 16.67 -18.42 -24.26
CA GLY A 21 16.84 -19.22 -23.05
C GLY A 21 16.68 -18.41 -21.78
N ILE A 22 15.67 -18.75 -20.96
CA ILE A 22 15.41 -18.06 -19.70
C ILE A 22 15.86 -18.95 -18.54
N TYR A 23 16.70 -18.42 -17.64
CA TYR A 23 17.17 -19.15 -16.46
C TYR A 23 16.75 -18.39 -15.21
N LEU A 24 15.68 -18.86 -14.52
CA LEU A 24 15.12 -18.24 -13.31
C LEU A 24 16.09 -18.23 -12.14
N ILE A 25 16.35 -17.03 -11.62
CA ILE A 25 17.21 -16.82 -10.44
C ILE A 25 16.32 -16.67 -9.23
N GLU A 26 15.23 -15.86 -9.35
CA GLU A 26 14.27 -15.58 -8.29
C GLU A 26 12.84 -15.63 -8.77
N CYS A 27 11.97 -16.17 -7.92
CA CYS A 27 10.53 -16.25 -8.13
C CYS A 27 9.92 -15.83 -6.86
N TYR A 28 9.13 -14.76 -6.91
CA TYR A 28 8.52 -14.18 -5.71
C TYR A 28 7.26 -13.37 -6.02
N SER A 29 6.57 -12.92 -4.96
CA SER A 29 5.40 -12.04 -4.99
C SER A 29 4.31 -12.48 -6.00
N LEU A 30 3.71 -13.68 -5.77
CA LEU A 30 2.61 -14.15 -6.58
C LEU A 30 1.31 -13.59 -5.97
N ASP A 31 0.80 -12.51 -6.56
CA ASP A 31 -0.43 -11.84 -6.14
C ASP A 31 -1.60 -12.56 -6.78
N ASP A 32 -2.38 -13.27 -5.97
CA ASP A 32 -3.54 -14.03 -6.44
C ASP A 32 -4.64 -13.11 -6.97
N LYS A 33 -4.99 -12.07 -6.18
CA LYS A 33 -6.00 -11.05 -6.52
C LYS A 33 -5.68 -10.32 -7.83
N ALA A 34 -4.39 -9.95 -8.05
CA ALA A 34 -3.91 -9.25 -9.24
C ALA A 34 -3.47 -10.16 -10.39
N GLU A 35 -3.36 -11.48 -10.14
CA GLU A 35 -2.92 -12.52 -11.08
C GLU A 35 -1.54 -12.18 -11.69
N THR A 36 -0.61 -11.72 -10.83
CA THR A 36 0.76 -11.35 -11.20
C THR A 36 1.75 -12.14 -10.37
N PHE A 37 3.03 -12.09 -10.76
CA PHE A 37 4.17 -12.68 -10.08
C PHE A 37 5.45 -12.00 -10.55
N LYS A 38 6.37 -11.79 -9.62
CA LYS A 38 7.64 -11.16 -9.95
C LYS A 38 8.68 -12.23 -10.24
N VAL A 39 9.53 -11.95 -11.21
CA VAL A 39 10.60 -12.85 -11.64
C VAL A 39 11.93 -12.08 -11.81
N ASN A 40 13.04 -12.74 -11.46
CA ASN A 40 14.40 -12.24 -11.66
C ASN A 40 15.11 -13.39 -12.37
N ALA A 41 15.54 -13.16 -13.62
CA ALA A 41 16.12 -14.23 -14.43
C ALA A 41 17.16 -13.78 -15.42
N PHE A 42 17.87 -14.75 -16.00
CA PHE A 42 18.86 -14.53 -17.04
C PHE A 42 18.12 -14.72 -18.36
N LEU A 43 18.38 -13.84 -19.33
CA LEU A 43 17.84 -13.96 -20.68
C LEU A 43 19.04 -14.14 -21.58
N SER A 44 19.10 -15.29 -22.29
CA SER A 44 20.21 -15.59 -23.19
C SER A 44 19.72 -15.65 -24.64
N LEU A 45 20.34 -14.83 -25.50
CA LEU A 45 20.00 -14.75 -26.93
C LEU A 45 21.21 -15.16 -27.79
N SER A 46 20.93 -15.72 -29.01
CA SER A 46 21.96 -16.16 -29.96
C SER A 46 21.51 -16.10 -31.44
N TRP A 47 22.23 -15.35 -32.28
CA TRP A 47 21.94 -15.18 -33.71
C TRP A 47 23.22 -15.17 -34.55
N LYS A 48 23.07 -15.35 -35.89
CA LYS A 48 24.18 -15.35 -36.86
C LYS A 48 24.27 -14.01 -37.61
N ASP A 49 25.28 -13.19 -37.25
CA ASP A 49 25.57 -11.89 -37.86
C ASP A 49 26.91 -12.05 -38.54
N ARG A 50 26.88 -12.38 -39.85
CA ARG A 50 28.05 -12.63 -40.71
C ARG A 50 28.99 -11.44 -40.84
N ARG A 51 28.46 -10.21 -40.70
CA ARG A 51 29.25 -8.95 -40.76
C ARG A 51 30.26 -8.85 -39.61
N LEU A 52 30.07 -9.66 -38.54
CA LEU A 52 30.92 -9.70 -37.34
C LEU A 52 31.90 -10.88 -37.37
N ALA A 53 31.78 -11.77 -38.38
CA ALA A 53 32.65 -12.94 -38.54
C ALA A 53 34.11 -12.55 -38.76
N PHE A 54 35.03 -13.38 -38.27
CA PHE A 54 36.47 -13.14 -38.32
C PHE A 54 37.28 -14.43 -38.38
N ASP A 55 38.47 -14.38 -39.03
CA ASP A 55 39.39 -15.51 -39.09
C ASP A 55 40.13 -15.54 -37.74
N PRO A 56 40.11 -16.67 -36.99
CA PRO A 56 40.77 -16.70 -35.67
C PRO A 56 42.28 -16.45 -35.72
N VAL A 57 42.95 -16.95 -36.79
CA VAL A 57 44.40 -16.86 -37.05
C VAL A 57 44.90 -15.42 -37.02
N ARG A 58 44.36 -14.56 -37.91
CA ARG A 58 44.73 -13.15 -38.06
C ARG A 58 44.42 -12.29 -36.84
N SER A 59 43.21 -12.46 -36.26
CA SER A 59 42.76 -11.70 -35.09
C SER A 59 43.52 -12.03 -33.81
N GLY A 60 43.93 -13.29 -33.66
CA GLY A 60 44.69 -13.77 -32.51
C GLY A 60 43.89 -14.03 -31.25
N VAL A 61 42.55 -14.03 -31.36
CA VAL A 61 41.57 -14.29 -30.29
C VAL A 61 40.35 -15.00 -30.86
N ARG A 62 39.94 -16.12 -30.22
CA ARG A 62 38.82 -16.92 -30.68
C ARG A 62 37.44 -16.47 -30.15
N VAL A 63 37.39 -15.29 -29.51
CA VAL A 63 36.19 -14.66 -28.95
C VAL A 63 36.27 -13.14 -29.04
N LYS A 64 35.17 -12.48 -29.42
CA LYS A 64 35.13 -11.03 -29.52
C LYS A 64 33.99 -10.42 -28.71
N THR A 65 34.35 -9.64 -27.68
CA THR A 65 33.42 -8.94 -26.79
C THR A 65 32.98 -7.63 -27.47
N TYR A 66 31.71 -7.27 -27.30
CA TYR A 66 31.16 -6.03 -27.85
C TYR A 66 30.23 -5.37 -26.86
N GLU A 67 30.21 -4.02 -26.87
CA GLU A 67 29.30 -3.23 -26.04
C GLU A 67 27.94 -3.25 -26.76
N PRO A 68 26.78 -3.19 -26.05
CA PRO A 68 25.48 -3.27 -26.73
C PRO A 68 25.28 -2.34 -27.92
N GLU A 69 25.69 -1.07 -27.78
CA GLU A 69 25.59 -0.02 -28.80
C GLU A 69 26.46 -0.28 -30.03
N ALA A 70 27.55 -1.05 -29.86
CA ALA A 70 28.48 -1.38 -30.94
C ALA A 70 27.87 -2.25 -32.06
N ILE A 71 27.14 -3.31 -31.68
CA ILE A 71 26.55 -4.25 -32.64
C ILE A 71 25.02 -4.24 -32.66
N TRP A 72 24.43 -4.81 -33.74
CA TRP A 72 22.98 -4.94 -33.88
C TRP A 72 22.50 -6.07 -32.97
N ILE A 73 21.54 -5.76 -32.09
CA ILE A 73 20.94 -6.73 -31.17
C ILE A 73 19.41 -6.75 -31.40
N PRO A 74 18.79 -7.93 -31.57
CA PRO A 74 17.33 -7.97 -31.82
C PRO A 74 16.50 -7.41 -30.68
N GLU A 75 15.44 -6.67 -31.04
CA GLU A 75 14.53 -6.05 -30.07
C GLU A 75 13.55 -7.10 -29.53
N ILE A 76 14.01 -7.84 -28.49
CA ILE A 76 13.26 -8.90 -27.80
C ILE A 76 12.51 -8.26 -26.67
N ARG A 77 11.19 -8.47 -26.60
CA ARG A 77 10.34 -7.88 -25.56
C ARG A 77 9.43 -8.96 -24.97
N PHE A 78 8.94 -8.73 -23.74
CA PHE A 78 8.01 -9.65 -23.11
C PHE A 78 6.61 -9.14 -23.39
N VAL A 79 5.67 -10.07 -23.64
CA VAL A 79 4.30 -9.73 -23.97
C VAL A 79 3.50 -9.42 -22.73
N ASN A 80 3.43 -10.38 -21.78
CA ASN A 80 2.59 -10.27 -20.58
C ASN A 80 3.32 -9.66 -19.39
N VAL A 81 3.82 -8.44 -19.56
CA VAL A 81 4.49 -7.70 -18.48
C VAL A 81 3.78 -6.38 -18.24
N GLU A 82 3.90 -5.84 -16.99
CA GLU A 82 3.32 -4.57 -16.57
C GLU A 82 4.05 -3.41 -17.26
N ASN A 83 5.38 -3.32 -17.04
CA ASN A 83 6.23 -2.32 -17.68
C ASN A 83 7.42 -3.05 -18.32
N ALA A 84 8.28 -2.33 -19.05
CA ALA A 84 9.46 -2.91 -19.68
C ALA A 84 10.42 -3.43 -18.61
N ARG A 85 10.91 -4.67 -18.80
CA ARG A 85 11.85 -5.37 -17.91
C ARG A 85 13.10 -4.55 -17.51
N ASP A 86 13.60 -4.75 -16.27
CA ASP A 86 14.80 -4.09 -15.78
C ASP A 86 16.00 -4.95 -16.13
N ALA A 87 16.57 -4.72 -17.34
CA ALA A 87 17.69 -5.48 -17.87
C ALA A 87 19.05 -4.82 -17.67
N ASP A 88 20.05 -5.67 -17.37
CA ASP A 88 21.46 -5.33 -17.18
C ASP A 88 22.20 -6.32 -18.06
N VAL A 89 22.88 -5.83 -19.12
CA VAL A 89 23.62 -6.71 -20.03
C VAL A 89 24.83 -7.29 -19.30
N VAL A 90 24.87 -8.63 -19.21
CA VAL A 90 25.91 -9.39 -18.53
C VAL A 90 27.14 -9.55 -19.43
N ASP A 91 26.92 -10.04 -20.67
CA ASP A 91 27.97 -10.29 -21.67
C ASP A 91 27.42 -10.48 -23.09
N ILE A 92 28.25 -10.09 -24.09
CA ILE A 92 28.05 -10.26 -25.54
C ILE A 92 29.34 -10.84 -26.11
N SER A 93 29.27 -12.07 -26.64
CA SER A 93 30.45 -12.74 -27.18
C SER A 93 30.24 -13.17 -28.63
N VAL A 94 31.22 -12.90 -29.49
CA VAL A 94 31.12 -13.27 -30.90
C VAL A 94 32.14 -14.37 -31.21
N SER A 95 31.63 -15.50 -31.72
CA SER A 95 32.45 -16.66 -32.14
C SER A 95 33.04 -16.33 -33.53
N PRO A 96 34.05 -17.08 -34.04
CA PRO A 96 34.65 -16.72 -35.32
C PRO A 96 33.69 -16.67 -36.52
N ASP A 97 32.70 -17.60 -36.58
CA ASP A 97 31.75 -17.68 -37.69
C ASP A 97 30.70 -16.54 -37.73
N GLY A 98 30.68 -15.72 -36.69
CA GLY A 98 29.78 -14.59 -36.55
C GLY A 98 28.56 -14.87 -35.71
N THR A 99 28.59 -15.95 -34.91
CA THR A 99 27.50 -16.33 -34.01
C THR A 99 27.62 -15.54 -32.69
N VAL A 100 26.68 -14.61 -32.48
CA VAL A 100 26.62 -13.76 -31.30
C VAL A 100 25.96 -14.54 -30.16
N GLN A 101 26.49 -14.37 -28.93
CA GLN A 101 26.01 -14.98 -27.70
C GLN A 101 25.80 -13.88 -26.68
N TYR A 102 24.54 -13.41 -26.60
CA TYR A 102 24.07 -12.33 -25.74
C TYR A 102 23.47 -12.89 -24.44
N LEU A 103 23.77 -12.21 -23.32
CA LEU A 103 23.24 -12.54 -22.01
C LEU A 103 22.99 -11.28 -21.20
N GLU A 104 21.81 -11.23 -20.56
CA GLU A 104 21.36 -10.13 -19.71
C GLU A 104 20.66 -10.68 -18.49
N ARG A 105 20.62 -9.92 -17.40
CA ARG A 105 19.90 -10.34 -16.21
C ARG A 105 18.74 -9.37 -16.01
N PHE A 106 17.50 -9.85 -16.13
CA PHE A 106 16.33 -9.01 -16.02
C PHE A 106 15.50 -9.32 -14.79
N SER A 107 14.54 -8.44 -14.52
CA SER A 107 13.53 -8.56 -13.47
C SER A 107 12.25 -7.92 -14.02
N ALA A 108 11.12 -8.67 -13.96
CA ALA A 108 9.84 -8.17 -14.47
C ALA A 108 8.64 -8.71 -13.70
N ARG A 109 7.57 -7.89 -13.58
CA ARG A 109 6.30 -8.30 -12.96
C ARG A 109 5.44 -8.84 -14.10
N VAL A 110 5.24 -10.17 -14.07
CA VAL A 110 4.52 -10.89 -15.11
C VAL A 110 3.01 -11.00 -14.81
N LEU A 111 2.19 -10.76 -15.84
CA LEU A 111 0.73 -10.81 -15.81
C LEU A 111 0.28 -12.18 -16.37
N SER A 112 0.03 -13.15 -15.50
CA SER A 112 -0.41 -14.49 -15.92
C SER A 112 -1.71 -14.88 -15.21
N PRO A 113 -2.82 -15.12 -15.99
CA PRO A 113 -4.10 -15.47 -15.34
C PRO A 113 -4.05 -16.79 -14.58
N LEU A 114 -4.79 -16.85 -13.48
CA LEU A 114 -4.84 -18.02 -12.61
C LEU A 114 -6.26 -18.59 -12.58
N ASP A 115 -6.39 -19.94 -12.52
CA ASP A 115 -7.68 -20.63 -12.48
C ASP A 115 -7.97 -21.05 -11.04
N PHE A 116 -8.87 -20.31 -10.40
CA PHE A 116 -9.21 -20.51 -8.99
C PHE A 116 -10.31 -21.52 -8.72
N ARG A 117 -10.79 -22.22 -9.78
CA ARG A 117 -11.85 -23.23 -9.69
C ARG A 117 -11.61 -24.30 -8.61
N ARG A 118 -10.36 -24.81 -8.46
CA ARG A 118 -10.02 -25.82 -7.45
C ARG A 118 -9.23 -25.29 -6.23
N TYR A 119 -9.25 -23.96 -5.95
CA TYR A 119 -8.57 -23.33 -4.81
C TYR A 119 -9.14 -23.83 -3.46
N PRO A 120 -8.28 -24.05 -2.42
CA PRO A 120 -6.82 -23.92 -2.39
C PRO A 120 -6.07 -25.22 -2.76
N PHE A 121 -6.73 -26.12 -3.47
CA PHE A 121 -6.15 -27.39 -3.90
C PHE A 121 -5.84 -27.32 -5.40
N ASP A 122 -5.72 -26.08 -5.91
CA ASP A 122 -5.45 -25.75 -7.32
C ASP A 122 -3.98 -25.77 -7.67
N SER A 123 -3.72 -25.99 -8.95
CA SER A 123 -2.40 -25.97 -9.57
C SER A 123 -2.48 -24.91 -10.69
N GLN A 124 -1.34 -24.30 -11.02
CA GLN A 124 -1.28 -23.23 -12.03
C GLN A 124 -0.15 -23.44 -13.05
N THR A 125 -0.30 -22.83 -14.24
CA THR A 125 0.70 -22.82 -15.30
C THR A 125 0.98 -21.34 -15.61
N LEU A 126 2.09 -20.83 -15.11
CA LEU A 126 2.47 -19.45 -15.32
C LEU A 126 3.15 -19.30 -16.70
N HIS A 127 2.87 -18.19 -17.41
CA HIS A 127 3.42 -17.98 -18.75
C HIS A 127 4.32 -16.78 -18.82
N ILE A 128 5.39 -16.87 -19.62
CA ILE A 128 6.37 -15.81 -19.87
C ILE A 128 6.50 -15.81 -21.38
N TYR A 129 5.90 -14.82 -22.05
CA TYR A 129 5.89 -14.71 -23.50
C TYR A 129 6.97 -13.80 -24.08
N LEU A 130 7.90 -14.39 -24.87
CA LEU A 130 8.96 -13.65 -25.56
C LEU A 130 8.48 -13.31 -26.96
N ILE A 131 8.60 -12.05 -27.36
CA ILE A 131 8.16 -11.63 -28.69
C ILE A 131 9.23 -10.80 -29.40
N VAL A 132 9.30 -10.92 -30.75
CA VAL A 132 10.21 -10.18 -31.62
C VAL A 132 9.47 -9.72 -32.89
N ARG A 133 9.50 -8.41 -33.17
CA ARG A 133 8.82 -7.85 -34.33
C ARG A 133 9.81 -7.78 -35.47
N SER A 134 9.47 -8.45 -36.57
CA SER A 134 10.30 -8.53 -37.76
C SER A 134 10.47 -7.17 -38.42
N VAL A 135 11.72 -6.82 -38.74
CA VAL A 135 12.12 -5.58 -39.41
C VAL A 135 11.74 -5.60 -40.90
N ASP A 136 11.87 -4.44 -41.57
CA ASP A 136 11.54 -4.30 -43.00
C ASP A 136 12.46 -5.12 -43.90
N THR A 137 13.79 -5.04 -43.64
CA THR A 137 14.86 -5.72 -44.38
C THR A 137 14.69 -7.24 -44.38
N ARG A 138 14.47 -7.85 -43.19
CA ARG A 138 14.24 -9.31 -43.07
C ARG A 138 13.34 -9.68 -41.86
N ASN A 139 12.76 -10.88 -41.91
CA ASN A 139 11.89 -11.42 -40.87
C ASN A 139 12.68 -12.12 -39.79
N ILE A 140 12.27 -11.92 -38.52
CA ILE A 140 12.90 -12.49 -37.34
C ILE A 140 11.99 -13.56 -36.71
N VAL A 141 12.58 -14.75 -36.46
CA VAL A 141 11.93 -15.93 -35.88
C VAL A 141 12.66 -16.37 -34.60
N LEU A 142 11.89 -16.72 -33.53
CA LEU A 142 12.42 -17.16 -32.26
C LEU A 142 12.56 -18.68 -32.15
N ALA A 143 13.58 -19.14 -31.44
CA ALA A 143 13.88 -20.56 -31.25
C ALA A 143 14.29 -20.81 -29.82
N VAL A 144 14.01 -22.03 -29.31
CA VAL A 144 14.35 -22.41 -27.93
C VAL A 144 15.65 -23.22 -27.87
N ASP A 145 16.61 -22.73 -27.08
CA ASP A 145 17.86 -23.44 -26.84
C ASP A 145 17.67 -24.08 -25.49
N LEU A 146 17.18 -25.33 -25.49
CA LEU A 146 16.85 -26.12 -24.28
C LEU A 146 18.00 -26.28 -23.29
N GLU A 147 19.24 -26.07 -23.75
CA GLU A 147 20.45 -26.14 -22.95
C GLU A 147 20.51 -24.94 -21.99
N LYS A 148 19.95 -23.79 -22.44
CA LYS A 148 19.94 -22.49 -21.75
C LYS A 148 18.61 -22.14 -21.03
N VAL A 149 17.68 -23.12 -20.90
CA VAL A 149 16.39 -22.95 -20.22
C VAL A 149 16.46 -23.72 -18.90
N GLY A 150 16.22 -23.03 -17.79
CA GLY A 150 16.26 -23.64 -16.47
C GLY A 150 15.83 -22.73 -15.33
N LYS A 151 16.24 -23.13 -14.11
CA LYS A 151 15.98 -22.45 -12.83
C LYS A 151 16.99 -22.98 -11.81
N ASN A 152 17.40 -22.16 -10.83
CA ASN A 152 18.33 -22.67 -9.83
C ASN A 152 17.56 -23.45 -8.76
N ASP A 153 18.27 -24.25 -7.95
CA ASP A 153 17.66 -25.12 -6.93
C ASP A 153 17.00 -24.37 -5.77
N ASP A 154 17.58 -23.21 -5.38
CA ASP A 154 17.09 -22.37 -4.29
C ASP A 154 15.76 -21.65 -4.59
N VAL A 155 15.40 -21.46 -5.89
CA VAL A 155 14.15 -20.80 -6.37
C VAL A 155 12.93 -21.33 -5.60
N PHE A 156 12.36 -20.46 -4.73
CA PHE A 156 11.21 -20.79 -3.88
C PHE A 156 10.10 -19.75 -4.06
N LEU A 157 8.88 -20.22 -4.30
CA LEU A 157 7.74 -19.34 -4.42
C LEU A 157 6.87 -19.63 -3.18
N THR A 158 6.91 -18.72 -2.20
CA THR A 158 6.20 -18.81 -0.91
C THR A 158 4.77 -19.32 -1.07
N GLY A 159 4.47 -20.42 -0.39
CA GLY A 159 3.14 -21.03 -0.42
C GLY A 159 2.85 -21.87 -1.66
N TRP A 160 3.87 -22.09 -2.51
CA TRP A 160 3.71 -22.87 -3.73
C TRP A 160 4.85 -23.85 -3.92
N ASP A 161 4.57 -24.96 -4.61
CA ASP A 161 5.56 -25.98 -4.95
C ASP A 161 5.84 -25.85 -6.45
N ILE A 162 7.10 -25.57 -6.81
CA ILE A 162 7.51 -25.41 -8.21
C ILE A 162 7.78 -26.75 -8.86
N GLU A 163 6.92 -27.11 -9.84
CA GLU A 163 7.03 -28.36 -10.58
C GLU A 163 8.10 -28.32 -11.67
N SER A 164 7.87 -27.53 -12.75
CA SER A 164 8.79 -27.46 -13.89
C SER A 164 8.76 -26.15 -14.66
N PHE A 165 9.96 -25.70 -15.08
CA PHE A 165 10.07 -24.53 -15.96
C PHE A 165 10.53 -25.06 -17.32
N THR A 166 9.58 -25.11 -18.25
CA THR A 166 9.75 -25.63 -19.61
C THR A 166 9.34 -24.57 -20.65
N ALA A 167 9.69 -24.79 -21.92
CA ALA A 167 9.35 -23.87 -22.99
C ALA A 167 8.78 -24.60 -24.20
N VAL A 168 7.71 -24.03 -24.80
CA VAL A 168 7.08 -24.57 -26.01
C VAL A 168 8.06 -24.21 -27.14
N VAL A 169 8.79 -25.25 -27.63
CA VAL A 169 9.83 -25.19 -28.66
C VAL A 169 9.37 -24.54 -29.97
N LYS A 170 8.10 -24.78 -30.37
CA LYS A 170 7.51 -24.22 -31.58
C LYS A 170 6.88 -22.83 -31.31
N PRO A 171 7.44 -21.74 -31.90
CA PRO A 171 6.85 -20.41 -31.68
C PRO A 171 5.58 -20.19 -32.47
N ALA A 172 4.70 -19.30 -31.98
CA ALA A 172 3.47 -18.96 -32.68
C ALA A 172 3.69 -17.68 -33.47
N ASN A 173 4.04 -17.83 -34.76
CA ASN A 173 4.31 -16.72 -35.69
C ASN A 173 3.00 -16.24 -36.30
N PHE A 174 2.77 -14.92 -36.27
CA PHE A 174 1.54 -14.28 -36.74
C PHE A 174 1.77 -12.86 -37.26
N ALA A 175 0.76 -12.31 -37.94
CA ALA A 175 0.82 -10.96 -38.47
C ALA A 175 0.12 -10.00 -37.54
N LEU A 176 0.79 -8.88 -37.28
CA LEU A 176 0.31 -7.80 -36.42
C LEU A 176 0.75 -6.46 -37.03
N GLU A 177 -0.22 -5.57 -37.32
CA GLU A 177 -0.01 -4.26 -37.94
C GLU A 177 0.89 -4.33 -39.19
N ASP A 178 0.56 -5.26 -40.12
CA ASP A 178 1.25 -5.57 -41.39
C ASP A 178 2.70 -6.15 -41.22
N ARG A 179 3.18 -6.43 -39.99
CA ARG A 179 4.51 -7.01 -39.79
C ARG A 179 4.45 -8.34 -39.05
N LEU A 180 5.38 -9.26 -39.36
CA LEU A 180 5.46 -10.58 -38.73
C LEU A 180 6.01 -10.47 -37.30
N GLU A 181 5.44 -11.28 -36.39
CA GLU A 181 5.85 -11.32 -34.99
C GLU A 181 5.95 -12.77 -34.50
N SER A 182 7.13 -13.19 -34.04
CA SER A 182 7.36 -14.55 -33.52
C SER A 182 7.23 -14.52 -31.99
N LYS A 183 6.31 -15.31 -31.45
CA LYS A 183 6.00 -15.37 -30.01
C LYS A 183 6.36 -16.74 -29.42
N LEU A 184 7.05 -16.76 -28.26
CA LEU A 184 7.46 -17.97 -27.55
C LEU A 184 6.80 -18.07 -26.18
N ASP A 185 6.48 -19.31 -25.73
CA ASP A 185 5.81 -19.54 -24.45
C ASP A 185 6.65 -20.30 -23.43
N TYR A 186 7.06 -19.60 -22.36
CA TYR A 186 7.81 -20.22 -21.26
C TYR A 186 6.81 -20.50 -20.14
N GLN A 187 6.63 -21.78 -19.81
CA GLN A 187 5.67 -22.23 -18.81
C GLN A 187 6.28 -22.66 -17.47
N LEU A 188 5.84 -22.01 -16.38
CA LEU A 188 6.24 -22.31 -15.02
C LEU A 188 5.06 -22.95 -14.29
N ARG A 189 5.09 -24.29 -14.19
CA ARG A 189 4.04 -25.08 -13.55
C ARG A 189 4.26 -25.13 -12.05
N ILE A 190 3.20 -24.80 -11.30
CA ILE A 190 3.20 -24.74 -9.84
C ILE A 190 1.94 -25.36 -9.26
N SER A 191 2.02 -25.84 -8.01
CA SER A 191 0.92 -26.43 -7.27
C SER A 191 0.90 -25.76 -5.92
N ARG A 192 -0.28 -25.49 -5.40
CA ARG A 192 -0.39 -24.79 -4.14
C ARG A 192 -0.13 -25.69 -2.95
N GLN A 193 0.46 -25.10 -1.89
CA GLN A 193 0.73 -25.73 -0.61
C GLN A 193 -0.54 -25.48 0.26
N TYR A 194 -1.51 -26.40 0.18
CA TYR A 194 -2.81 -26.34 0.86
C TYR A 194 -2.81 -26.77 2.36
N PHE A 195 -1.62 -27.07 2.94
CA PHE A 195 -1.51 -27.51 4.35
C PHE A 195 -2.15 -26.53 5.32
N SER A 196 -1.60 -25.30 5.40
CA SER A 196 -2.02 -24.19 6.27
C SER A 196 -3.54 -23.95 6.32
N TYR A 197 -4.26 -24.21 5.21
CA TYR A 197 -5.71 -24.01 5.10
C TYR A 197 -6.54 -24.86 6.05
N ILE A 198 -6.12 -26.12 6.24
CA ILE A 198 -6.78 -27.07 7.13
C ILE A 198 -6.83 -26.58 8.61
N PRO A 199 -5.69 -26.32 9.31
CA PRO A 199 -5.81 -25.89 10.72
C PRO A 199 -6.26 -24.44 10.90
N ASN A 200 -5.99 -23.58 9.90
CA ASN A 200 -6.32 -22.17 10.01
C ASN A 200 -7.75 -21.83 9.58
N ILE A 201 -8.21 -22.36 8.44
CA ILE A 201 -9.53 -21.99 7.92
C ILE A 201 -10.57 -23.15 7.90
N ILE A 202 -10.25 -24.32 7.24
CA ILE A 202 -11.18 -25.45 7.07
C ILE A 202 -11.76 -25.99 8.39
N LEU A 203 -10.89 -26.50 9.30
CA LEU A 203 -11.31 -27.07 10.60
C LEU A 203 -12.02 -26.06 11.49
N PRO A 204 -11.49 -24.83 11.76
CA PRO A 204 -12.23 -23.87 12.61
C PRO A 204 -13.62 -23.57 12.04
N MET A 205 -13.73 -23.48 10.70
CA MET A 205 -15.00 -23.25 10.00
C MET A 205 -15.97 -24.41 10.21
N LEU A 206 -15.44 -25.64 10.38
CA LEU A 206 -16.27 -26.81 10.63
C LEU A 206 -16.74 -26.87 12.06
N PHE A 207 -15.84 -26.52 13.01
CA PHE A 207 -16.16 -26.49 14.45
C PHE A 207 -17.33 -25.56 14.72
N ILE A 208 -17.28 -24.31 14.18
CA ILE A 208 -18.33 -23.30 14.34
C ILE A 208 -19.65 -23.77 13.72
N LEU A 209 -19.59 -24.58 12.63
CA LEU A 209 -20.79 -25.15 12.03
C LEU A 209 -21.40 -26.25 12.93
N PHE A 210 -20.53 -27.10 13.53
CA PHE A 210 -20.99 -28.16 14.43
C PHE A 210 -21.55 -27.58 15.71
N ILE A 211 -20.96 -26.47 16.20
CA ILE A 211 -21.41 -25.76 17.41
C ILE A 211 -22.86 -25.32 17.22
N SER A 212 -23.20 -24.88 15.98
CA SER A 212 -24.56 -24.48 15.64
C SER A 212 -25.54 -25.66 15.73
N TRP A 213 -25.07 -26.87 15.42
CA TRP A 213 -25.88 -28.08 15.44
C TRP A 213 -26.19 -28.61 16.87
N THR A 214 -25.64 -27.98 17.92
CA THR A 214 -25.95 -28.40 19.29
C THR A 214 -27.38 -27.94 19.64
N ALA A 215 -27.96 -27.04 18.79
CA ALA A 215 -29.32 -26.53 18.93
C ALA A 215 -30.36 -27.61 18.63
N PHE A 216 -29.91 -28.80 18.18
CA PHE A 216 -30.78 -29.94 17.95
C PHE A 216 -30.92 -30.77 19.24
N TRP A 217 -29.95 -30.63 20.17
CA TRP A 217 -29.98 -31.29 21.48
C TRP A 217 -30.41 -30.29 22.57
N SER A 218 -31.27 -29.33 22.18
CA SER A 218 -31.81 -28.30 23.06
C SER A 218 -33.19 -27.83 22.59
N THR A 219 -34.08 -27.55 23.56
CA THR A 219 -35.45 -27.07 23.36
C THR A 219 -35.58 -25.58 23.66
N SER A 220 -34.54 -24.98 24.30
CA SER A 220 -34.51 -23.57 24.67
C SER A 220 -34.32 -22.70 23.46
N TYR A 221 -35.41 -22.03 23.03
CA TYR A 221 -35.40 -21.15 21.87
C TYR A 221 -34.37 -20.03 22.03
N GLU A 222 -34.37 -19.33 23.18
CA GLU A 222 -33.43 -18.25 23.47
C GLU A 222 -31.97 -18.68 23.37
N ALA A 223 -31.66 -19.91 23.81
CA ALA A 223 -30.31 -20.50 23.73
C ALA A 223 -29.99 -20.89 22.28
N ASN A 224 -30.95 -21.58 21.60
CA ASN A 224 -30.83 -22.01 20.21
C ASN A 224 -30.62 -20.83 19.27
N VAL A 225 -31.36 -19.74 19.48
CA VAL A 225 -31.23 -18.51 18.68
C VAL A 225 -29.78 -18.04 18.80
N THR A 226 -29.28 -17.89 20.05
CA THR A 226 -27.90 -17.48 20.37
C THR A 226 -26.89 -18.40 19.67
N LEU A 227 -27.12 -19.74 19.73
CA LEU A 227 -26.26 -20.73 19.09
C LEU A 227 -26.13 -20.56 17.57
N VAL A 228 -27.24 -20.67 16.83
CA VAL A 228 -27.26 -20.58 15.37
C VAL A 228 -26.80 -19.20 14.84
N VAL A 229 -27.28 -18.11 15.49
CA VAL A 229 -26.97 -16.74 15.07
C VAL A 229 -25.49 -16.37 15.34
N SER A 230 -25.00 -16.64 16.57
CA SER A 230 -23.61 -16.31 16.94
C SER A 230 -22.60 -16.99 16.06
N THR A 231 -22.78 -18.31 15.83
CA THR A 231 -21.93 -19.09 14.95
C THR A 231 -22.00 -18.56 13.52
N LEU A 232 -23.20 -18.07 13.08
CA LEU A 232 -23.35 -17.47 11.76
C LEU A 232 -22.46 -16.23 11.64
N ILE A 233 -22.35 -15.42 12.74
CA ILE A 233 -21.48 -14.25 12.80
C ILE A 233 -20.01 -14.67 12.66
N ALA A 234 -19.64 -15.78 13.34
CA ALA A 234 -18.30 -16.35 13.23
C ALA A 234 -18.02 -16.79 11.79
N HIS A 235 -19.02 -17.40 11.13
CA HIS A 235 -18.91 -17.83 9.74
C HIS A 235 -18.77 -16.68 8.77
N ILE A 236 -19.43 -15.54 9.06
CA ILE A 236 -19.30 -14.34 8.24
C ILE A 236 -17.85 -13.87 8.32
N ALA A 237 -17.23 -13.89 9.56
CA ALA A 237 -15.84 -13.51 9.82
C ALA A 237 -14.83 -14.33 8.97
N PHE A 238 -15.14 -15.62 8.79
CA PHE A 238 -14.34 -16.53 7.99
C PHE A 238 -14.55 -16.38 6.50
N CYS A 239 -15.79 -16.13 6.01
CA CYS A 239 -16.04 -15.94 4.57
C CYS A 239 -15.39 -14.69 4.05
N ILE A 240 -15.50 -13.59 4.80
CA ILE A 240 -14.92 -12.30 4.43
C ILE A 240 -13.37 -12.42 4.37
N LEU A 241 -12.79 -13.25 5.29
CA LEU A 241 -11.35 -13.54 5.37
C LEU A 241 -10.85 -14.25 4.12
N VAL A 242 -11.63 -15.24 3.61
CA VAL A 242 -11.24 -16.03 2.43
C VAL A 242 -11.46 -15.26 1.11
N GLU A 243 -12.66 -14.64 0.93
CA GLU A 243 -13.07 -13.93 -0.29
C GLU A 243 -12.19 -12.67 -0.59
N THR A 244 -11.40 -12.21 0.41
CA THR A 244 -10.48 -11.07 0.24
C THR A 244 -9.14 -11.50 -0.35
N ASN A 245 -8.64 -12.72 0.00
CA ASN A 245 -7.39 -13.29 -0.53
C ASN A 245 -7.59 -13.82 -1.97
N LEU A 246 -8.83 -13.73 -2.52
CA LEU A 246 -9.23 -14.19 -3.85
C LEU A 246 -9.82 -13.08 -4.73
N PRO A 247 -9.59 -13.09 -6.07
CA PRO A 247 -10.24 -12.09 -6.93
C PRO A 247 -11.69 -12.47 -7.27
N LYS A 248 -12.45 -11.49 -7.82
CA LYS A 248 -13.85 -11.70 -8.19
C LYS A 248 -13.93 -12.44 -9.53
N THR A 249 -14.10 -13.76 -9.41
CA THR A 249 -14.17 -14.71 -10.51
C THR A 249 -15.59 -14.81 -11.09
N PRO A 250 -15.74 -14.88 -12.43
CA PRO A 250 -17.08 -15.03 -13.02
C PRO A 250 -17.59 -16.48 -12.96
N TYR A 251 -16.85 -17.35 -12.26
CA TYR A 251 -17.13 -18.77 -12.09
C TYR A 251 -17.14 -19.15 -10.61
N MET A 252 -17.68 -20.33 -10.29
CA MET A 252 -17.68 -20.78 -8.91
C MET A 252 -16.36 -21.48 -8.60
N THR A 253 -15.79 -21.15 -7.43
CA THR A 253 -14.57 -21.75 -6.92
C THR A 253 -14.97 -22.89 -5.96
N TYR A 254 -14.03 -23.81 -5.67
CA TYR A 254 -14.31 -24.94 -4.77
C TYR A 254 -14.64 -24.46 -3.36
N THR A 255 -13.92 -23.42 -2.92
CA THR A 255 -14.07 -22.76 -1.63
C THR A 255 -15.39 -22.00 -1.61
N GLY A 256 -15.65 -21.24 -2.68
CA GLY A 256 -16.85 -20.44 -2.85
C GLY A 256 -18.13 -21.23 -2.72
N ALA A 257 -18.11 -22.45 -3.33
CA ALA A 257 -19.20 -23.42 -3.30
C ALA A 257 -19.48 -23.86 -1.87
N ILE A 258 -18.43 -24.31 -1.14
CA ILE A 258 -18.48 -24.75 0.26
C ILE A 258 -19.04 -23.64 1.15
N ILE A 259 -18.39 -22.45 1.11
CA ILE A 259 -18.73 -21.20 1.79
C ILE A 259 -20.23 -20.91 1.65
N PHE A 260 -20.75 -20.98 0.40
CA PHE A 260 -22.15 -20.73 0.08
C PHE A 260 -23.06 -21.83 0.61
N MET A 261 -22.64 -23.09 0.44
CA MET A 261 -23.40 -24.26 0.91
C MET A 261 -23.57 -24.19 2.45
N ILE A 262 -22.53 -23.72 3.16
CA ILE A 262 -22.53 -23.53 4.62
C ILE A 262 -23.56 -22.46 5.00
N TYR A 263 -23.64 -21.34 4.22
CA TYR A 263 -24.65 -20.29 4.45
C TYR A 263 -26.08 -20.84 4.42
N LEU A 264 -26.31 -21.92 3.63
CA LEU A 264 -27.62 -22.55 3.58
C LEU A 264 -27.87 -23.38 4.84
N PHE A 265 -26.83 -24.12 5.31
CA PHE A 265 -26.89 -24.94 6.53
C PHE A 265 -27.21 -24.12 7.77
N TYR A 266 -26.86 -22.81 7.72
CA TYR A 266 -27.13 -21.85 8.78
C TYR A 266 -28.57 -21.37 8.66
N PHE A 267 -29.02 -21.16 7.41
CA PHE A 267 -30.38 -20.71 7.14
C PHE A 267 -31.42 -21.79 7.52
N VAL A 268 -31.23 -23.03 7.04
CA VAL A 268 -32.09 -24.18 7.32
C VAL A 268 -32.10 -24.51 8.84
N ALA A 269 -30.97 -24.26 9.53
CA ALA A 269 -30.85 -24.46 10.97
C ALA A 269 -31.72 -23.46 11.70
N VAL A 270 -31.81 -22.20 11.20
CA VAL A 270 -32.68 -21.18 11.79
C VAL A 270 -34.14 -21.61 11.59
N ILE A 271 -34.48 -22.06 10.36
CA ILE A 271 -35.83 -22.55 10.05
C ILE A 271 -36.26 -23.60 11.08
N GLU A 272 -35.41 -24.65 11.29
CA GLU A 272 -35.64 -25.74 12.25
C GLU A 272 -35.87 -25.18 13.64
N VAL A 273 -34.98 -24.28 14.09
CA VAL A 273 -35.03 -23.66 15.41
C VAL A 273 -36.34 -22.88 15.59
N THR A 274 -36.79 -22.19 14.52
CA THR A 274 -38.04 -21.43 14.51
C THR A 274 -39.26 -22.37 14.59
N VAL A 275 -39.24 -23.46 13.78
CA VAL A 275 -40.30 -24.49 13.70
C VAL A 275 -40.47 -25.21 15.05
N GLN A 276 -39.36 -25.78 15.59
CA GLN A 276 -39.32 -26.46 16.90
C GLN A 276 -39.97 -25.57 17.97
N HIS A 277 -39.63 -24.28 18.02
CA HIS A 277 -40.24 -23.36 18.97
C HIS A 277 -41.69 -23.08 18.65
N TYR A 278 -42.04 -22.91 17.36
CA TYR A 278 -43.43 -22.62 16.98
C TYR A 278 -44.41 -23.73 17.40
N LEU A 279 -44.02 -25.01 17.20
CA LEU A 279 -44.81 -26.18 17.59
C LEU A 279 -44.91 -26.32 19.12
N LYS A 280 -43.79 -26.03 19.83
CA LYS A 280 -43.70 -26.05 21.29
C LYS A 280 -44.70 -25.04 21.89
N VAL A 281 -44.76 -23.81 21.31
CA VAL A 281 -45.68 -22.74 21.74
C VAL A 281 -47.13 -23.11 21.36
N GLU A 282 -47.32 -23.83 20.23
CA GLU A 282 -48.62 -24.28 19.73
C GLU A 282 -49.14 -25.57 20.40
N SER A 283 -48.55 -25.94 21.56
CA SER A 283 -48.88 -27.08 22.43
C SER A 283 -48.94 -28.43 21.68
N GLN A 284 -47.81 -28.80 21.04
CA GLN A 284 -47.62 -30.09 20.35
C GLN A 284 -46.12 -30.48 20.32
N PRO A 285 -45.45 -30.60 21.51
CA PRO A 285 -44.01 -30.94 21.51
C PRO A 285 -43.67 -32.36 21.04
N ALA A 286 -44.68 -33.14 20.67
CA ALA A 286 -44.46 -34.48 20.13
C ALA A 286 -44.05 -34.35 18.67
N ARG A 287 -44.52 -33.25 18.03
CA ARG A 287 -44.26 -32.89 16.62
C ARG A 287 -42.89 -32.20 16.49
N ALA A 288 -42.58 -31.31 17.44
CA ALA A 288 -41.34 -30.54 17.50
C ALA A 288 -40.16 -31.45 17.79
N ALA A 289 -40.25 -32.30 18.83
CA ALA A 289 -39.18 -33.23 19.21
C ALA A 289 -38.84 -34.22 18.11
N SER A 290 -39.81 -34.61 17.29
CA SER A 290 -39.60 -35.56 16.19
C SER A 290 -38.77 -34.95 15.06
N ILE A 291 -39.03 -33.65 14.75
CA ILE A 291 -38.30 -32.86 13.74
C ILE A 291 -36.87 -32.63 14.23
N THR A 292 -36.72 -32.17 15.49
CA THR A 292 -35.45 -31.89 16.15
C THR A 292 -34.58 -33.15 16.22
N ARG A 293 -35.20 -34.32 16.47
CA ARG A 293 -34.50 -35.60 16.52
C ARG A 293 -34.06 -36.05 15.13
N ALA A 294 -34.86 -35.68 14.09
CA ALA A 294 -34.55 -36.03 12.70
C ALA A 294 -33.36 -35.22 12.20
N SER A 295 -33.34 -33.91 12.52
CA SER A 295 -32.31 -32.94 12.19
C SER A 295 -30.93 -33.32 12.74
N ARG A 296 -30.91 -34.05 13.90
CA ARG A 296 -29.69 -34.56 14.57
C ARG A 296 -28.87 -35.47 13.64
N ILE A 297 -29.58 -36.17 12.72
CA ILE A 297 -29.02 -37.10 11.74
C ILE A 297 -29.05 -36.47 10.34
N ALA A 298 -30.16 -35.76 10.00
CA ALA A 298 -30.37 -35.09 8.70
C ALA A 298 -29.28 -34.08 8.32
N PHE A 299 -28.96 -33.14 9.24
CA PHE A 299 -27.94 -32.12 9.01
C PHE A 299 -26.55 -32.73 8.77
N PRO A 300 -25.96 -33.62 9.65
CA PRO A 300 -24.64 -34.18 9.32
C PRO A 300 -24.59 -35.02 8.04
N VAL A 301 -25.68 -35.78 7.74
CA VAL A 301 -25.79 -36.65 6.57
C VAL A 301 -25.84 -35.81 5.28
N VAL A 302 -26.82 -34.89 5.17
CA VAL A 302 -26.99 -34.00 4.01
C VAL A 302 -25.70 -33.17 3.79
N PHE A 303 -25.01 -32.75 4.88
CA PHE A 303 -23.75 -32.01 4.78
C PHE A 303 -22.64 -32.87 4.17
N LEU A 304 -22.44 -34.10 4.71
CA LEU A 304 -21.43 -35.05 4.23
C LEU A 304 -21.68 -35.46 2.78
N LEU A 305 -22.95 -35.66 2.39
CA LEU A 305 -23.30 -36.03 1.03
C LEU A 305 -23.07 -34.87 0.06
N ALA A 306 -23.52 -33.65 0.45
CA ALA A 306 -23.37 -32.42 -0.36
C ALA A 306 -21.90 -32.07 -0.58
N ASN A 307 -21.02 -32.42 0.38
CA ASN A 307 -19.58 -32.19 0.26
C ASN A 307 -18.96 -33.17 -0.74
N ILE A 308 -19.43 -34.43 -0.76
CA ILE A 308 -19.02 -35.49 -1.68
C ILE A 308 -19.47 -35.10 -3.09
N ILE A 309 -20.72 -34.56 -3.21
CA ILE A 309 -21.31 -34.06 -4.46
C ILE A 309 -20.42 -32.94 -5.04
N LEU A 310 -20.09 -31.91 -4.22
CA LEU A 310 -19.24 -30.80 -4.64
C LEU A 310 -17.83 -31.26 -4.99
N ALA A 311 -17.18 -32.06 -4.10
CA ALA A 311 -15.82 -32.57 -4.34
C ALA A 311 -15.75 -33.38 -5.64
N PHE A 312 -16.85 -34.06 -6.00
CA PHE A 312 -16.92 -34.82 -7.25
C PHE A 312 -16.99 -33.88 -8.45
N LEU A 313 -17.87 -32.88 -8.39
CA LEU A 313 -18.07 -31.89 -9.44
C LEU A 313 -16.82 -31.04 -9.70
N PHE A 314 -16.00 -30.81 -8.64
CA PHE A 314 -14.79 -29.99 -8.73
C PHE A 314 -13.51 -30.77 -8.97
N PHE A 315 -13.45 -32.08 -8.65
CA PHE A 315 -12.20 -32.84 -8.82
C PHE A 315 -12.34 -34.15 -9.60
N VAL B 5 38.15 -0.85 -22.41
CA VAL B 5 37.81 -1.39 -21.10
C VAL B 5 37.42 -2.88 -21.18
N SER B 6 38.38 -3.74 -20.79
CA SER B 6 38.30 -5.21 -20.76
C SER B 6 39.07 -5.74 -19.53
N PRO B 7 38.88 -7.00 -19.06
CA PRO B 7 39.59 -7.47 -17.85
C PRO B 7 41.11 -7.44 -17.92
N PRO B 8 41.83 -7.25 -16.79
CA PRO B 8 43.31 -7.23 -16.86
C PRO B 8 43.89 -8.59 -17.22
N PRO B 9 44.88 -8.65 -18.14
CA PRO B 9 45.46 -9.95 -18.51
C PRO B 9 46.23 -10.60 -17.36
N PRO B 10 46.19 -11.93 -17.22
CA PRO B 10 46.89 -12.57 -16.11
C PRO B 10 48.40 -12.72 -16.35
N ILE B 11 49.21 -12.60 -15.28
CA ILE B 11 50.68 -12.75 -15.36
C ILE B 11 50.96 -14.21 -15.80
N ALA B 12 50.47 -15.18 -15.01
CA ALA B 12 50.52 -16.60 -15.29
C ALA B 12 49.05 -17.05 -15.60
N ASP B 13 48.74 -18.35 -15.61
CA ASP B 13 47.35 -18.76 -15.88
C ASP B 13 46.49 -18.92 -14.60
N GLU B 14 46.35 -17.82 -13.83
CA GLU B 14 45.59 -17.78 -12.57
C GLU B 14 44.29 -16.95 -12.65
N PRO B 15 43.22 -17.27 -11.87
CA PRO B 15 42.00 -16.47 -11.92
C PRO B 15 42.10 -15.19 -11.08
N LEU B 16 41.34 -14.15 -11.47
CA LEU B 16 41.34 -12.87 -10.76
C LEU B 16 40.54 -12.89 -9.44
N THR B 17 41.23 -12.67 -8.32
CA THR B 17 40.60 -12.65 -7.01
C THR B 17 40.15 -11.21 -6.69
N VAL B 18 38.84 -11.08 -6.40
CA VAL B 18 38.21 -9.81 -6.06
C VAL B 18 37.85 -9.86 -4.56
N ASN B 19 38.49 -8.97 -3.79
CA ASN B 19 38.32 -8.91 -2.35
C ASN B 19 37.11 -8.07 -1.97
N THR B 20 36.06 -8.76 -1.51
CA THR B 20 34.77 -8.20 -1.12
C THR B 20 34.67 -7.85 0.36
N GLY B 21 33.70 -7.00 0.70
CA GLY B 21 33.43 -6.58 2.06
C GLY B 21 32.16 -5.76 2.15
N ILE B 22 31.15 -6.24 2.90
CA ILE B 22 29.87 -5.54 3.10
C ILE B 22 29.85 -4.95 4.51
N TYR B 23 29.61 -3.64 4.63
CA TYR B 23 29.51 -2.96 5.92
C TYR B 23 28.13 -2.33 6.05
N LEU B 24 27.22 -2.99 6.82
CA LEU B 24 25.84 -2.55 7.03
C LEU B 24 25.73 -1.20 7.72
N ILE B 25 25.03 -0.27 7.08
CA ILE B 25 24.78 1.06 7.61
C ILE B 25 23.35 1.05 8.20
N GLU B 26 22.39 0.49 7.45
CA GLU B 26 20.97 0.42 7.84
C GLU B 26 20.38 -0.95 7.58
N CYS B 27 19.52 -1.36 8.51
CA CYS B 27 18.77 -2.60 8.43
C CYS B 27 17.39 -2.23 8.83
N TYR B 28 16.43 -2.44 7.93
CA TYR B 28 15.05 -2.04 8.17
C TYR B 28 14.07 -2.85 7.33
N SER B 29 12.76 -2.64 7.57
CA SER B 29 11.64 -3.22 6.84
C SER B 29 11.76 -4.76 6.59
N LEU B 30 11.76 -5.54 7.69
CA LEU B 30 11.77 -6.99 7.58
C LEU B 30 10.31 -7.44 7.46
N ASP B 31 9.87 -7.72 6.22
CA ASP B 31 8.52 -8.17 5.91
C ASP B 31 8.47 -9.66 6.11
N ASP B 32 7.77 -10.10 7.17
CA ASP B 32 7.63 -11.51 7.51
C ASP B 32 6.85 -12.28 6.45
N LYS B 33 5.69 -11.74 6.05
CA LYS B 33 4.80 -12.29 5.03
C LYS B 33 5.51 -12.46 3.67
N ALA B 34 6.31 -11.47 3.26
CA ALA B 34 7.06 -11.47 1.99
C ALA B 34 8.46 -12.08 2.06
N GLU B 35 8.95 -12.36 3.29
CA GLU B 35 10.29 -12.91 3.59
C GLU B 35 11.41 -12.06 2.95
N THR B 36 11.29 -10.72 3.08
CA THR B 36 12.23 -9.74 2.57
C THR B 36 12.69 -8.84 3.72
N PHE B 37 13.74 -8.06 3.47
CA PHE B 37 14.31 -7.07 4.37
C PHE B 37 15.13 -6.07 3.55
N LYS B 38 15.04 -4.80 3.93
CA LYS B 38 15.77 -3.76 3.23
C LYS B 38 17.10 -3.53 3.93
N VAL B 39 18.12 -3.28 3.14
CA VAL B 39 19.46 -3.03 3.62
C VAL B 39 20.09 -1.81 2.92
N ASN B 40 20.88 -1.05 3.66
CA ASN B 40 21.66 0.08 3.16
C ASN B 40 23.07 -0.19 3.67
N ALA B 41 24.03 -0.41 2.75
CA ALA B 41 25.38 -0.81 3.13
C ALA B 41 26.45 -0.35 2.20
N PHE B 42 27.70 -0.48 2.65
CA PHE B 42 28.89 -0.17 1.86
C PHE B 42 29.32 -1.47 1.22
N LEU B 43 29.68 -1.44 -0.06
CA LEU B 43 30.23 -2.58 -0.77
C LEU B 43 31.63 -2.18 -1.15
N SER B 44 32.61 -2.92 -0.65
CA SER B 44 34.02 -2.64 -0.93
C SER B 44 34.61 -3.77 -1.77
N LEU B 45 35.23 -3.42 -2.89
CA LEU B 45 35.86 -4.37 -3.82
C LEU B 45 37.36 -4.04 -4.02
N SER B 46 38.19 -5.06 -4.33
CA SER B 46 39.64 -4.87 -4.56
C SER B 46 40.21 -5.95 -5.48
N TRP B 47 40.91 -5.52 -6.55
CA TRP B 47 41.51 -6.42 -7.53
C TRP B 47 42.81 -5.83 -8.03
N LYS B 48 43.64 -6.67 -8.69
CA LYS B 48 44.91 -6.19 -9.24
C LYS B 48 44.79 -6.02 -10.74
N ASP B 49 44.76 -4.76 -11.18
CA ASP B 49 44.72 -4.40 -12.60
C ASP B 49 46.04 -3.67 -12.91
N ARG B 50 47.10 -4.45 -13.22
CA ARG B 50 48.46 -3.97 -13.51
C ARG B 50 48.54 -2.92 -14.62
N ARG B 51 47.55 -2.88 -15.53
CA ARG B 51 47.45 -1.92 -16.64
C ARG B 51 47.38 -0.47 -16.15
N LEU B 52 46.87 -0.28 -14.93
CA LEU B 52 46.69 1.02 -14.30
C LEU B 52 47.94 1.49 -13.50
N ALA B 53 49.06 0.75 -13.60
CA ALA B 53 50.31 1.05 -12.92
C ALA B 53 50.81 2.46 -13.21
N PHE B 54 51.50 3.09 -12.24
CA PHE B 54 52.02 4.45 -12.40
C PHE B 54 53.22 4.72 -11.50
N ASP B 55 54.11 5.65 -11.92
CA ASP B 55 55.28 6.07 -11.14
C ASP B 55 54.86 7.37 -10.44
N PRO B 56 54.77 7.41 -9.08
CA PRO B 56 54.35 8.65 -8.40
C PRO B 56 55.31 9.82 -8.54
N VAL B 57 56.55 9.53 -8.99
CA VAL B 57 57.60 10.53 -9.22
C VAL B 57 57.20 11.27 -10.49
N ARG B 58 56.95 10.52 -11.58
CA ARG B 58 56.55 11.06 -12.88
C ARG B 58 55.10 11.56 -12.93
N SER B 59 54.19 10.94 -12.14
CA SER B 59 52.78 11.32 -12.12
C SER B 59 52.45 12.35 -11.04
N GLY B 60 53.34 12.50 -10.06
CA GLY B 60 53.20 13.49 -8.99
C GLY B 60 52.38 13.07 -7.78
N VAL B 61 51.40 12.15 -7.96
CA VAL B 61 50.51 11.70 -6.89
C VAL B 61 50.82 10.25 -6.46
N ARG B 62 50.75 10.00 -5.12
CA ARG B 62 51.02 8.70 -4.51
C ARG B 62 49.95 7.68 -4.85
N VAL B 63 48.68 8.12 -4.90
CA VAL B 63 47.52 7.29 -5.21
C VAL B 63 46.63 8.04 -6.23
N LYS B 64 46.22 7.34 -7.31
CA LYS B 64 45.39 7.87 -8.39
C LYS B 64 43.90 7.54 -8.21
N THR B 65 43.03 8.53 -8.44
CA THR B 65 41.56 8.40 -8.40
C THR B 65 41.07 8.25 -9.86
N TYR B 66 39.95 7.53 -10.07
CA TYR B 66 39.37 7.31 -11.40
C TYR B 66 37.86 7.31 -11.35
N GLU B 67 37.21 7.67 -12.45
CA GLU B 67 35.75 7.62 -12.55
C GLU B 67 35.37 6.20 -12.99
N PRO B 68 34.18 5.69 -12.61
CA PRO B 68 33.82 4.31 -12.95
C PRO B 68 33.99 3.89 -14.42
N GLU B 69 33.59 4.76 -15.35
CA GLU B 69 33.65 4.55 -16.79
C GLU B 69 35.07 4.49 -17.34
N ALA B 70 36.03 5.15 -16.66
CA ALA B 70 37.45 5.19 -17.08
C ALA B 70 38.16 3.85 -17.01
N ILE B 71 37.96 3.08 -15.92
CA ILE B 71 38.62 1.79 -15.70
C ILE B 71 37.67 0.59 -15.73
N TRP B 72 38.23 -0.63 -15.90
CA TRP B 72 37.50 -1.88 -15.88
C TRP B 72 37.16 -2.20 -14.43
N ILE B 73 35.87 -2.41 -14.14
CA ILE B 73 35.36 -2.76 -12.81
C ILE B 73 34.55 -4.06 -12.94
N PRO B 74 34.81 -5.07 -12.07
CA PRO B 74 34.08 -6.35 -12.19
C PRO B 74 32.57 -6.21 -12.00
N GLU B 75 31.80 -6.95 -12.81
CA GLU B 75 30.34 -6.94 -12.73
C GLU B 75 29.88 -7.81 -11.56
N ILE B 76 29.86 -7.21 -10.36
CA ILE B 76 29.44 -7.83 -9.10
C ILE B 76 27.96 -7.58 -8.96
N ARG B 77 27.17 -8.64 -8.74
CA ARG B 77 25.72 -8.53 -8.61
C ARG B 77 25.27 -9.33 -7.42
N PHE B 78 24.08 -9.01 -6.89
CA PHE B 78 23.50 -9.73 -5.77
C PHE B 78 22.58 -10.76 -6.37
N VAL B 79 22.55 -11.97 -5.77
CA VAL B 79 21.72 -13.07 -6.24
C VAL B 79 20.29 -12.92 -5.74
N ASN B 80 20.10 -12.84 -4.41
CA ASN B 80 18.78 -12.81 -3.80
C ASN B 80 18.21 -11.40 -3.60
N VAL B 81 18.11 -10.63 -4.66
CA VAL B 81 17.51 -9.31 -4.59
C VAL B 81 16.33 -9.25 -5.54
N GLU B 82 15.39 -8.27 -5.31
CA GLU B 82 14.19 -7.98 -6.10
C GLU B 82 14.66 -7.37 -7.43
N ASN B 83 15.18 -6.14 -7.36
CA ASN B 83 15.71 -5.41 -8.53
C ASN B 83 17.19 -5.13 -8.28
N ALA B 84 17.89 -4.58 -9.28
CA ALA B 84 19.31 -4.23 -9.17
C ALA B 84 19.46 -3.13 -8.12
N ARG B 85 20.45 -3.32 -7.22
CA ARG B 85 20.80 -2.42 -6.12
C ARG B 85 20.99 -0.94 -6.53
N ASP B 86 20.63 -0.02 -5.63
CA ASP B 86 20.77 1.41 -5.87
C ASP B 86 22.14 1.82 -5.37
N ALA B 87 23.15 1.74 -6.25
CA ALA B 87 24.54 2.03 -5.93
C ALA B 87 24.98 3.43 -6.31
N ASP B 88 25.81 4.03 -5.42
CA ASP B 88 26.42 5.35 -5.56
C ASP B 88 27.88 5.10 -5.27
N VAL B 89 28.76 5.27 -6.28
CA VAL B 89 30.18 5.03 -6.12
C VAL B 89 30.76 6.11 -5.20
N VAL B 90 31.35 5.66 -4.08
CA VAL B 90 31.94 6.51 -3.05
C VAL B 90 33.36 6.93 -3.46
N ASP B 91 34.23 5.95 -3.77
CA ASP B 91 35.62 6.18 -4.13
C ASP B 91 36.28 5.00 -4.85
N ILE B 92 37.12 5.33 -5.84
CA ILE B 92 37.97 4.41 -6.60
C ILE B 92 39.42 4.92 -6.51
N SER B 93 40.29 4.15 -5.85
CA SER B 93 41.68 4.53 -5.64
C SER B 93 42.60 3.43 -6.12
N VAL B 94 43.59 3.78 -6.95
CA VAL B 94 44.58 2.87 -7.53
C VAL B 94 45.96 3.20 -6.95
N SER B 95 46.65 2.18 -6.44
CA SER B 95 48.00 2.32 -5.90
C SER B 95 49.03 2.04 -7.04
N PRO B 96 50.29 2.57 -6.96
CA PRO B 96 51.26 2.40 -8.07
C PRO B 96 51.34 1.01 -8.73
N ASP B 97 51.07 -0.06 -7.98
CA ASP B 97 51.13 -1.44 -8.50
C ASP B 97 49.94 -1.83 -9.39
N GLY B 98 48.84 -1.09 -9.28
CA GLY B 98 47.59 -1.32 -10.01
C GLY B 98 46.47 -1.92 -9.16
N THR B 99 46.67 -1.99 -7.83
CA THR B 99 45.67 -2.51 -6.90
C THR B 99 44.53 -1.50 -6.69
N VAL B 100 43.39 -1.77 -7.34
CA VAL B 100 42.17 -0.95 -7.30
C VAL B 100 41.43 -1.19 -5.99
N GLN B 101 41.01 -0.11 -5.33
CA GLN B 101 40.25 -0.14 -4.10
C GLN B 101 38.98 0.62 -4.37
N TYR B 102 37.91 -0.15 -4.67
CA TYR B 102 36.58 0.31 -5.03
C TYR B 102 35.66 0.29 -3.82
N LEU B 103 34.84 1.34 -3.69
CA LEU B 103 33.84 1.47 -2.65
C LEU B 103 32.60 2.18 -3.18
N GLU B 104 31.43 1.61 -2.84
CA GLU B 104 30.13 2.11 -3.23
C GLU B 104 29.18 1.98 -2.07
N ARG B 105 28.13 2.79 -2.05
CA ARG B 105 27.12 2.67 -1.00
C ARG B 105 25.79 2.27 -1.67
N PHE B 106 25.33 1.07 -1.38
CA PHE B 106 24.12 0.56 -2.01
C PHE B 106 22.97 0.43 -1.04
N SER B 107 21.79 0.17 -1.60
CA SER B 107 20.55 -0.10 -0.89
C SER B 107 19.78 -1.11 -1.75
N ALA B 108 19.34 -2.22 -1.12
CA ALA B 108 18.61 -3.28 -1.83
C ALA B 108 17.62 -4.02 -0.95
N ARG B 109 16.49 -4.47 -1.54
CA ARG B 109 15.47 -5.26 -0.84
C ARG B 109 15.86 -6.72 -1.09
N VAL B 110 16.34 -7.37 -0.02
CA VAL B 110 16.86 -8.72 -0.05
C VAL B 110 15.77 -9.77 0.19
N LEU B 111 15.77 -10.85 -0.60
CA LEU B 111 14.84 -11.97 -0.57
C LEU B 111 15.51 -13.13 0.19
N SER B 112 15.22 -13.25 1.48
CA SER B 112 15.78 -14.33 2.31
C SER B 112 14.67 -15.09 3.05
N PRO B 113 14.52 -16.42 2.81
CA PRO B 113 13.45 -17.18 3.47
C PRO B 113 13.58 -17.24 4.98
N LEU B 114 12.44 -17.24 5.67
CA LEU B 114 12.37 -17.29 7.12
C LEU B 114 11.68 -18.56 7.60
N ASP B 115 12.15 -19.15 8.73
CA ASP B 115 11.59 -20.36 9.33
C ASP B 115 10.71 -19.97 10.52
N PHE B 116 9.39 -20.02 10.30
CA PHE B 116 8.41 -19.60 11.29
C PHE B 116 7.97 -20.67 12.29
N ARG B 117 8.60 -21.87 12.24
CA ARG B 117 8.30 -23.00 13.11
C ARG B 117 8.24 -22.64 14.61
N ARG B 118 9.18 -21.81 15.11
CA ARG B 118 9.20 -21.42 16.52
C ARG B 118 8.73 -19.98 16.77
N TYR B 119 7.94 -19.38 15.85
CA TYR B 119 7.42 -18.01 15.99
C TYR B 119 6.45 -17.90 17.19
N PRO B 120 6.49 -16.80 18.00
CA PRO B 120 7.36 -15.62 17.90
C PRO B 120 8.63 -15.72 18.75
N PHE B 121 9.06 -16.95 19.06
CA PHE B 121 10.26 -17.24 19.82
C PHE B 121 11.34 -17.79 18.87
N ASP B 122 11.23 -17.44 17.58
CA ASP B 122 12.12 -17.88 16.49
C ASP B 122 13.37 -17.00 16.30
N SER B 123 14.39 -17.61 15.71
CA SER B 123 15.63 -16.97 15.31
C SER B 123 15.79 -17.18 13.80
N GLN B 124 16.48 -16.26 13.11
CA GLN B 124 16.68 -16.33 11.66
C GLN B 124 18.11 -16.08 11.23
N THR B 125 18.48 -16.58 10.04
CA THR B 125 19.79 -16.37 9.40
C THR B 125 19.52 -15.75 8.02
N LEU B 126 19.69 -14.44 7.93
CA LEU B 126 19.47 -13.73 6.68
C LEU B 126 20.70 -13.86 5.76
N HIS B 127 20.49 -14.01 4.44
CA HIS B 127 21.59 -14.18 3.50
C HIS B 127 21.69 -13.06 2.49
N ILE B 128 22.90 -12.70 2.11
CA ILE B 128 23.22 -11.67 1.11
C ILE B 128 24.27 -12.35 0.22
N TYR B 129 23.85 -12.76 -1.00
CA TYR B 129 24.71 -13.48 -1.93
C TYR B 129 25.33 -12.61 -2.99
N LEU B 130 26.67 -12.52 -2.98
CA LEU B 130 27.45 -11.77 -3.97
C LEU B 130 27.87 -12.74 -5.06
N ILE B 131 27.64 -12.37 -6.33
CA ILE B 131 28.01 -13.24 -7.44
C ILE B 131 28.76 -12.46 -8.52
N VAL B 132 29.69 -13.14 -9.22
CA VAL B 132 30.48 -12.58 -10.32
C VAL B 132 30.60 -13.62 -11.43
N ARG B 133 30.16 -13.26 -12.63
CA ARG B 133 30.27 -14.19 -13.74
C ARG B 133 31.59 -13.98 -14.44
N SER B 134 32.36 -15.07 -14.59
CA SER B 134 33.67 -15.05 -15.25
C SER B 134 33.54 -14.76 -16.72
N VAL B 135 34.41 -13.87 -17.21
CA VAL B 135 34.49 -13.46 -18.61
C VAL B 135 35.22 -14.52 -19.45
N ASP B 136 35.17 -14.39 -20.78
CA ASP B 136 35.82 -15.36 -21.66
C ASP B 136 37.36 -15.32 -21.56
N THR B 137 37.94 -14.10 -21.53
CA THR B 137 39.39 -13.85 -21.45
C THR B 137 40.02 -14.51 -20.21
N ARG B 138 39.41 -14.33 -19.01
CA ARG B 138 39.89 -14.96 -17.77
C ARG B 138 38.76 -15.18 -16.75
N ASN B 139 39.01 -16.08 -15.78
CA ASN B 139 38.09 -16.44 -14.71
C ASN B 139 38.18 -15.50 -13.53
N ILE B 140 37.01 -15.13 -12.97
CA ILE B 140 36.90 -14.25 -11.81
C ILE B 140 36.43 -15.03 -10.58
N VAL B 141 37.18 -14.90 -9.47
CA VAL B 141 36.94 -15.55 -8.19
C VAL B 141 36.76 -14.50 -7.07
N LEU B 142 35.73 -14.66 -6.22
CA LEU B 142 35.44 -13.75 -5.10
C LEU B 142 36.15 -14.19 -3.84
N ALA B 143 36.57 -13.24 -3.00
CA ALA B 143 37.28 -13.50 -1.75
C ALA B 143 36.76 -12.57 -0.68
N VAL B 144 36.81 -13.00 0.60
CA VAL B 144 36.33 -12.18 1.74
C VAL B 144 37.48 -11.46 2.44
N ASP B 145 37.39 -10.11 2.50
CA ASP B 145 38.33 -9.26 3.21
C ASP B 145 37.66 -9.01 4.56
N LEU B 146 37.95 -9.86 5.56
CA LEU B 146 37.33 -9.81 6.89
C LEU B 146 37.51 -8.47 7.62
N GLU B 147 38.50 -7.66 7.21
CA GLU B 147 38.76 -6.32 7.76
C GLU B 147 37.63 -5.35 7.33
N LYS B 148 37.05 -5.59 6.14
CA LYS B 148 36.02 -4.77 5.50
C LYS B 148 34.57 -5.33 5.63
N VAL B 149 34.36 -6.35 6.48
CA VAL B 149 33.03 -6.94 6.73
C VAL B 149 32.59 -6.53 8.14
N GLY B 150 31.45 -5.87 8.25
CA GLY B 150 30.93 -5.40 9.52
C GLY B 150 29.55 -4.78 9.46
N LYS B 151 29.23 -4.01 10.51
CA LYS B 151 27.97 -3.28 10.73
C LYS B 151 28.22 -2.18 11.76
N ASN B 152 27.51 -1.05 11.68
CA ASN B 152 27.72 -0.02 12.68
C ASN B 152 26.92 -0.34 13.96
N ASP B 153 27.25 0.34 15.06
CA ASP B 153 26.64 0.11 16.39
C ASP B 153 25.17 0.48 16.47
N ASP B 154 24.74 1.54 15.74
CA ASP B 154 23.36 2.04 15.71
C ASP B 154 22.37 1.11 14.97
N VAL B 155 22.85 0.25 14.03
CA VAL B 155 22.06 -0.70 13.22
C VAL B 155 21.02 -1.43 14.06
N PHE B 156 19.73 -1.08 13.86
CA PHE B 156 18.59 -1.61 14.60
C PHE B 156 17.53 -2.15 13.65
N LEU B 157 17.10 -3.38 13.86
CA LEU B 157 16.04 -3.97 13.07
C LEU B 157 14.84 -4.11 14.01
N THR B 158 13.84 -3.20 13.86
CA THR B 158 12.64 -3.11 14.70
C THR B 158 12.05 -4.49 14.99
N GLY B 159 11.92 -4.80 16.28
CA GLY B 159 11.39 -6.05 16.75
C GLY B 159 12.33 -7.23 16.69
N TRP B 160 13.61 -7.00 16.38
CA TRP B 160 14.61 -8.05 16.28
C TRP B 160 15.90 -7.66 16.96
N ASP B 161 16.64 -8.67 17.45
CA ASP B 161 17.94 -8.50 18.07
C ASP B 161 18.98 -9.01 17.09
N ILE B 162 19.92 -8.14 16.67
CA ILE B 162 20.96 -8.49 15.72
C ILE B 162 22.14 -9.15 16.42
N GLU B 163 22.35 -10.43 16.13
CA GLU B 163 23.41 -11.23 16.72
C GLU B 163 24.77 -10.99 16.05
N SER B 164 24.93 -11.41 14.78
CA SER B 164 26.20 -11.27 14.05
C SER B 164 26.09 -11.19 12.54
N PHE B 165 26.91 -10.31 11.94
CA PHE B 165 27.02 -10.21 10.50
C PHE B 165 28.40 -10.76 10.12
N THR B 166 28.40 -11.99 9.62
CA THR B 166 29.58 -12.76 9.23
C THR B 166 29.50 -13.19 7.76
N ALA B 167 30.62 -13.65 7.18
CA ALA B 167 30.67 -14.10 5.80
C ALA B 167 31.39 -15.42 5.67
N VAL B 168 30.85 -16.33 4.84
CA VAL B 168 31.44 -17.63 4.54
C VAL B 168 32.62 -17.32 3.62
N VAL B 169 33.84 -17.40 4.18
CA VAL B 169 35.14 -17.08 3.54
C VAL B 169 35.38 -17.85 2.24
N LYS B 170 34.95 -19.12 2.18
CA LYS B 170 35.11 -19.97 1.00
C LYS B 170 33.93 -19.79 0.03
N PRO B 171 34.16 -19.24 -1.18
CA PRO B 171 33.06 -19.06 -2.14
C PRO B 171 32.66 -20.38 -2.80
N ALA B 172 31.40 -20.46 -3.24
CA ALA B 172 30.91 -21.64 -3.92
C ALA B 172 30.97 -21.38 -5.42
N ASN B 173 32.07 -21.82 -6.06
CA ASN B 173 32.32 -21.66 -7.50
C ASN B 173 31.67 -22.82 -8.23
N PHE B 174 30.87 -22.52 -9.26
CA PHE B 174 30.09 -23.50 -10.03
C PHE B 174 29.90 -23.10 -11.47
N ALA B 175 29.45 -24.06 -12.29
CA ALA B 175 29.22 -23.85 -13.69
C ALA B 175 27.77 -23.52 -13.95
N LEU B 176 27.54 -22.44 -14.69
CA LEU B 176 26.22 -21.96 -15.05
C LEU B 176 26.27 -21.43 -16.48
N GLU B 177 25.41 -21.98 -17.36
CA GLU B 177 25.26 -21.61 -18.78
C GLU B 177 26.63 -21.43 -19.49
N ASP B 178 27.43 -22.53 -19.50
CA ASP B 178 28.77 -22.65 -20.11
C ASP B 178 29.89 -21.83 -19.41
N ARG B 179 29.58 -20.98 -18.41
CA ARG B 179 30.62 -20.16 -17.74
C ARG B 179 30.71 -20.37 -16.23
N LEU B 180 31.88 -20.05 -15.64
CA LEU B 180 32.13 -20.18 -14.21
C LEU B 180 31.54 -18.98 -13.47
N GLU B 181 30.98 -19.21 -12.28
CA GLU B 181 30.40 -18.17 -11.44
C GLU B 181 30.81 -18.36 -9.97
N SER B 182 31.41 -17.33 -9.36
CA SER B 182 31.83 -17.39 -7.95
C SER B 182 30.76 -16.73 -7.12
N LYS B 183 30.24 -17.45 -6.11
CA LYS B 183 29.17 -16.98 -5.21
C LYS B 183 29.64 -16.93 -3.76
N LEU B 184 29.34 -15.81 -3.06
CA LEU B 184 29.69 -15.60 -1.66
C LEU B 184 28.47 -15.44 -0.77
N ASP B 185 28.53 -15.94 0.48
CA ASP B 185 27.40 -15.89 1.41
C ASP B 185 27.64 -15.01 2.63
N TYR B 186 26.90 -13.88 2.72
CA TYR B 186 26.97 -12.98 3.86
C TYR B 186 25.76 -13.28 4.73
N GLN B 187 26.01 -13.75 5.97
CA GLN B 187 24.95 -14.16 6.91
C GLN B 187 24.70 -13.17 8.05
N LEU B 188 23.45 -12.70 8.15
CA LEU B 188 22.98 -11.81 9.19
C LEU B 188 22.04 -12.58 10.14
N ARG B 189 22.59 -13.02 11.27
CA ARG B 189 21.86 -13.78 12.28
C ARG B 189 21.10 -12.85 13.20
N ILE B 190 19.81 -13.14 13.37
CA ILE B 190 18.88 -12.36 14.19
C ILE B 190 17.99 -13.26 15.02
N SER B 191 17.47 -12.73 16.14
CA SER B 191 16.54 -13.40 17.05
C SER B 191 15.40 -12.44 17.29
N ARG B 192 14.16 -12.95 17.34
CA ARG B 192 13.00 -12.09 17.54
C ARG B 192 12.83 -11.64 18.99
N GLN B 193 12.36 -10.39 19.15
CA GLN B 193 12.02 -9.75 20.42
C GLN B 193 10.55 -10.12 20.71
N TYR B 194 10.36 -11.22 21.45
CA TYR B 194 9.06 -11.81 21.80
C TYR B 194 8.33 -11.14 23.00
N PHE B 195 8.89 -10.06 23.58
CA PHE B 195 8.30 -9.37 24.72
C PHE B 195 6.84 -8.95 24.51
N SER B 196 6.63 -8.04 23.55
CA SER B 196 5.34 -7.45 23.15
C SER B 196 4.19 -8.46 22.99
N TYR B 197 4.50 -9.69 22.54
CA TYR B 197 3.54 -10.77 22.31
C TYR B 197 2.78 -11.22 23.56
N ILE B 198 3.48 -11.28 24.70
CA ILE B 198 2.93 -11.68 25.99
C ILE B 198 1.78 -10.73 26.46
N PRO B 199 1.98 -9.41 26.67
CA PRO B 199 0.86 -8.58 27.13
C PRO B 199 -0.19 -8.26 26.07
N ASN B 200 0.21 -8.27 24.79
CA ASN B 200 -0.70 -7.90 23.71
C ASN B 200 -1.51 -9.06 23.18
N ILE B 201 -0.88 -10.24 22.93
CA ILE B 201 -1.59 -11.36 22.33
C ILE B 201 -1.76 -12.60 23.25
N ILE B 202 -0.66 -13.16 23.82
CA ILE B 202 -0.66 -14.39 24.64
C ILE B 202 -1.61 -14.32 25.83
N LEU B 203 -1.38 -13.38 26.78
CA LEU B 203 -2.19 -13.22 27.99
C LEU B 203 -3.66 -12.88 27.69
N PRO B 204 -4.00 -11.87 26.84
CA PRO B 204 -5.43 -11.61 26.55
C PRO B 204 -6.14 -12.84 25.98
N MET B 205 -5.42 -13.61 25.15
CA MET B 205 -5.93 -14.85 24.56
C MET B 205 -6.19 -15.92 25.62
N LEU B 206 -5.42 -15.89 26.71
CA LEU B 206 -5.58 -16.83 27.80
C LEU B 206 -6.75 -16.43 28.70
N PHE B 207 -6.90 -15.11 28.97
CA PHE B 207 -8.00 -14.58 29.77
C PHE B 207 -9.35 -14.97 29.17
N ILE B 208 -9.54 -14.74 27.84
CA ILE B 208 -10.76 -15.07 27.11
C ILE B 208 -11.04 -16.58 27.14
N LEU B 209 -9.98 -17.42 27.16
CA LEU B 209 -10.14 -18.87 27.27
C LEU B 209 -10.62 -19.27 28.68
N PHE B 210 -10.05 -18.63 29.72
CA PHE B 210 -10.44 -18.90 31.10
C PHE B 210 -11.84 -18.42 31.38
N ILE B 211 -12.24 -17.28 30.77
CA ILE B 211 -13.58 -16.70 30.90
C ILE B 211 -14.62 -17.72 30.41
N SER B 212 -14.30 -18.45 29.32
CA SER B 212 -15.17 -19.51 28.79
C SER B 212 -15.35 -20.64 29.82
N TRP B 213 -14.30 -20.95 30.60
CA TRP B 213 -14.32 -22.01 31.61
C TRP B 213 -15.16 -21.68 32.87
N THR B 214 -15.72 -20.47 32.97
CA THR B 214 -16.59 -20.14 34.11
C THR B 214 -17.94 -20.85 33.93
N ALA B 215 -18.18 -21.40 32.71
CA ALA B 215 -19.39 -22.15 32.36
C ALA B 215 -19.42 -23.52 33.09
N PHE B 216 -18.32 -23.87 33.78
CA PHE B 216 -18.24 -25.09 34.58
C PHE B 216 -18.76 -24.81 36.00
N TRP B 217 -18.77 -23.53 36.42
CA TRP B 217 -19.30 -23.10 37.72
C TRP B 217 -20.69 -22.47 37.54
N SER B 218 -21.44 -22.96 36.54
CA SER B 218 -22.80 -22.50 36.21
C SER B 218 -23.62 -23.61 35.56
N THR B 219 -24.93 -23.64 35.88
CA THR B 219 -25.91 -24.61 35.38
C THR B 219 -26.85 -23.96 34.34
N SER B 220 -26.80 -22.61 34.22
CA SER B 220 -27.62 -21.85 33.29
C SER B 220 -27.13 -22.04 31.86
N TYR B 221 -27.87 -22.84 31.07
CA TYR B 221 -27.52 -23.13 29.69
C TYR B 221 -27.43 -21.86 28.87
N GLU B 222 -28.46 -20.98 28.96
CA GLU B 222 -28.50 -19.70 28.22
C GLU B 222 -27.29 -18.81 28.52
N ALA B 223 -26.81 -18.80 29.79
CA ALA B 223 -25.64 -18.03 30.21
C ALA B 223 -24.36 -18.71 29.70
N ASN B 224 -24.26 -20.05 29.89
CA ASN B 224 -23.13 -20.87 29.44
C ASN B 224 -22.91 -20.78 27.94
N VAL B 225 -24.01 -20.84 27.15
CA VAL B 225 -23.96 -20.70 25.70
C VAL B 225 -23.29 -19.37 25.36
N THR B 226 -23.81 -18.26 25.96
CA THR B 226 -23.30 -16.90 25.79
C THR B 226 -21.80 -16.84 26.16
N LEU B 227 -21.41 -17.46 27.29
CA LEU B 227 -20.02 -17.51 27.75
C LEU B 227 -19.06 -18.16 26.73
N VAL B 228 -19.29 -19.44 26.40
CA VAL B 228 -18.45 -20.22 25.50
C VAL B 228 -18.40 -19.62 24.08
N VAL B 229 -19.57 -19.26 23.53
CA VAL B 229 -19.71 -18.72 22.17
C VAL B 229 -19.09 -17.31 22.02
N SER B 230 -19.41 -16.38 22.95
CA SER B 230 -18.88 -15.01 22.89
C SER B 230 -17.38 -14.95 22.93
N THR B 231 -16.77 -15.69 23.88
CA THR B 231 -15.31 -15.82 24.01
C THR B 231 -14.71 -16.48 22.75
N LEU B 232 -15.46 -17.42 22.11
CA LEU B 232 -15.00 -18.02 20.86
C LEU B 232 -14.89 -16.95 19.78
N ILE B 233 -15.84 -15.97 19.76
CA ILE B 233 -15.81 -14.84 18.81
C ILE B 233 -14.58 -13.96 19.08
N ALA B 234 -14.27 -13.73 20.38
CA ALA B 234 -13.07 -12.99 20.79
C ALA B 234 -11.81 -13.72 20.31
N HIS B 235 -11.80 -15.07 20.43
CA HIS B 235 -10.68 -15.90 19.98
C HIS B 235 -10.49 -15.86 18.48
N ILE B 236 -11.59 -15.78 17.72
CA ILE B 236 -11.54 -15.68 16.27
C ILE B 236 -10.85 -14.36 15.93
N ALA B 237 -11.19 -13.24 16.65
CA ALA B 237 -10.60 -11.89 16.49
C ALA B 237 -9.06 -11.90 16.67
N PHE B 238 -8.59 -12.72 17.62
CA PHE B 238 -7.17 -12.89 17.91
C PHE B 238 -6.47 -13.79 16.93
N CYS B 239 -7.08 -14.90 16.45
CA CYS B 239 -6.44 -15.79 15.46
C CYS B 239 -6.22 -15.10 14.14
N ILE B 240 -7.24 -14.37 13.67
CA ILE B 240 -7.20 -13.64 12.41
C ILE B 240 -6.10 -12.55 12.48
N LEU B 241 -5.93 -11.93 13.69
CA LEU B 241 -4.91 -10.90 13.95
C LEU B 241 -3.49 -11.47 13.83
N VAL B 242 -3.25 -12.69 14.35
CA VAL B 242 -1.94 -13.33 14.32
C VAL B 242 -1.60 -13.93 12.94
N GLU B 243 -2.54 -14.72 12.36
CA GLU B 243 -2.35 -15.41 11.08
C GLU B 243 -2.12 -14.45 9.88
N THR B 244 -2.47 -13.14 10.03
CA THR B 244 -2.26 -12.11 9.00
C THR B 244 -0.83 -11.57 9.01
N ASN B 245 -0.20 -11.46 10.21
CA ASN B 245 1.20 -11.01 10.36
C ASN B 245 2.19 -12.13 9.94
N LEU B 246 1.66 -13.34 9.55
CA LEU B 246 2.43 -14.53 9.15
C LEU B 246 2.09 -15.00 7.74
N PRO B 247 3.08 -15.56 6.98
CA PRO B 247 2.74 -16.12 5.66
C PRO B 247 2.17 -17.55 5.78
N LYS B 248 1.55 -18.04 4.69
CA LYS B 248 0.97 -19.38 4.66
C LYS B 248 2.07 -20.41 4.45
N THR B 249 2.48 -20.99 5.57
CA THR B 249 3.54 -21.97 5.70
C THR B 249 3.04 -23.39 5.43
N PRO B 250 3.81 -24.23 4.71
CA PRO B 250 3.37 -25.63 4.48
C PRO B 250 3.64 -26.54 5.69
N TYR B 251 4.06 -25.93 6.81
CA TYR B 251 4.39 -26.59 8.07
C TYR B 251 3.64 -25.96 9.23
N MET B 252 3.62 -26.63 10.38
CA MET B 252 2.95 -26.07 11.54
C MET B 252 3.91 -25.15 12.29
N THR B 253 3.40 -23.98 12.71
CA THR B 253 4.15 -23.00 13.50
C THR B 253 3.78 -23.23 14.97
N TYR B 254 4.62 -22.73 15.90
CA TYR B 254 4.38 -22.88 17.33
C TYR B 254 3.08 -22.20 17.75
N THR B 255 2.83 -21.02 17.17
CA THR B 255 1.63 -20.21 17.37
C THR B 255 0.42 -20.90 16.76
N GLY B 256 0.58 -21.37 15.53
CA GLY B 256 -0.47 -22.06 14.78
C GLY B 256 -1.03 -23.25 15.49
N ALA B 257 -0.11 -24.04 16.12
CA ALA B 257 -0.42 -25.22 16.92
C ALA B 257 -1.29 -24.83 18.11
N ILE B 258 -0.86 -23.83 18.90
CA ILE B 258 -1.54 -23.29 20.07
C ILE B 258 -2.94 -22.80 19.71
N ILE B 259 -3.02 -21.87 18.72
CA ILE B 259 -4.21 -21.28 18.12
C ILE B 259 -5.24 -22.37 17.79
N PHE B 260 -4.78 -23.46 17.11
CA PHE B 260 -5.63 -24.58 16.72
C PHE B 260 -6.06 -25.42 17.91
N MET B 261 -5.13 -25.68 18.85
CA MET B 261 -5.40 -26.44 20.06
C MET B 261 -6.49 -25.73 20.91
N ILE B 262 -6.44 -24.37 20.94
CA ILE B 262 -7.43 -23.54 21.64
C ILE B 262 -8.82 -23.71 21.00
N TYR B 263 -8.88 -23.75 19.63
CA TYR B 263 -10.13 -23.99 18.92
C TYR B 263 -10.80 -25.30 19.33
N LEU B 264 -10.01 -26.30 19.75
CA LEU B 264 -10.55 -27.56 20.23
C LEU B 264 -11.14 -27.40 21.64
N PHE B 265 -10.42 -26.63 22.51
CA PHE B 265 -10.85 -26.35 23.89
C PHE B 265 -12.19 -25.61 23.94
N TYR B 266 -12.50 -24.87 22.85
CA TYR B 266 -13.76 -24.15 22.67
C TYR B 266 -14.83 -25.12 22.22
N PHE B 267 -14.45 -26.05 21.33
CA PHE B 267 -15.36 -27.06 20.81
C PHE B 267 -15.81 -28.04 21.91
N VAL B 268 -14.85 -28.61 22.64
CA VAL B 268 -15.09 -29.55 23.74
C VAL B 268 -15.89 -28.87 24.89
N ALA B 269 -15.67 -27.55 25.09
CA ALA B 269 -16.39 -26.76 26.09
C ALA B 269 -17.85 -26.64 25.69
N VAL B 270 -18.15 -26.50 24.37
CA VAL B 270 -19.54 -26.46 23.87
C VAL B 270 -20.17 -27.83 24.12
N ILE B 271 -19.44 -28.93 23.78
CA ILE B 271 -19.92 -30.30 23.99
C ILE B 271 -20.37 -30.47 25.45
N GLU B 272 -19.48 -30.11 26.41
CA GLU B 272 -19.76 -30.20 27.85
C GLU B 272 -21.01 -29.42 28.20
N VAL B 273 -21.09 -28.16 27.73
CA VAL B 273 -22.21 -27.26 28.01
C VAL B 273 -23.53 -27.85 27.46
N THR B 274 -23.46 -28.51 26.28
CA THR B 274 -24.60 -29.17 25.64
C THR B 274 -25.03 -30.41 26.45
N VAL B 275 -24.05 -31.25 26.86
CA VAL B 275 -24.24 -32.48 27.64
C VAL B 275 -24.86 -32.17 29.01
N GLN B 276 -24.21 -31.29 29.82
CA GLN B 276 -24.69 -30.83 31.11
C GLN B 276 -26.17 -30.41 31.01
N HIS B 277 -26.54 -29.60 29.99
CA HIS B 277 -27.93 -29.20 29.80
C HIS B 277 -28.81 -30.36 29.38
N TYR B 278 -28.32 -31.25 28.49
CA TYR B 278 -29.12 -32.40 28.04
C TYR B 278 -29.53 -33.33 29.19
N LEU B 279 -28.58 -33.64 30.09
CA LEU B 279 -28.82 -34.47 31.28
C LEU B 279 -29.75 -33.78 32.28
N LYS B 280 -29.58 -32.45 32.46
CA LYS B 280 -30.41 -31.61 33.33
C LYS B 280 -31.88 -31.67 32.87
N VAL B 281 -32.12 -31.55 31.54
CA VAL B 281 -33.45 -31.61 30.93
C VAL B 281 -34.01 -33.06 31.00
N GLU B 282 -33.11 -34.08 30.92
CA GLU B 282 -33.45 -35.49 31.00
C GLU B 282 -33.62 -36.03 32.45
N SER B 283 -33.80 -35.09 33.42
CA SER B 283 -34.03 -35.32 34.85
C SER B 283 -33.02 -36.28 35.51
N GLN B 284 -31.72 -35.91 35.43
CA GLN B 284 -30.59 -36.62 36.06
C GLN B 284 -29.43 -35.64 36.36
N PRO B 285 -29.67 -34.55 37.15
CA PRO B 285 -28.59 -33.59 37.43
C PRO B 285 -27.45 -34.12 38.31
N ALA B 286 -27.53 -35.40 38.72
CA ALA B 286 -26.47 -36.01 39.50
C ALA B 286 -25.37 -36.43 38.53
N ARG B 287 -25.75 -36.71 37.27
CA ARG B 287 -24.88 -37.12 36.17
C ARG B 287 -24.21 -35.90 35.52
N ALA B 288 -24.99 -34.82 35.35
CA ALA B 288 -24.57 -33.55 34.76
C ALA B 288 -23.57 -32.85 35.67
N ALA B 289 -23.89 -32.69 36.97
CA ALA B 289 -23.03 -32.03 37.95
C ALA B 289 -21.69 -32.73 38.13
N SER B 290 -21.65 -34.06 37.95
CA SER B 290 -20.41 -34.84 38.09
C SER B 290 -19.45 -34.58 36.94
N ILE B 291 -19.98 -34.44 35.70
CA ILE B 291 -19.24 -34.13 34.47
C ILE B 291 -18.71 -32.68 34.58
N THR B 292 -19.59 -31.73 34.93
CA THR B 292 -19.30 -30.31 35.11
C THR B 292 -18.24 -30.11 36.18
N ARG B 293 -18.28 -30.89 37.27
CA ARG B 293 -17.30 -30.81 38.34
C ARG B 293 -15.94 -31.39 37.90
N ALA B 294 -15.98 -32.40 37.02
CA ALA B 294 -14.78 -33.05 36.48
C ALA B 294 -14.06 -32.10 35.53
N SER B 295 -14.84 -31.41 34.68
CA SER B 295 -14.39 -30.42 33.69
C SER B 295 -13.66 -29.24 34.33
N ARG B 296 -14.02 -28.89 35.59
CA ARG B 296 -13.41 -27.81 36.38
C ARG B 296 -11.91 -28.03 36.58
N ILE B 297 -11.50 -29.32 36.61
CA ILE B 297 -10.12 -29.78 36.80
C ILE B 297 -9.57 -30.32 35.46
N ALA B 298 -10.40 -31.05 34.68
CA ALA B 298 -10.03 -31.66 33.39
C ALA B 298 -9.53 -30.65 32.36
N PHE B 299 -10.29 -29.57 32.13
CA PHE B 299 -9.93 -28.53 31.17
C PHE B 299 -8.60 -27.83 31.51
N PRO B 300 -8.34 -27.28 32.74
CA PRO B 300 -7.02 -26.67 33.01
C PRO B 300 -5.85 -27.65 32.95
N VAL B 301 -6.05 -28.91 33.40
CA VAL B 301 -5.03 -29.96 33.41
C VAL B 301 -4.65 -30.37 31.99
N VAL B 302 -5.63 -30.80 31.17
CA VAL B 302 -5.42 -31.20 29.77
C VAL B 302 -4.79 -30.05 28.97
N PHE B 303 -5.19 -28.79 29.27
CA PHE B 303 -4.62 -27.61 28.61
C PHE B 303 -3.14 -27.43 28.95
N LEU B 304 -2.81 -27.46 30.26
CA LEU B 304 -1.46 -27.33 30.79
C LEU B 304 -0.53 -28.45 30.26
N LEU B 305 -1.03 -29.70 30.18
CA LEU B 305 -0.27 -30.84 29.68
C LEU B 305 -0.04 -30.73 28.18
N ALA B 306 -1.10 -30.40 27.40
CA ALA B 306 -1.04 -30.24 25.94
C ALA B 306 -0.08 -29.11 25.53
N ASN B 307 0.04 -28.07 26.37
CA ASN B 307 0.98 -26.96 26.12
C ASN B 307 2.43 -27.39 26.33
N ILE B 308 2.67 -28.25 27.35
CA ILE B 308 3.97 -28.84 27.67
C ILE B 308 4.36 -29.79 26.54
N ILE B 309 3.38 -30.58 26.02
CA ILE B 309 3.55 -31.50 24.90
C ILE B 309 4.01 -30.72 23.65
N LEU B 310 3.26 -29.63 23.29
CA LEU B 310 3.61 -28.78 22.15
C LEU B 310 4.94 -28.09 22.32
N ALA B 311 5.18 -27.44 23.49
CA ALA B 311 6.44 -26.75 23.78
C ALA B 311 7.64 -27.69 23.68
N PHE B 312 7.43 -28.98 24.01
CA PHE B 312 8.48 -29.99 23.91
C PHE B 312 8.77 -30.31 22.45
N LEU B 313 7.70 -30.56 21.66
CA LEU B 313 7.79 -30.89 20.25
C LEU B 313 8.42 -29.76 19.42
N PHE B 314 8.21 -28.50 19.84
CA PHE B 314 8.70 -27.32 19.13
C PHE B 314 10.04 -26.78 19.63
N PHE B 315 10.44 -27.07 20.89
CA PHE B 315 11.71 -26.51 21.40
C PHE B 315 12.66 -27.54 22.03
N VAL C 5 39.64 17.22 -11.66
CA VAL C 5 38.82 17.41 -10.46
C VAL C 5 39.26 16.46 -9.34
N SER C 6 39.98 17.03 -8.36
CA SER C 6 40.52 16.34 -7.18
C SER C 6 40.47 17.30 -5.97
N PRO C 7 40.58 16.83 -4.68
CA PRO C 7 40.47 17.77 -3.55
C PRO C 7 41.50 18.89 -3.54
N PRO C 8 41.19 20.09 -2.98
CA PRO C 8 42.19 21.17 -2.95
C PRO C 8 43.37 20.85 -2.03
N PRO C 9 44.62 21.08 -2.48
CA PRO C 9 45.77 20.76 -1.62
C PRO C 9 45.83 21.67 -0.38
N PRO C 10 46.27 21.13 0.77
CA PRO C 10 46.30 21.97 1.99
C PRO C 10 47.50 22.90 2.05
N ILE C 11 47.30 24.09 2.64
CA ILE C 11 48.37 25.11 2.78
C ILE C 11 49.44 24.55 3.76
N ALA C 12 49.06 24.29 5.01
CA ALA C 12 49.75 23.57 6.01
C ALA C 12 49.08 22.17 6.22
N ASP C 13 49.67 21.22 6.94
CA ASP C 13 49.08 19.86 7.05
C ASP C 13 47.76 19.79 7.92
N GLU C 14 46.70 20.53 7.53
CA GLU C 14 45.42 20.63 8.22
C GLU C 14 44.26 19.95 7.44
N PRO C 15 43.21 19.41 8.11
CA PRO C 15 42.10 18.80 7.37
C PRO C 15 41.11 19.83 6.84
N LEU C 16 40.42 19.50 5.73
CA LEU C 16 39.44 20.39 5.11
C LEU C 16 38.11 20.47 5.87
N THR C 17 37.79 21.67 6.38
CA THR C 17 36.54 21.88 7.11
C THR C 17 35.46 22.29 6.12
N VAL C 18 34.35 21.53 6.12
CA VAL C 18 33.18 21.78 5.27
C VAL C 18 32.04 22.26 6.17
N ASN C 19 31.63 23.52 5.97
CA ASN C 19 30.57 24.17 6.74
C ASN C 19 29.20 23.82 6.20
N THR C 20 28.49 23.00 6.96
CA THR C 20 27.16 22.45 6.67
C THR C 20 26.02 23.30 7.25
N GLY C 21 24.82 23.07 6.73
CA GLY C 21 23.59 23.75 7.14
C GLY C 21 22.36 23.20 6.48
N ILE C 22 21.44 22.62 7.29
CA ILE C 22 20.18 22.06 6.79
C ILE C 22 19.02 23.02 7.13
N TYR C 23 18.24 23.41 6.11
CA TYR C 23 17.08 24.29 6.31
C TYR C 23 15.84 23.56 5.83
N LEU C 24 15.04 23.01 6.79
CA LEU C 24 13.81 22.26 6.51
C LEU C 24 12.72 23.08 5.83
N ILE C 25 12.28 22.62 4.67
CA ILE C 25 11.22 23.23 3.89
C ILE C 25 9.92 22.48 4.19
N GLU C 26 9.97 21.14 4.20
CA GLU C 26 8.84 20.25 4.46
C GLU C 26 9.18 19.14 5.42
N CYS C 27 8.24 18.83 6.29
CA CYS C 27 8.30 17.73 7.23
C CYS C 27 6.99 17.07 7.15
N TYR C 28 6.98 15.78 6.77
CA TYR C 28 5.75 15.04 6.56
C TYR C 28 5.96 13.54 6.71
N SER C 29 4.86 12.78 6.66
CA SER C 29 4.80 11.31 6.69
C SER C 29 5.69 10.66 7.78
N LEU C 30 5.36 10.93 9.07
CA LEU C 30 6.04 10.31 10.19
C LEU C 30 5.33 8.96 10.46
N ASP C 31 5.91 7.86 9.97
CA ASP C 31 5.41 6.51 10.15
C ASP C 31 5.91 5.99 11.47
N ASP C 32 5.01 5.85 12.43
CA ASP C 32 5.32 5.36 13.78
C ASP C 32 5.78 3.90 13.77
N LYS C 33 5.01 3.03 13.09
CA LYS C 33 5.29 1.61 12.92
C LYS C 33 6.66 1.35 12.26
N ALA C 34 7.01 2.13 11.22
CA ALA C 34 8.27 2.01 10.47
C ALA C 34 9.42 2.85 11.04
N GLU C 35 9.12 3.76 12.00
CA GLU C 35 10.06 4.69 12.63
C GLU C 35 10.83 5.54 11.58
N THR C 36 10.08 6.03 10.57
CA THR C 36 10.59 6.87 9.49
C THR C 36 9.80 8.18 9.44
N PHE C 37 10.31 9.14 8.65
CA PHE C 37 9.71 10.44 8.37
C PHE C 37 10.34 11.00 7.10
N LYS C 38 9.52 11.66 6.31
CA LYS C 38 9.99 12.25 5.07
C LYS C 38 10.35 13.73 5.31
N VAL C 39 11.41 14.17 4.65
CA VAL C 39 11.91 15.52 4.76
C VAL C 39 12.24 16.12 3.38
N ASN C 40 11.99 17.40 3.21
CA ASN C 40 12.33 18.17 2.02
C ASN C 40 13.06 19.39 2.57
N ALA C 41 14.36 19.54 2.24
CA ALA C 41 15.18 20.60 2.82
C ALA C 41 16.28 21.12 1.93
N PHE C 42 16.89 22.25 2.34
CA PHE C 42 18.04 22.85 1.68
C PHE C 42 19.26 22.31 2.38
N LEU C 43 20.28 21.92 1.61
CA LEU C 43 21.56 21.50 2.14
C LEU C 43 22.59 22.52 1.65
N SER C 44 23.25 23.24 2.58
CA SER C 44 24.23 24.25 2.25
C SER C 44 25.60 23.84 2.73
N LEU C 45 26.57 23.78 1.79
CA LEU C 45 27.95 23.40 2.03
C LEU C 45 28.90 24.56 1.72
N SER C 46 30.05 24.62 2.43
CA SER C 46 31.07 25.67 2.26
C SER C 46 32.48 25.20 2.62
N TRP C 47 33.42 25.29 1.66
CA TRP C 47 34.83 24.89 1.83
C TRP C 47 35.79 25.87 1.16
N LYS C 48 37.09 25.80 1.51
CA LYS C 48 38.16 26.64 0.91
C LYS C 48 38.97 25.87 -0.16
N ASP C 49 38.70 26.19 -1.44
CA ASP C 49 39.42 25.63 -2.60
C ASP C 49 40.26 26.76 -3.20
N ARG C 50 41.54 26.84 -2.80
CA ARG C 50 42.47 27.89 -3.21
C ARG C 50 42.76 27.92 -4.72
N ARG C 51 42.53 26.79 -5.42
CA ARG C 51 42.72 26.66 -6.86
C ARG C 51 41.70 27.49 -7.64
N LEU C 52 40.57 27.83 -7.01
CA LEU C 52 39.50 28.63 -7.62
C LEU C 52 39.60 30.10 -7.25
N ALA C 53 40.59 30.48 -6.41
CA ALA C 53 40.81 31.86 -5.98
C ALA C 53 41.08 32.78 -7.16
N PHE C 54 40.70 34.06 -7.03
CA PHE C 54 40.88 35.07 -8.06
C PHE C 54 41.05 36.48 -7.50
N ASP C 55 41.68 37.38 -8.28
CA ASP C 55 41.86 38.78 -7.88
C ASP C 55 40.51 39.49 -8.05
N PRO C 56 39.91 40.07 -6.97
CA PRO C 56 38.61 40.75 -7.14
C PRO C 56 38.67 42.02 -8.00
N VAL C 57 39.74 42.85 -7.85
CA VAL C 57 39.95 44.11 -8.58
C VAL C 57 40.24 43.87 -10.09
N ARG C 58 41.09 42.88 -10.39
CA ARG C 58 41.46 42.53 -11.77
C ARG C 58 40.32 41.86 -12.55
N SER C 59 39.64 40.88 -11.93
CA SER C 59 38.55 40.14 -12.56
C SER C 59 37.31 40.98 -12.79
N GLY C 60 37.05 41.92 -11.88
CA GLY C 60 35.90 42.83 -11.97
C GLY C 60 34.64 42.33 -11.30
N VAL C 61 34.41 40.99 -11.33
CA VAL C 61 33.26 40.31 -10.73
C VAL C 61 33.58 39.83 -9.33
N ARG C 62 32.70 40.15 -8.37
CA ARG C 62 32.82 39.84 -6.95
C ARG C 62 32.74 38.34 -6.68
N VAL C 63 31.69 37.69 -7.21
CA VAL C 63 31.47 36.26 -7.03
C VAL C 63 31.37 35.58 -8.41
N LYS C 64 31.98 34.39 -8.53
CA LYS C 64 31.99 33.60 -9.76
C LYS C 64 31.19 32.29 -9.58
N THR C 65 30.22 32.05 -10.50
CA THR C 65 29.34 30.89 -10.51
C THR C 65 29.94 29.73 -11.33
N TYR C 66 29.78 28.47 -10.85
CA TYR C 66 30.28 27.25 -11.50
C TYR C 66 29.21 26.16 -11.57
N GLU C 67 29.35 25.25 -12.56
CA GLU C 67 28.46 24.09 -12.74
C GLU C 67 29.03 22.95 -11.88
N PRO C 68 28.19 22.04 -11.31
CA PRO C 68 28.73 20.99 -10.43
C PRO C 68 29.93 20.19 -10.95
N GLU C 69 29.88 19.80 -12.23
CA GLU C 69 30.92 19.03 -12.93
C GLU C 69 32.24 19.78 -13.11
N ALA C 70 32.19 21.12 -13.16
CA ALA C 70 33.37 21.98 -13.34
C ALA C 70 34.34 21.95 -12.16
N ILE C 71 33.82 22.03 -10.92
CA ILE C 71 34.66 22.06 -9.72
C ILE C 71 34.53 20.81 -8.83
N TRP C 72 35.51 20.64 -7.92
CA TRP C 72 35.52 19.54 -6.95
C TRP C 72 34.53 19.88 -5.85
N ILE C 73 33.58 18.97 -5.59
CA ILE C 73 32.56 19.11 -4.55
C ILE C 73 32.65 17.89 -3.60
N PRO C 74 32.71 18.11 -2.26
CA PRO C 74 32.82 16.97 -1.34
C PRO C 74 31.61 16.02 -1.39
N GLU C 75 31.89 14.71 -1.31
CA GLU C 75 30.85 13.67 -1.33
C GLU C 75 30.19 13.57 0.03
N ILE C 76 29.19 14.43 0.25
CA ILE C 76 28.39 14.50 1.49
C ILE C 76 27.21 13.57 1.35
N ARG C 77 27.02 12.65 2.32
CA ARG C 77 25.95 11.67 2.28
C ARG C 77 25.23 11.63 3.62
N PHE C 78 23.98 11.13 3.63
CA PHE C 78 23.21 11.00 4.86
C PHE C 78 23.37 9.59 5.34
N VAL C 79 23.48 9.38 6.66
CA VAL C 79 23.70 8.06 7.24
C VAL C 79 22.38 7.29 7.36
N ASN C 80 21.41 7.88 8.07
CA ASN C 80 20.14 7.21 8.38
C ASN C 80 19.05 7.47 7.34
N VAL C 81 19.32 7.13 6.07
CA VAL C 81 18.34 7.26 4.99
C VAL C 81 18.06 5.90 4.35
N GLU C 82 16.86 5.74 3.75
CA GLU C 82 16.43 4.51 3.06
C GLU C 82 17.18 4.38 1.74
N ASN C 83 17.06 5.40 0.87
CA ASN C 83 17.77 5.48 -0.41
C ASN C 83 18.52 6.81 -0.48
N ALA C 84 19.36 6.99 -1.51
CA ALA C 84 20.11 8.22 -1.74
C ALA C 84 19.13 9.35 -2.01
N ARG C 85 19.34 10.49 -1.32
CA ARG C 85 18.55 11.71 -1.40
C ARG C 85 18.32 12.24 -2.84
N ASP C 86 17.15 12.84 -3.08
CA ASP C 86 16.81 13.40 -4.39
C ASP C 86 17.23 14.86 -4.37
N ALA C 87 18.47 15.13 -4.78
CA ALA C 87 19.08 16.45 -4.80
C ALA C 87 19.04 17.15 -6.15
N ASP C 88 18.80 18.47 -6.11
CA ASP C 88 18.77 19.39 -7.24
C ASP C 88 19.65 20.54 -6.80
N VAL C 89 20.79 20.74 -7.49
CA VAL C 89 21.72 21.82 -7.15
C VAL C 89 21.08 23.17 -7.46
N VAL C 90 20.95 24.01 -6.42
CA VAL C 90 20.35 25.33 -6.50
C VAL C 90 21.36 26.36 -7.02
N ASP C 91 22.53 26.45 -6.36
CA ASP C 91 23.57 27.44 -6.67
C ASP C 91 24.94 27.08 -6.10
N ILE C 92 26.01 27.39 -6.88
CA ILE C 92 27.44 27.26 -6.53
C ILE C 92 28.08 28.62 -6.78
N SER C 93 28.54 29.28 -5.71
CA SER C 93 29.15 30.61 -5.76
C SER C 93 30.55 30.61 -5.12
N VAL C 94 31.56 31.08 -5.87
CA VAL C 94 32.96 31.13 -5.40
C VAL C 94 33.42 32.57 -5.15
N SER C 95 33.82 32.86 -3.89
CA SER C 95 34.29 34.19 -3.51
C SER C 95 35.75 34.40 -4.02
N PRO C 96 36.31 35.64 -4.01
CA PRO C 96 37.67 35.82 -4.53
C PRO C 96 38.76 35.03 -3.81
N ASP C 97 38.60 34.75 -2.51
CA ASP C 97 39.61 34.00 -1.76
C ASP C 97 39.59 32.47 -2.03
N GLY C 98 38.58 32.01 -2.77
CA GLY C 98 38.40 30.60 -3.13
C GLY C 98 37.41 29.85 -2.26
N THR C 99 36.61 30.57 -1.47
CA THR C 99 35.60 29.97 -0.60
C THR C 99 34.34 29.66 -1.40
N VAL C 100 34.08 28.35 -1.57
CA VAL C 100 32.92 27.84 -2.31
C VAL C 100 31.68 27.86 -1.39
N GLN C 101 30.52 28.24 -1.98
CA GLN C 101 29.22 28.30 -1.32
C GLN C 101 28.26 27.50 -2.17
N TYR C 102 28.08 26.23 -1.79
CA TYR C 102 27.23 25.24 -2.44
C TYR C 102 25.88 25.16 -1.76
N LEU C 103 24.82 25.03 -2.55
CA LEU C 103 23.44 24.88 -2.09
C LEU C 103 22.66 23.97 -3.02
N GLU C 104 21.91 23.04 -2.41
CA GLU C 104 21.07 22.07 -3.10
C GLU C 104 19.77 21.91 -2.35
N ARG C 105 18.72 21.46 -3.04
CA ARG C 105 17.45 21.20 -2.35
C ARG C 105 17.12 19.71 -2.47
N PHE C 106 17.17 19.00 -1.35
CA PHE C 106 16.97 17.56 -1.33
C PHE C 106 15.66 17.15 -0.69
N SER C 107 15.32 15.86 -0.86
CA SER C 107 14.19 15.19 -0.25
C SER C 107 14.64 13.76 0.06
N ALA C 108 14.43 13.30 1.30
CA ALA C 108 14.83 11.96 1.74
C ALA C 108 13.92 11.36 2.83
N ARG C 109 13.75 10.03 2.83
CA ARG C 109 12.98 9.33 3.86
C ARG C 109 14.00 8.91 4.93
N VAL C 110 13.91 9.56 6.10
CA VAL C 110 14.84 9.37 7.21
C VAL C 110 14.40 8.26 8.17
N LEU C 111 15.36 7.41 8.58
CA LEU C 111 15.20 6.29 9.50
C LEU C 111 15.67 6.73 10.90
N SER C 112 14.72 7.15 11.76
CA SER C 112 15.05 7.59 13.11
C SER C 112 14.21 6.84 14.15
N PRO C 113 14.84 6.07 15.08
CA PRO C 113 14.07 5.31 16.07
C PRO C 113 13.24 6.19 17.00
N LEU C 114 12.07 5.70 17.39
CA LEU C 114 11.15 6.43 18.27
C LEU C 114 10.97 5.66 19.58
N ASP C 115 10.86 6.39 20.72
CA ASP C 115 10.66 5.81 22.05
C ASP C 115 9.20 5.91 22.43
N PHE C 116 8.49 4.79 22.33
CA PHE C 116 7.05 4.73 22.56
C PHE C 116 6.64 4.51 24.01
N ARG C 117 7.61 4.51 24.95
CA ARG C 117 7.38 4.30 26.38
C ARG C 117 6.27 5.19 26.97
N ARG C 118 6.24 6.51 26.59
CA ARG C 118 5.21 7.45 27.11
C ARG C 118 4.09 7.80 26.11
N TYR C 119 3.86 6.95 25.07
CA TYR C 119 2.80 7.13 24.06
C TYR C 119 1.39 7.11 24.69
N PRO C 120 0.43 7.99 24.27
CA PRO C 120 0.54 9.05 23.25
C PRO C 120 0.90 10.43 23.83
N PHE C 121 1.55 10.44 25.01
CA PHE C 121 1.99 11.65 25.71
C PHE C 121 3.52 11.75 25.61
N ASP C 122 4.10 11.04 24.60
CA ASP C 122 5.54 10.95 24.32
C ASP C 122 6.10 12.08 23.49
N SER C 123 7.39 12.36 23.69
CA SER C 123 8.15 13.32 22.92
C SER C 123 9.28 12.56 22.21
N GLN C 124 9.73 13.06 21.06
CA GLN C 124 10.76 12.41 20.25
C GLN C 124 11.88 13.35 19.82
N THR C 125 13.06 12.79 19.52
CA THR C 125 14.22 13.52 19.00
C THR C 125 14.61 12.83 17.69
N LEU C 126 14.23 13.44 16.57
CA LEU C 126 14.53 12.88 15.26
C LEU C 126 15.97 13.27 14.87
N HIS C 127 16.70 12.35 14.21
CA HIS C 127 18.09 12.60 13.83
C HIS C 127 18.30 12.59 12.34
N ILE C 128 19.20 13.44 11.86
CA ILE C 128 19.59 13.57 10.44
C ILE C 128 21.11 13.61 10.51
N TYR C 129 21.75 12.49 10.14
CA TYR C 129 23.21 12.36 10.20
C TYR C 129 23.92 12.64 8.88
N LEU C 130 24.77 13.69 8.86
CA LEU C 130 25.57 14.06 7.71
C LEU C 130 26.93 13.41 7.86
N ILE C 131 27.41 12.72 6.80
CA ILE C 131 28.70 12.07 6.85
C ILE C 131 29.53 12.41 5.61
N VAL C 132 30.87 12.46 5.78
CA VAL C 132 31.84 12.70 4.72
C VAL C 132 33.08 11.82 4.92
N ARG C 133 33.32 10.93 3.93
CA ARG C 133 34.47 10.05 3.97
C ARG C 133 35.67 10.85 3.47
N SER C 134 36.77 10.80 4.23
CA SER C 134 37.99 11.50 3.88
C SER C 134 38.73 10.79 2.76
N VAL C 135 39.26 11.57 1.80
CA VAL C 135 40.02 11.10 0.65
C VAL C 135 41.46 10.74 1.02
N ASP C 136 42.19 10.08 0.09
CA ASP C 136 43.57 9.65 0.31
C ASP C 136 44.54 10.84 0.45
N THR C 137 44.39 11.85 -0.43
CA THR C 137 45.21 13.07 -0.49
C THR C 137 45.14 13.88 0.81
N ARG C 138 43.91 14.14 1.33
CA ARG C 138 43.73 14.85 2.60
C ARG C 138 42.44 14.44 3.35
N ASN C 139 42.39 14.75 4.65
CA ASN C 139 41.27 14.46 5.55
C ASN C 139 40.18 15.53 5.49
N ILE C 140 38.90 15.08 5.47
CA ILE C 140 37.74 15.96 5.44
C ILE C 140 37.01 15.91 6.79
N VAL C 141 36.75 17.12 7.35
CA VAL C 141 36.07 17.33 8.63
C VAL C 141 34.83 18.23 8.42
N LEU C 142 33.69 17.84 9.05
CA LEU C 142 32.40 18.56 8.99
C LEU C 142 32.25 19.60 10.10
N ALA C 143 31.63 20.75 9.77
CA ALA C 143 31.44 21.83 10.71
C ALA C 143 30.04 22.38 10.54
N VAL C 144 29.45 22.93 11.64
CA VAL C 144 28.10 23.49 11.62
C VAL C 144 28.14 25.03 11.46
N ASP C 145 27.47 25.55 10.41
CA ASP C 145 27.31 26.98 10.17
C ASP C 145 25.91 27.30 10.66
N LEU C 146 25.79 27.61 11.98
CA LEU C 146 24.53 27.88 12.69
C LEU C 146 23.63 28.94 12.03
N GLU C 147 24.18 29.77 11.15
CA GLU C 147 23.45 30.81 10.42
C GLU C 147 22.60 30.18 9.32
N LYS C 148 23.06 29.02 8.81
CA LYS C 148 22.43 28.25 7.74
C LYS C 148 21.62 27.00 8.20
N VAL C 149 21.37 26.88 9.53
CA VAL C 149 20.58 25.78 10.11
C VAL C 149 19.25 26.36 10.58
N GLY C 150 18.15 25.80 10.08
CA GLY C 150 16.81 26.26 10.43
C GLY C 150 15.67 25.43 9.87
N LYS C 151 14.47 26.04 9.84
CA LYS C 151 13.20 25.49 9.34
C LYS C 151 12.24 26.64 9.07
N ASN C 152 11.34 26.51 8.07
CA ASN C 152 10.42 27.61 7.83
C ASN C 152 9.25 27.56 8.83
N ASP C 153 8.50 28.67 8.95
CA ASP C 153 7.40 28.84 9.89
C ASP C 153 6.20 27.95 9.61
N ASP C 154 5.92 27.68 8.30
CA ASP C 154 4.80 26.85 7.85
C ASP C 154 4.98 25.35 8.14
N VAL C 155 6.25 24.86 8.26
CA VAL C 155 6.64 23.45 8.54
C VAL C 155 5.77 22.83 9.64
N PHE C 156 4.88 21.93 9.22
CA PHE C 156 3.93 21.24 10.07
C PHE C 156 4.05 19.72 9.92
N LEU C 157 4.16 19.03 11.04
CA LEU C 157 4.21 17.58 11.02
C LEU C 157 2.89 17.13 11.67
N THR C 158 1.94 16.66 10.83
CA THR C 158 0.58 16.23 11.22
C THR C 158 0.59 15.41 12.50
N GLY C 159 -0.15 15.89 13.50
CA GLY C 159 -0.27 15.23 14.79
C GLY C 159 0.89 15.43 15.74
N TRP C 160 1.84 16.31 15.39
CA TRP C 160 3.01 16.59 16.21
C TRP C 160 3.28 18.07 16.31
N ASP C 161 3.89 18.48 17.43
CA ASP C 161 4.30 19.85 17.68
C ASP C 161 5.81 19.91 17.54
N ILE C 162 6.31 20.72 16.59
CA ILE C 162 7.74 20.87 16.35
C ILE C 162 8.36 21.87 17.32
N GLU C 163 9.24 21.36 18.19
CA GLU C 163 9.93 22.16 19.21
C GLU C 163 11.13 22.92 18.64
N SER C 164 12.19 22.19 18.24
CA SER C 164 13.43 22.82 17.75
C SER C 164 14.26 21.97 16.79
N PHE C 165 14.80 22.61 15.74
CA PHE C 165 15.72 21.96 14.83
C PHE C 165 17.09 22.57 15.09
N THR C 166 17.92 21.80 15.81
CA THR C 166 19.27 22.18 16.23
C THR C 166 20.30 21.17 15.72
N ALA C 167 21.59 21.51 15.79
CA ALA C 167 22.67 20.63 15.35
C ALA C 167 23.79 20.55 16.38
N VAL C 168 24.31 19.34 16.61
CA VAL C 168 25.43 19.10 17.53
C VAL C 168 26.65 19.63 16.77
N VAL C 169 27.16 20.81 17.21
CA VAL C 169 28.28 21.56 16.62
C VAL C 169 29.57 20.75 16.49
N LYS C 170 29.85 19.88 17.48
CA LYS C 170 31.04 19.02 17.49
C LYS C 170 30.77 17.68 16.74
N PRO C 171 31.44 17.45 15.59
CA PRO C 171 31.23 16.19 14.86
C PRO C 171 31.92 15.00 15.52
N ALA C 172 31.39 13.81 15.29
CA ALA C 172 31.99 12.59 15.82
C ALA C 172 32.85 11.98 14.72
N ASN C 173 34.17 12.28 14.75
CA ASN C 173 35.16 11.79 13.79
C ASN C 173 35.68 10.44 14.26
N PHE C 174 35.65 9.44 13.37
CA PHE C 174 36.03 8.05 13.68
C PHE C 174 36.64 7.33 12.49
N ALA C 175 37.24 6.17 12.78
CA ALA C 175 37.88 5.34 11.78
C ALA C 175 36.91 4.28 11.29
N LEU C 176 36.77 4.19 9.98
CA LEU C 176 35.91 3.21 9.34
C LEU C 176 36.62 2.71 8.08
N GLU C 177 36.78 1.37 7.97
CA GLU C 177 37.43 0.65 6.86
C GLU C 177 38.74 1.32 6.38
N ASP C 178 39.63 1.67 7.35
CA ASP C 178 40.98 2.27 7.22
C ASP C 178 40.99 3.79 6.94
N ARG C 179 39.83 4.43 6.64
CA ARG C 179 39.75 5.88 6.38
C ARG C 179 38.93 6.64 7.44
N LEU C 180 39.27 7.93 7.65
CA LEU C 180 38.59 8.80 8.62
C LEU C 180 37.23 9.26 8.11
N GLU C 181 36.25 9.35 9.00
CA GLU C 181 34.89 9.81 8.67
C GLU C 181 34.38 10.85 9.68
N SER C 182 33.89 12.00 9.20
CA SER C 182 33.34 13.07 10.05
C SER C 182 31.82 13.02 9.98
N LYS C 183 31.16 12.69 11.11
CA LYS C 183 29.69 12.55 11.22
C LYS C 183 29.08 13.68 12.05
N LEU C 184 27.98 14.28 11.56
CA LEU C 184 27.25 15.36 12.22
C LEU C 184 25.82 14.97 12.58
N ASP C 185 25.30 15.46 13.71
CA ASP C 185 23.96 15.14 14.17
C ASP C 185 22.98 16.32 14.18
N TYR C 186 21.99 16.27 13.29
CA TYR C 186 20.94 17.29 13.22
C TYR C 186 19.72 16.73 13.94
N GLN C 187 19.33 17.37 15.05
CA GLN C 187 18.22 16.92 15.90
C GLN C 187 16.94 17.75 15.75
N LEU C 188 15.84 17.05 15.39
CA LEU C 188 14.51 17.62 15.26
C LEU C 188 13.64 17.11 16.42
N ARG C 189 13.50 17.94 17.45
CA ARG C 189 12.74 17.63 18.65
C ARG C 189 11.25 17.92 18.43
N ILE C 190 10.42 16.93 18.74
CA ILE C 190 8.97 16.98 18.56
C ILE C 190 8.25 16.39 19.77
N SER C 191 7.00 16.79 19.98
CA SER C 191 6.13 16.32 21.04
C SER C 191 4.80 15.96 20.38
N ARG C 192 4.18 14.87 20.82
CA ARG C 192 2.92 14.42 20.23
C ARG C 192 1.71 15.24 20.69
N GLN C 193 0.79 15.49 19.74
CA GLN C 193 -0.50 16.16 19.96
C GLN C 193 -1.48 15.08 20.44
N TYR C 194 -1.57 14.90 21.77
CA TYR C 194 -2.39 13.89 22.44
C TYR C 194 -3.89 14.24 22.60
N PHE C 195 -4.34 15.40 22.06
CA PHE C 195 -5.74 15.84 22.19
C PHE C 195 -6.75 14.79 21.70
N SER C 196 -6.71 14.47 20.39
CA SER C 196 -7.57 13.53 19.67
C SER C 196 -7.77 12.18 20.39
N TYR C 197 -6.75 11.70 21.14
CA TYR C 197 -6.77 10.42 21.87
C TYR C 197 -7.85 10.35 22.95
N ILE C 198 -8.05 11.45 23.68
CA ILE C 198 -9.05 11.56 24.76
C ILE C 198 -10.49 11.31 24.25
N PRO C 199 -11.07 12.09 23.29
CA PRO C 199 -12.45 11.83 22.88
C PRO C 199 -12.63 10.59 22.00
N ASN C 200 -11.58 10.22 21.24
CA ASN C 200 -11.66 9.10 20.32
C ASN C 200 -11.35 7.75 20.93
N ILE C 201 -10.28 7.65 21.75
CA ILE C 201 -9.89 6.34 22.30
C ILE C 201 -10.01 6.22 23.85
N ILE C 202 -9.40 7.14 24.64
CA ILE C 202 -9.35 7.09 26.11
C ILE C 202 -10.74 7.03 26.76
N LEU C 203 -11.58 8.07 26.55
CA LEU C 203 -12.93 8.16 27.13
C LEU C 203 -13.85 7.03 26.66
N PRO C 204 -14.00 6.70 25.34
CA PRO C 204 -14.88 5.58 24.96
C PRO C 204 -14.45 4.27 25.61
N MET C 205 -13.13 4.06 25.75
CA MET C 205 -12.56 2.87 26.39
C MET C 205 -12.92 2.83 27.86
N LEU C 206 -13.09 3.99 28.50
CA LEU C 206 -13.46 4.08 29.90
C LEU C 206 -14.95 3.83 30.10
N PHE C 207 -15.79 4.37 29.18
CA PHE C 207 -17.25 4.18 29.20
C PHE C 207 -17.60 2.71 29.16
N ILE C 208 -17.01 1.97 28.19
CA ILE C 208 -17.24 0.52 28.03
C ILE C 208 -16.77 -0.27 29.26
N LEU C 209 -15.71 0.22 29.97
CA LEU C 209 -15.25 -0.42 31.20
C LEU C 209 -16.26 -0.17 32.34
N PHE C 210 -16.80 1.06 32.44
CA PHE C 210 -17.79 1.40 33.48
C PHE C 210 -19.09 0.68 33.23
N ILE C 211 -19.48 0.52 31.94
CA ILE C 211 -20.70 -0.20 31.55
C ILE C 211 -20.65 -1.64 32.08
N SER C 212 -19.44 -2.28 32.03
CA SER C 212 -19.23 -3.63 32.58
C SER C 212 -19.46 -3.66 34.09
N TRP C 213 -19.15 -2.54 34.80
CA TRP C 213 -19.30 -2.43 36.26
C TRP C 213 -20.77 -2.25 36.73
N THR C 214 -21.74 -2.14 35.79
CA THR C 214 -23.15 -2.06 36.19
C THR C 214 -23.62 -3.45 36.65
N ALA C 215 -22.81 -4.49 36.37
CA ALA C 215 -23.05 -5.88 36.77
C ALA C 215 -22.91 -6.06 38.30
N PHE C 216 -22.46 -4.99 39.00
CA PHE C 216 -22.37 -4.98 40.46
C PHE C 216 -23.70 -4.50 41.07
N TRP C 217 -24.52 -3.78 40.28
CA TRP C 217 -25.85 -3.33 40.69
C TRP C 217 -26.93 -4.21 40.05
N SER C 218 -26.60 -5.50 39.85
CA SER C 218 -27.49 -6.50 39.27
C SER C 218 -27.16 -7.90 39.78
N THR C 219 -28.20 -8.72 39.98
CA THR C 219 -28.13 -10.11 40.46
C THR C 219 -28.37 -11.11 39.32
N SER C 220 -28.86 -10.62 38.16
CA SER C 220 -29.16 -11.44 37.00
C SER C 220 -27.90 -11.90 36.31
N TYR C 221 -27.55 -13.19 36.49
CA TYR C 221 -26.36 -13.79 35.90
C TYR C 221 -26.35 -13.65 34.40
N GLU C 222 -27.46 -14.03 33.73
CA GLU C 222 -27.61 -13.95 32.27
C GLU C 222 -27.38 -12.54 31.73
N ALA C 223 -27.85 -11.49 32.47
CA ALA C 223 -27.66 -10.09 32.11
C ALA C 223 -26.21 -9.67 32.37
N ASN C 224 -25.67 -10.02 33.56
CA ASN C 224 -24.29 -9.74 33.96
C ASN C 224 -23.28 -10.34 33.00
N VAL C 225 -23.51 -11.60 32.57
CA VAL C 225 -22.65 -12.28 31.61
C VAL C 225 -22.61 -11.44 30.33
N THR C 226 -23.79 -11.08 29.79
CA THR C 226 -23.95 -10.24 28.59
C THR C 226 -23.21 -8.90 28.76
N LEU C 227 -23.36 -8.25 29.94
CA LEU C 227 -22.69 -6.99 30.26
C LEU C 227 -21.17 -7.09 30.20
N VAL C 228 -20.57 -7.95 31.04
CA VAL C 228 -19.12 -8.08 31.17
C VAL C 228 -18.48 -8.61 29.86
N VAL C 229 -19.07 -9.60 29.21
CA VAL C 229 -18.55 -10.21 27.98
C VAL C 229 -18.66 -9.29 26.76
N SER C 230 -19.83 -8.66 26.53
CA SER C 230 -20.03 -7.77 25.38
C SER C 230 -19.08 -6.59 25.41
N THR C 231 -18.96 -5.95 26.59
CA THR C 231 -18.02 -4.84 26.82
C THR C 231 -16.55 -5.27 26.66
N LEU C 232 -16.23 -6.57 26.93
CA LEU C 232 -14.89 -7.12 26.71
C LEU C 232 -14.62 -7.19 25.20
N ILE C 233 -15.67 -7.55 24.39
CA ILE C 233 -15.56 -7.60 22.92
C ILE C 233 -15.29 -6.17 22.38
N ALA C 234 -15.98 -5.15 22.95
CA ALA C 234 -15.78 -3.74 22.62
C ALA C 234 -14.32 -3.34 22.93
N HIS C 235 -13.80 -3.79 24.09
CA HIS C 235 -12.42 -3.52 24.50
C HIS C 235 -11.40 -4.16 23.60
N ILE C 236 -11.70 -5.37 23.07
CA ILE C 236 -10.81 -6.05 22.12
C ILE C 236 -10.74 -5.19 20.87
N ALA C 237 -11.91 -4.64 20.38
CA ALA C 237 -12.01 -3.75 19.21
C ALA C 237 -11.11 -2.49 19.33
N PHE C 238 -11.02 -1.95 20.55
CA PHE C 238 -10.18 -0.80 20.87
C PHE C 238 -8.72 -1.14 21.03
N CYS C 239 -8.34 -2.29 21.64
CA CYS C 239 -6.92 -2.69 21.78
C CYS C 239 -6.28 -2.96 20.45
N ILE C 240 -6.99 -3.70 19.57
CA ILE C 240 -6.52 -4.04 18.24
C ILE C 240 -6.32 -2.74 17.41
N LEU C 241 -7.20 -1.73 17.63
CA LEU C 241 -7.14 -0.42 16.97
C LEU C 241 -5.89 0.35 17.36
N VAL C 242 -5.51 0.32 18.66
CA VAL C 242 -4.34 1.05 19.16
C VAL C 242 -3.03 0.33 18.85
N GLU C 243 -2.94 -1.00 19.14
CA GLU C 243 -1.73 -1.81 18.94
C GLU C 243 -1.27 -1.88 17.46
N THR C 244 -2.16 -1.55 16.49
CA THR C 244 -1.85 -1.53 15.05
C THR C 244 -1.15 -0.24 14.63
N ASN C 245 -1.50 0.91 15.24
CA ASN C 245 -0.88 2.22 14.99
C ASN C 245 0.52 2.31 15.68
N LEU C 246 0.94 1.23 16.40
CA LEU C 246 2.21 1.12 17.13
C LEU C 246 3.05 -0.08 16.69
N PRO C 247 4.41 0.05 16.69
CA PRO C 247 5.25 -1.13 16.36
C PRO C 247 5.45 -2.05 17.57
N LYS C 248 5.95 -3.27 17.31
CA LYS C 248 6.18 -4.26 18.36
C LYS C 248 7.49 -3.94 19.10
N THR C 249 7.30 -3.27 20.24
CA THR C 249 8.34 -2.79 21.13
C THR C 249 8.79 -3.88 22.12
N PRO C 250 10.10 -4.01 22.39
CA PRO C 250 10.55 -5.01 23.38
C PRO C 250 10.39 -4.53 24.82
N TYR C 251 9.72 -3.38 25.00
CA TYR C 251 9.46 -2.72 26.28
C TYR C 251 7.98 -2.42 26.44
N MET C 252 7.55 -2.10 27.67
CA MET C 252 6.16 -1.75 27.92
C MET C 252 5.94 -0.27 27.60
N THR C 253 4.83 0.02 26.91
CA THR C 253 4.41 1.39 26.58
C THR C 253 3.36 1.81 27.63
N TYR C 254 3.12 3.13 27.78
CA TYR C 254 2.15 3.65 28.74
C TYR C 254 0.75 3.16 28.42
N THR C 255 0.42 3.12 27.12
CA THR C 255 -0.85 2.65 26.58
C THR C 255 -0.96 1.14 26.76
N GLY C 256 0.10 0.43 26.44
CA GLY C 256 0.18 -1.03 26.53
C GLY C 256 -0.11 -1.54 27.93
N ALA C 257 0.44 -0.82 28.93
CA ALA C 257 0.26 -1.08 30.36
C ALA C 257 -1.21 -0.96 30.73
N ILE C 258 -1.85 0.19 30.38
CA ILE C 258 -3.25 0.50 30.63
C ILE C 258 -4.16 -0.57 30.01
N ILE C 259 -4.00 -0.79 28.68
CA ILE C 259 -4.67 -1.78 27.84
C ILE C 259 -4.68 -3.15 28.53
N PHE C 260 -3.49 -3.59 29.03
CA PHE C 260 -3.31 -4.87 29.71
C PHE C 260 -3.96 -4.88 31.07
N MET C 261 -3.81 -3.79 31.84
CA MET C 261 -4.41 -3.64 33.17
C MET C 261 -5.95 -3.73 33.08
N ILE C 262 -6.54 -3.15 32.00
CA ILE C 262 -7.97 -3.19 31.71
C ILE C 262 -8.42 -4.63 31.45
N TYR C 263 -7.61 -5.44 30.71
CA TYR C 263 -7.89 -6.85 30.46
C TYR C 263 -8.01 -7.64 31.77
N LEU C 264 -7.32 -7.21 32.83
CA LEU C 264 -7.42 -7.86 34.14
C LEU C 264 -8.74 -7.48 34.82
N PHE C 265 -9.13 -6.18 34.72
CA PHE C 265 -10.38 -5.66 35.28
C PHE C 265 -11.62 -6.34 34.69
N TYR C 266 -11.48 -6.86 33.45
CA TYR C 266 -12.52 -7.61 32.75
C TYR C 266 -12.53 -9.03 33.26
N PHE C 267 -11.34 -9.60 33.49
CA PHE C 267 -11.19 -10.95 33.99
C PHE C 267 -11.73 -11.09 35.43
N VAL C 268 -11.29 -10.20 36.34
CA VAL C 268 -11.71 -10.17 37.74
C VAL C 268 -13.22 -9.88 37.86
N ALA C 269 -13.78 -9.08 36.91
CA ALA C 269 -15.21 -8.78 36.85
C ALA C 269 -15.99 -10.03 36.52
N VAL C 270 -15.46 -10.91 35.62
CA VAL C 270 -16.08 -12.19 35.29
C VAL C 270 -16.05 -13.08 36.54
N ILE C 271 -14.90 -13.15 37.23
CA ILE C 271 -14.74 -13.93 38.46
C ILE C 271 -15.85 -13.56 39.46
N GLU C 272 -16.00 -12.23 39.74
CA GLU C 272 -17.02 -11.70 40.65
C GLU C 272 -18.41 -12.14 40.22
N VAL C 273 -18.73 -11.97 38.91
CA VAL C 273 -20.02 -12.31 38.32
C VAL C 273 -20.31 -13.81 38.49
N THR C 274 -19.27 -14.65 38.34
CA THR C 274 -19.34 -16.10 38.48
C THR C 274 -19.60 -16.47 39.96
N VAL C 275 -18.83 -15.84 40.90
CA VAL C 275 -18.91 -16.05 42.34
C VAL C 275 -20.30 -15.66 42.89
N GLN C 276 -20.75 -14.41 42.61
CA GLN C 276 -22.06 -13.88 42.99
C GLN C 276 -23.16 -14.89 42.58
N HIS C 277 -23.12 -15.40 41.34
CA HIS C 277 -24.08 -16.40 40.88
C HIS C 277 -23.91 -17.73 41.58
N TYR C 278 -22.66 -18.19 41.80
CA TYR C 278 -22.41 -19.47 42.46
C TYR C 278 -23.00 -19.53 43.88
N LEU C 279 -22.81 -18.45 44.67
CA LEU C 279 -23.33 -18.33 46.03
C LEU C 279 -24.85 -18.23 46.04
N LYS C 280 -25.43 -17.48 45.06
CA LYS C 280 -26.87 -17.32 44.87
C LYS C 280 -27.53 -18.68 44.63
N VAL C 281 -26.91 -19.52 43.76
CA VAL C 281 -27.39 -20.88 43.44
C VAL C 281 -27.19 -21.82 44.66
N GLU C 282 -26.11 -21.58 45.45
CA GLU C 282 -25.77 -22.36 46.65
C GLU C 282 -26.56 -21.92 47.91
N SER C 283 -27.67 -21.17 47.72
CA SER C 283 -28.60 -20.66 48.73
C SER C 283 -27.93 -19.93 49.90
N GLN C 284 -27.19 -18.85 49.57
CA GLN C 284 -26.53 -17.96 50.52
C GLN C 284 -26.36 -16.53 49.93
N PRO C 285 -27.46 -15.86 49.50
CA PRO C 285 -27.34 -14.51 48.91
C PRO C 285 -26.90 -13.41 49.88
N ALA C 286 -26.66 -13.76 51.14
CA ALA C 286 -26.17 -12.80 52.12
C ALA C 286 -24.66 -12.65 51.91
N ARG C 287 -24.02 -13.72 51.40
CA ARG C 287 -22.59 -13.81 51.09
C ARG C 287 -22.28 -13.17 49.72
N ALA C 288 -23.16 -13.42 48.73
CA ALA C 288 -23.06 -12.92 47.37
C ALA C 288 -23.27 -11.40 47.35
N ALA C 289 -24.34 -10.89 47.98
CA ALA C 289 -24.64 -9.45 48.04
C ALA C 289 -23.55 -8.64 48.71
N SER C 290 -22.84 -9.23 49.69
CA SER C 290 -21.76 -8.55 50.40
C SER C 290 -20.53 -8.34 49.52
N ILE C 291 -20.20 -9.35 48.69
CA ILE C 291 -19.09 -9.32 47.72
C ILE C 291 -19.43 -8.31 46.62
N THR C 292 -20.66 -8.41 46.06
CA THR C 292 -21.17 -7.53 45.01
C THR C 292 -21.19 -6.08 45.47
N ARG C 293 -21.54 -5.84 46.74
CA ARG C 293 -21.56 -4.49 47.33
C ARG C 293 -20.15 -3.96 47.54
N ALA C 294 -19.20 -4.87 47.84
CA ALA C 294 -17.79 -4.51 48.06
C ALA C 294 -17.14 -4.11 46.74
N SER C 295 -17.41 -4.86 45.65
CA SER C 295 -16.92 -4.65 44.28
C SER C 295 -17.42 -3.35 43.66
N ARG C 296 -18.53 -2.77 44.17
CA ARG C 296 -19.10 -1.48 43.77
C ARG C 296 -18.12 -0.33 44.08
N ILE C 297 -17.30 -0.51 45.15
CA ILE C 297 -16.30 0.42 45.63
C ILE C 297 -14.90 -0.08 45.29
N ALA C 298 -14.64 -1.41 45.42
CA ALA C 298 -13.36 -2.06 45.16
C ALA C 298 -12.83 -1.85 43.74
N PHE C 299 -13.66 -2.11 42.72
CA PHE C 299 -13.28 -1.95 41.32
C PHE C 299 -12.92 -0.49 40.96
N PRO C 300 -13.75 0.57 41.23
CA PRO C 300 -13.31 1.94 40.91
C PRO C 300 -12.06 2.41 41.68
N VAL C 301 -11.92 2.00 42.96
CA VAL C 301 -10.79 2.35 43.83
C VAL C 301 -9.49 1.73 43.33
N VAL C 302 -9.46 0.37 43.18
CA VAL C 302 -8.29 -0.37 42.69
C VAL C 302 -7.90 0.14 41.30
N PHE C 303 -8.88 0.50 40.45
CA PHE C 303 -8.61 1.04 39.12
C PHE C 303 -7.92 2.40 39.19
N LEU C 304 -8.50 3.32 39.99
CA LEU C 304 -7.98 4.67 40.21
C LEU C 304 -6.57 4.65 40.79
N LEU C 305 -6.31 3.73 41.77
CA LEU C 305 -4.99 3.57 42.40
C LEU C 305 -3.96 2.99 41.43
N ALA C 306 -4.33 1.93 40.69
CA ALA C 306 -3.47 1.27 39.70
C ALA C 306 -3.09 2.20 38.55
N ASN C 307 -3.96 3.16 38.21
CA ASN C 307 -3.69 4.17 37.18
C ASN C 307 -2.66 5.19 37.67
N ILE C 308 -2.76 5.57 38.97
CA ILE C 308 -1.83 6.49 39.66
C ILE C 308 -0.46 5.81 39.74
N ILE C 309 -0.45 4.50 40.07
CA ILE C 309 0.75 3.67 40.15
C ILE C 309 1.47 3.65 38.79
N LEU C 310 0.73 3.34 37.70
CA LEU C 310 1.28 3.32 36.33
C LEU C 310 1.75 4.70 35.88
N ALA C 311 0.91 5.75 36.04
CA ALA C 311 1.25 7.12 35.67
C ALA C 311 2.52 7.60 36.38
N PHE C 312 2.74 7.11 37.62
CA PHE C 312 3.94 7.45 38.39
C PHE C 312 5.16 6.77 37.80
N LEU C 313 5.04 5.46 37.52
CA LEU C 313 6.13 4.66 36.95
C LEU C 313 6.55 5.14 35.57
N PHE C 314 5.60 5.70 34.79
CA PHE C 314 5.84 6.15 33.42
C PHE C 314 6.16 7.64 33.29
N PHE C 315 5.79 8.49 34.25
CA PHE C 315 6.05 9.93 34.12
C PHE C 315 6.76 10.59 35.32
N VAL D 5 25.96 30.19 -20.28
CA VAL D 5 24.59 30.33 -19.80
C VAL D 5 24.57 30.90 -18.38
N SER D 6 24.21 32.20 -18.28
CA SER D 6 24.12 32.99 -17.05
C SER D 6 22.92 33.96 -17.17
N PRO D 7 22.41 34.57 -16.06
CA PRO D 7 21.23 35.47 -16.19
C PRO D 7 21.42 36.67 -17.10
N PRO D 8 20.36 37.18 -17.76
CA PRO D 8 20.54 38.35 -18.64
C PRO D 8 20.90 39.62 -17.85
N PRO D 9 21.89 40.42 -18.29
CA PRO D 9 22.25 41.63 -17.54
C PRO D 9 21.14 42.67 -17.58
N PRO D 10 20.94 43.43 -16.48
CA PRO D 10 19.85 44.42 -16.47
C PRO D 10 20.21 45.71 -17.22
N ILE D 11 19.20 46.33 -17.87
CA ILE D 11 19.38 47.60 -18.61
C ILE D 11 19.73 48.71 -17.58
N ALA D 12 18.85 48.92 -16.60
CA ALA D 12 19.03 49.80 -15.48
C ALA D 12 19.22 48.87 -14.23
N ASP D 13 19.19 49.38 -13.00
CA ASP D 13 19.35 48.49 -11.83
C ASP D 13 18.00 47.94 -11.30
N GLU D 14 17.28 47.17 -12.15
CA GLU D 14 15.96 46.59 -11.84
C GLU D 14 15.98 45.04 -11.73
N PRO D 15 15.10 44.42 -10.91
CA PRO D 15 15.10 42.95 -10.83
C PRO D 15 14.33 42.30 -11.98
N LEU D 16 14.70 41.07 -12.35
CA LEU D 16 14.06 40.34 -13.44
C LEU D 16 12.68 39.78 -13.07
N THR D 17 11.63 40.25 -13.76
CA THR D 17 10.27 39.79 -13.52
C THR D 17 9.99 38.59 -14.44
N VAL D 18 9.58 37.47 -13.82
CA VAL D 18 9.25 36.24 -14.52
C VAL D 18 7.73 36.04 -14.42
N ASN D 19 7.05 36.11 -15.57
CA ASN D 19 5.60 35.96 -15.68
C ASN D 19 5.18 34.49 -15.71
N THR D 20 4.58 34.05 -14.60
CA THR D 20 4.12 32.69 -14.35
C THR D 20 2.64 32.48 -14.72
N GLY D 21 2.27 31.20 -14.85
CA GLY D 21 0.90 30.79 -15.16
C GLY D 21 0.73 29.28 -15.10
N ILE D 22 -0.12 28.79 -14.17
CA ILE D 22 -0.40 27.37 -14.01
C ILE D 22 -1.77 27.04 -14.60
N TYR D 23 -1.84 26.05 -15.51
CA TYR D 23 -3.09 25.61 -16.11
C TYR D 23 -3.32 24.13 -15.78
N LEU D 24 -4.21 23.83 -14.80
CA LEU D 24 -4.51 22.48 -14.34
C LEU D 24 -5.16 21.60 -15.41
N ILE D 25 -4.53 20.46 -15.68
CA ILE D 25 -5.00 19.47 -16.65
C ILE D 25 -5.71 18.37 -15.86
N GLU D 26 -5.10 17.90 -14.75
CA GLU D 26 -5.63 16.84 -13.90
C GLU D 26 -5.50 17.18 -12.43
N CYS D 27 -6.53 16.81 -11.68
CA CYS D 27 -6.58 16.94 -10.24
C CYS D 27 -7.11 15.64 -9.75
N TYR D 28 -6.32 14.97 -8.92
CA TYR D 28 -6.67 13.63 -8.42
C TYR D 28 -5.98 13.31 -7.11
N SER D 29 -6.35 12.16 -6.52
CA SER D 29 -5.76 11.59 -5.31
C SER D 29 -5.58 12.60 -4.14
N LEU D 30 -6.71 13.12 -3.62
CA LEU D 30 -6.67 14.00 -2.45
C LEU D 30 -6.73 13.10 -1.21
N ASP D 31 -5.56 12.86 -0.60
CA ASP D 31 -5.41 12.05 0.61
C ASP D 31 -5.70 12.93 1.80
N ASP D 32 -6.82 12.69 2.47
CA ASP D 32 -7.24 13.46 3.64
C ASP D 32 -6.31 13.24 4.83
N LYS D 33 -6.00 11.97 5.14
CA LYS D 33 -5.10 11.54 6.22
C LYS D 33 -3.69 12.13 6.05
N ALA D 34 -3.15 12.14 4.81
CA ALA D 34 -1.82 12.65 4.48
C ALA D 34 -1.77 14.15 4.12
N GLU D 35 -2.96 14.78 3.94
CA GLU D 35 -3.15 16.19 3.55
C GLU D 35 -2.36 16.53 2.25
N THR D 36 -2.44 15.62 1.26
CA THR D 36 -1.79 15.76 -0.04
C THR D 36 -2.83 15.64 -1.14
N PHE D 37 -2.43 15.97 -2.39
CA PHE D 37 -3.22 15.87 -3.61
C PHE D 37 -2.28 15.88 -4.79
N LYS D 38 -2.59 15.08 -5.80
CA LYS D 38 -1.77 15.00 -6.99
C LYS D 38 -2.33 15.94 -8.04
N VAL D 39 -1.42 16.58 -8.78
CA VAL D 39 -1.75 17.53 -9.83
C VAL D 39 -0.94 17.26 -11.10
N ASN D 40 -1.57 17.48 -12.26
CA ASN D 40 -0.93 17.38 -13.56
C ASN D 40 -1.33 18.70 -14.23
N ALA D 41 -0.34 19.57 -14.55
CA ALA D 41 -0.61 20.91 -15.08
C ALA D 41 0.45 21.44 -16.00
N PHE D 42 0.11 22.54 -16.69
CA PHE D 42 1.02 23.28 -17.56
C PHE D 42 1.62 24.38 -16.71
N LEU D 43 2.93 24.60 -16.86
CA LEU D 43 3.62 25.69 -16.19
C LEU D 43 4.15 26.58 -17.30
N SER D 44 3.70 27.84 -17.35
CA SER D 44 4.12 28.80 -18.38
C SER D 44 4.92 29.94 -17.76
N LEU D 45 6.17 30.11 -18.24
CA LEU D 45 7.09 31.15 -17.76
C LEU D 45 7.42 32.15 -18.89
N SER D 46 7.72 33.42 -18.52
CA SER D 46 8.06 34.50 -19.46
C SER D 46 8.97 35.57 -18.86
N TRP D 47 10.15 35.79 -19.48
CA TRP D 47 11.14 36.78 -19.05
C TRP D 47 11.78 37.50 -20.24
N LYS D 48 12.46 38.65 -19.99
CA LYS D 48 13.15 39.46 -20.99
C LYS D 48 14.68 39.21 -20.98
N ASP D 49 15.17 38.46 -21.98
CA ASP D 49 16.59 38.14 -22.17
C ASP D 49 17.02 38.86 -23.45
N ARG D 50 17.60 40.06 -23.29
CA ARG D 50 18.05 40.94 -24.36
C ARG D 50 19.14 40.34 -25.25
N ARG D 51 19.93 39.40 -24.70
CA ARG D 51 21.02 38.70 -25.41
C ARG D 51 20.48 37.80 -26.55
N LEU D 52 19.18 37.44 -26.53
CA LEU D 52 18.52 36.58 -27.51
C LEU D 52 17.72 37.36 -28.56
N ALA D 53 17.58 38.70 -28.38
CA ALA D 53 16.86 39.60 -29.30
C ALA D 53 17.43 39.54 -30.72
N PHE D 54 16.55 39.70 -31.73
CA PHE D 54 16.94 39.63 -33.15
C PHE D 54 16.10 40.54 -34.07
N ASP D 55 16.62 40.84 -35.26
CA ASP D 55 15.94 41.64 -36.29
C ASP D 55 15.09 40.69 -37.15
N PRO D 56 13.77 40.96 -37.32
CA PRO D 56 12.94 40.03 -38.10
C PRO D 56 13.12 40.06 -39.62
N VAL D 57 13.73 41.16 -40.16
CA VAL D 57 13.96 41.37 -41.60
C VAL D 57 14.98 40.38 -42.17
N ARG D 58 16.26 40.47 -41.72
CA ARG D 58 17.36 39.62 -42.17
C ARG D 58 17.24 38.15 -41.74
N SER D 59 16.40 37.86 -40.73
CA SER D 59 16.16 36.51 -40.22
C SER D 59 15.14 35.77 -41.08
N GLY D 60 14.05 36.45 -41.45
CA GLY D 60 12.96 35.89 -42.24
C GLY D 60 11.99 35.07 -41.42
N VAL D 61 12.08 35.20 -40.07
CA VAL D 61 11.25 34.49 -39.08
C VAL D 61 10.79 35.42 -37.96
N ARG D 62 9.53 35.23 -37.49
CA ARG D 62 8.90 36.01 -36.42
C ARG D 62 9.29 35.52 -35.01
N VAL D 63 9.72 34.23 -34.91
CA VAL D 63 10.08 33.58 -33.65
C VAL D 63 11.26 32.60 -33.82
N LYS D 64 12.02 32.38 -32.74
CA LYS D 64 13.16 31.47 -32.73
C LYS D 64 12.98 30.43 -31.62
N THR D 65 12.96 29.15 -32.01
CA THR D 65 12.82 28.01 -31.10
C THR D 65 14.19 27.64 -30.53
N TYR D 66 14.25 27.38 -29.22
CA TYR D 66 15.47 26.98 -28.52
C TYR D 66 15.30 25.72 -27.70
N GLU D 67 16.40 24.99 -27.49
CA GLU D 67 16.41 23.79 -26.66
C GLU D 67 16.70 24.28 -25.24
N PRO D 68 16.19 23.60 -24.16
CA PRO D 68 16.42 24.11 -22.79
C PRO D 68 17.87 24.44 -22.42
N GLU D 69 18.81 23.56 -22.80
CA GLU D 69 20.24 23.68 -22.56
C GLU D 69 20.91 24.85 -23.28
N ALA D 70 20.33 25.28 -24.42
CA ALA D 70 20.87 26.38 -25.24
C ALA D 70 20.79 27.75 -24.55
N ILE D 71 19.65 28.07 -23.92
CA ILE D 71 19.43 29.37 -23.28
C ILE D 71 19.32 29.30 -21.76
N TRP D 72 19.46 30.47 -21.09
CA TRP D 72 19.32 30.58 -19.63
C TRP D 72 17.84 30.55 -19.30
N ILE D 73 17.44 29.63 -18.40
CA ILE D 73 16.06 29.47 -17.94
C ILE D 73 16.05 29.58 -16.40
N PRO D 74 15.16 30.43 -15.81
CA PRO D 74 15.15 30.59 -14.34
C PRO D 74 14.82 29.31 -13.58
N GLU D 75 15.52 29.11 -12.45
CA GLU D 75 15.31 27.94 -11.60
C GLU D 75 14.05 28.10 -10.75
N ILE D 76 12.88 27.79 -11.36
CA ILE D 76 11.55 27.84 -10.75
C ILE D 76 11.29 26.51 -10.10
N ARG D 77 10.88 26.52 -8.83
CA ARG D 77 10.62 25.28 -8.11
C ARG D 77 9.39 25.47 -7.23
N PHE D 78 8.75 24.35 -6.83
CA PHE D 78 7.57 24.39 -5.99
C PHE D 78 8.01 24.21 -4.56
N VAL D 79 7.34 24.93 -3.64
CA VAL D 79 7.69 24.90 -2.21
C VAL D 79 7.09 23.70 -1.52
N ASN D 80 5.74 23.56 -1.60
CA ASN D 80 5.01 22.52 -0.89
C ASN D 80 4.81 21.23 -1.70
N VAL D 81 5.93 20.64 -2.15
CA VAL D 81 5.90 19.37 -2.88
C VAL D 81 6.71 18.30 -2.13
N GLU D 82 6.37 17.00 -2.36
CA GLU D 82 7.05 15.87 -1.74
C GLU D 82 8.44 15.70 -2.36
N ASN D 83 8.50 15.54 -3.70
CA ASN D 83 9.74 15.44 -4.48
C ASN D 83 9.67 16.45 -5.62
N ALA D 84 10.77 16.63 -6.36
CA ALA D 84 10.82 17.56 -7.49
C ALA D 84 9.86 17.10 -8.58
N ARG D 85 9.08 18.05 -9.11
CA ARG D 85 8.07 17.84 -10.17
C ARG D 85 8.58 17.09 -11.41
N ASP D 86 7.69 16.30 -12.04
CA ASP D 86 8.03 15.55 -13.25
C ASP D 86 7.68 16.41 -14.44
N ALA D 87 8.65 17.25 -14.88
CA ALA D 87 8.49 18.19 -15.98
C ALA D 87 8.98 17.69 -17.33
N ASP D 88 8.23 18.04 -18.38
CA ASP D 88 8.50 17.74 -19.79
C ASP D 88 8.33 19.08 -20.49
N VAL D 89 9.43 19.64 -21.04
CA VAL D 89 9.39 20.94 -21.74
C VAL D 89 8.58 20.79 -23.02
N VAL D 90 7.50 21.58 -23.12
CA VAL D 90 6.57 21.57 -24.25
C VAL D 90 7.10 22.44 -25.39
N ASP D 91 7.43 23.72 -25.10
CA ASP D 91 7.89 24.69 -26.08
C ASP D 91 8.59 25.91 -25.45
N ILE D 92 9.65 26.42 -26.12
CA ILE D 92 10.43 27.62 -25.76
C ILE D 92 10.46 28.52 -27.03
N SER D 93 9.76 29.67 -26.98
CA SER D 93 9.66 30.61 -28.10
C SER D 93 10.22 31.99 -27.74
N VAL D 94 11.11 32.54 -28.60
CA VAL D 94 11.73 33.85 -28.39
C VAL D 94 11.25 34.86 -29.43
N SER D 95 10.58 35.92 -28.95
CA SER D 95 10.05 37.03 -29.76
C SER D 95 11.22 37.92 -30.22
N PRO D 96 11.06 38.78 -31.27
CA PRO D 96 12.20 39.60 -31.73
C PRO D 96 12.85 40.52 -30.66
N ASP D 97 12.08 40.97 -29.65
CA ASP D 97 12.59 41.86 -28.59
C ASP D 97 13.37 41.12 -27.46
N GLY D 98 13.43 39.79 -27.54
CA GLY D 98 14.12 38.95 -26.58
C GLY D 98 13.26 38.37 -25.47
N THR D 99 11.92 38.51 -25.59
CA THR D 99 10.96 38.00 -24.60
C THR D 99 10.77 36.49 -24.80
N VAL D 100 11.26 35.70 -23.84
CA VAL D 100 11.18 34.25 -23.86
C VAL D 100 9.81 33.83 -23.36
N GLN D 101 9.21 32.80 -24.01
CA GLN D 101 7.92 32.20 -23.67
C GLN D 101 8.12 30.70 -23.52
N TYR D 102 8.34 30.28 -22.26
CA TYR D 102 8.60 28.90 -21.83
C TYR D 102 7.31 28.23 -21.39
N LEU D 103 7.16 26.95 -21.75
CA LEU D 103 6.03 26.11 -21.37
C LEU D 103 6.49 24.67 -21.16
N GLU D 104 6.03 24.09 -20.05
CA GLU D 104 6.32 22.72 -19.64
C GLU D 104 5.07 22.08 -19.08
N ARG D 105 4.99 20.75 -19.10
CA ARG D 105 3.86 20.05 -18.50
C ARG D 105 4.39 19.22 -17.35
N PHE D 106 3.99 19.56 -16.13
CA PHE D 106 4.47 18.89 -14.94
C PHE D 106 3.38 18.07 -14.25
N SER D 107 3.82 17.25 -13.29
CA SER D 107 2.98 16.46 -12.40
C SER D 107 3.70 16.42 -11.06
N ALA D 108 2.97 16.74 -9.96
CA ALA D 108 3.56 16.78 -8.61
C ALA D 108 2.55 16.45 -7.52
N ARG D 109 3.03 15.81 -6.42
CA ARG D 109 2.19 15.51 -5.25
C ARG D 109 2.38 16.69 -4.31
N VAL D 110 1.32 17.49 -4.16
CA VAL D 110 1.32 18.73 -3.38
C VAL D 110 0.91 18.49 -1.91
N LEU D 111 1.66 19.09 -0.99
CA LEU D 111 1.48 19.03 0.46
C LEU D 111 0.71 20.30 0.90
N SER D 112 -0.62 20.20 1.04
CA SER D 112 -1.44 21.33 1.48
C SER D 112 -2.30 20.95 2.69
N PRO D 113 -2.11 21.64 3.85
CA PRO D 113 -2.90 21.28 5.04
C PRO D 113 -4.40 21.51 4.87
N LEU D 114 -5.20 20.65 5.50
CA LEU D 114 -6.66 20.70 5.42
C LEU D 114 -7.25 20.95 6.81
N ASP D 115 -8.34 21.75 6.88
CA ASP D 115 -9.05 22.08 8.12
C ASP D 115 -10.29 21.21 8.24
N PHE D 116 -10.21 20.18 9.10
CA PHE D 116 -11.26 19.20 9.27
C PHE D 116 -12.34 19.56 10.28
N ARG D 117 -12.28 20.80 10.83
CA ARG D 117 -13.24 21.30 11.83
C ARG D 117 -14.72 21.12 11.42
N ARG D 118 -15.07 21.41 10.15
CA ARG D 118 -16.45 21.27 9.65
C ARG D 118 -16.72 20.02 8.78
N TYR D 119 -15.85 18.97 8.86
CA TYR D 119 -15.99 17.71 8.13
C TYR D 119 -17.29 16.96 8.51
N PRO D 120 -18.03 16.35 7.53
CA PRO D 120 -17.79 16.30 6.07
C PRO D 120 -18.52 17.41 5.30
N PHE D 121 -18.84 18.52 5.98
CA PHE D 121 -19.52 19.68 5.40
C PHE D 121 -18.50 20.82 5.28
N ASP D 122 -17.20 20.45 5.29
CA ASP D 122 -16.05 21.35 5.19
C ASP D 122 -15.71 21.76 3.77
N SER D 123 -15.04 22.90 3.64
CA SER D 123 -14.50 23.45 2.39
C SER D 123 -13.00 23.64 2.64
N GLN D 124 -12.20 23.60 1.54
CA GLN D 124 -10.74 23.71 1.62
C GLN D 124 -10.17 24.69 0.61
N THR D 125 -8.96 25.22 0.90
CA THR D 125 -8.19 26.11 0.01
C THR D 125 -6.82 25.44 -0.18
N LEU D 126 -6.64 24.79 -1.31
CA LEU D 126 -5.38 24.12 -1.63
C LEU D 126 -4.36 25.13 -2.16
N HIS D 127 -3.08 24.99 -1.79
CA HIS D 127 -2.05 25.93 -2.19
C HIS D 127 -0.99 25.28 -3.05
N ILE D 128 -0.47 26.03 -4.03
CA ILE D 128 0.60 25.62 -4.93
C ILE D 128 1.55 26.81 -4.92
N TYR D 129 2.69 26.67 -4.22
CA TYR D 129 3.67 27.74 -4.06
C TYR D 129 4.84 27.68 -5.04
N LEU D 130 4.95 28.71 -5.90
CA LEU D 130 6.06 28.84 -6.85
C LEU D 130 7.15 29.69 -6.22
N ILE D 131 8.39 29.22 -6.26
CA ILE D 131 9.49 29.96 -5.68
C ILE D 131 10.67 30.05 -6.65
N VAL D 132 11.42 31.18 -6.60
CA VAL D 132 12.63 31.43 -7.38
C VAL D 132 13.68 32.10 -6.50
N ARG D 133 14.88 31.51 -6.42
CA ARG D 133 15.95 32.07 -5.62
C ARG D 133 16.78 32.98 -6.49
N SER D 134 16.98 34.22 -6.03
CA SER D 134 17.74 35.24 -6.75
C SER D 134 19.22 34.91 -6.82
N VAL D 135 19.81 35.07 -8.01
CA VAL D 135 21.23 34.83 -8.30
C VAL D 135 22.09 36.00 -7.78
N ASP D 136 23.42 35.82 -7.75
CA ASP D 136 24.36 36.83 -7.29
C ASP D 136 24.40 38.07 -8.20
N THR D 137 24.45 37.85 -9.54
CA THR D 137 24.50 38.88 -10.58
C THR D 137 23.29 39.83 -10.51
N ARG D 138 22.06 39.29 -10.43
CA ARG D 138 20.83 40.10 -10.31
C ARG D 138 19.70 39.36 -9.57
N ASN D 139 18.71 40.14 -9.09
CA ASN D 139 17.55 39.65 -8.36
C ASN D 139 16.44 39.20 -9.28
N ILE D 140 15.76 38.10 -8.89
CA ILE D 140 14.64 37.52 -9.64
C ILE D 140 13.34 37.66 -8.84
N VAL D 141 12.32 38.23 -9.49
CA VAL D 141 10.99 38.48 -8.94
C VAL D 141 9.92 37.79 -9.80
N LEU D 142 8.94 37.13 -9.14
CA LEU D 142 7.84 36.42 -9.81
C LEU D 142 6.64 37.33 -10.05
N ALA D 143 5.88 37.07 -11.12
CA ALA D 143 4.69 37.83 -11.48
C ALA D 143 3.63 36.90 -12.04
N VAL D 144 2.34 37.24 -11.86
CA VAL D 144 1.22 36.43 -12.34
C VAL D 144 0.68 36.95 -13.68
N ASP D 145 0.67 36.06 -14.70
CA ASP D 145 0.07 36.37 -15.99
C ASP D 145 -1.30 35.72 -15.93
N LEU D 146 -2.32 36.49 -15.51
CA LEU D 146 -3.71 36.04 -15.32
C LEU D 146 -4.36 35.43 -16.57
N GLU D 147 -3.80 35.73 -17.75
CA GLU D 147 -4.22 35.21 -19.05
C GLU D 147 -3.87 33.73 -19.15
N LYS D 148 -2.74 33.33 -18.51
CA LYS D 148 -2.16 31.97 -18.51
C LYS D 148 -2.45 31.12 -17.23
N VAL D 149 -3.38 31.58 -16.37
CA VAL D 149 -3.80 30.87 -15.14
C VAL D 149 -5.23 30.33 -15.36
N GLY D 150 -5.39 29.01 -15.21
CA GLY D 150 -6.68 28.37 -15.40
C GLY D 150 -6.72 26.89 -15.04
N LYS D 151 -7.74 26.21 -15.57
CA LYS D 151 -8.04 24.78 -15.42
C LYS D 151 -8.99 24.36 -16.54
N ASN D 152 -8.91 23.09 -17.00
CA ASN D 152 -9.84 22.67 -18.03
C ASN D 152 -11.21 22.28 -17.42
N ASP D 153 -12.25 22.17 -18.25
CA ASP D 153 -13.62 21.88 -17.81
C ASP D 153 -13.81 20.47 -17.25
N ASP D 154 -13.07 19.48 -17.79
CA ASP D 154 -13.15 18.07 -17.36
C ASP D 154 -12.56 17.81 -15.97
N VAL D 155 -11.58 18.65 -15.50
CA VAL D 155 -10.90 18.56 -14.19
C VAL D 155 -11.92 18.24 -13.06
N PHE D 156 -11.83 17.00 -12.55
CA PHE D 156 -12.70 16.48 -11.52
C PHE D 156 -11.87 15.92 -10.35
N LEU D 157 -12.20 16.34 -9.14
CA LEU D 157 -11.54 15.82 -7.95
C LEU D 157 -12.61 15.00 -7.22
N THR D 158 -12.51 13.65 -7.33
CA THR D 158 -13.44 12.67 -6.77
C THR D 158 -13.87 13.04 -5.34
N GLY D 159 -15.17 13.19 -5.16
CA GLY D 159 -15.77 13.53 -3.87
C GLY D 159 -15.69 15.00 -3.48
N TRP D 160 -15.23 15.86 -4.42
CA TRP D 160 -15.11 17.29 -4.17
C TRP D 160 -15.64 18.11 -5.32
N ASP D 161 -16.11 19.32 -5.00
CA ASP D 161 -16.60 20.29 -5.98
C ASP D 161 -15.55 21.39 -6.10
N ILE D 162 -14.99 21.58 -7.31
CA ILE D 162 -13.95 22.57 -7.57
C ILE D 162 -14.58 23.93 -7.83
N GLU D 163 -14.33 24.88 -6.90
CA GLU D 163 -14.85 26.23 -6.97
C GLU D 163 -14.05 27.13 -7.91
N SER D 164 -12.78 27.46 -7.55
CA SER D 164 -11.95 28.36 -8.33
C SER D 164 -10.45 28.16 -8.19
N PHE D 165 -9.72 28.26 -9.31
CA PHE D 165 -8.26 28.23 -9.30
C PHE D 165 -7.79 29.64 -9.65
N THR D 166 -7.35 30.35 -8.61
CA THR D 166 -6.88 31.74 -8.66
C THR D 166 -5.45 31.87 -8.12
N ALA D 167 -4.80 33.02 -8.37
CA ALA D 167 -3.45 33.26 -7.89
C ALA D 167 -3.32 34.64 -7.23
N VAL D 168 -2.59 34.69 -6.09
CA VAL D 168 -2.30 35.93 -5.38
C VAL D 168 -1.26 36.64 -6.23
N VAL D 169 -1.68 37.71 -6.94
CA VAL D 169 -0.89 38.51 -7.90
C VAL D 169 0.40 39.09 -7.29
N LYS D 170 0.34 39.50 -6.00
CA LYS D 170 1.49 40.05 -5.29
C LYS D 170 2.34 38.96 -4.63
N PRO D 171 3.60 38.76 -5.08
CA PRO D 171 4.46 37.73 -4.48
C PRO D 171 5.01 38.17 -3.13
N ALA D 172 5.31 37.18 -2.26
CA ALA D 172 5.89 37.45 -0.95
C ALA D 172 7.40 37.26 -1.05
N ASN D 173 8.12 38.37 -1.28
CA ASN D 173 9.58 38.40 -1.40
C ASN D 173 10.21 38.51 -0.02
N PHE D 174 11.19 37.65 0.29
CA PHE D 174 11.83 37.56 1.60
C PHE D 174 13.28 37.08 1.52
N ALA D 175 14.01 37.25 2.61
CA ALA D 175 15.41 36.84 2.70
C ALA D 175 15.52 35.46 3.32
N LEU D 176 16.27 34.58 2.65
CA LEU D 176 16.49 33.21 3.09
C LEU D 176 17.92 32.81 2.74
N GLU D 177 18.69 32.37 3.76
CA GLU D 177 20.10 31.96 3.67
C GLU D 177 20.96 32.93 2.81
N ASP D 178 20.92 34.22 3.19
CA ASP D 178 21.66 35.36 2.63
C ASP D 178 21.28 35.72 1.16
N ARG D 179 20.15 35.22 0.65
CA ARG D 179 19.67 35.52 -0.71
C ARG D 179 18.18 35.82 -0.75
N LEU D 180 17.76 36.67 -1.69
CA LEU D 180 16.36 37.04 -1.87
C LEU D 180 15.58 35.90 -2.58
N GLU D 181 14.35 35.66 -2.12
CA GLU D 181 13.49 34.63 -2.69
C GLU D 181 12.06 35.14 -2.92
N SER D 182 11.57 35.10 -4.18
CA SER D 182 10.21 35.53 -4.53
C SER D 182 9.29 34.30 -4.53
N LYS D 183 8.22 34.32 -3.71
CA LYS D 183 7.24 33.23 -3.56
C LYS D 183 5.84 33.65 -4.03
N LEU D 184 5.16 32.78 -4.82
CA LEU D 184 3.80 33.02 -5.32
C LEU D 184 2.81 31.98 -4.81
N ASP D 185 1.54 32.38 -4.58
CA ASP D 185 0.51 31.50 -4.06
C ASP D 185 -0.64 31.23 -5.04
N TYR D 186 -0.73 29.98 -5.52
CA TYR D 186 -1.81 29.55 -6.40
C TYR D 186 -2.82 28.79 -5.52
N GLN D 187 -4.05 29.34 -5.42
CA GLN D 187 -5.10 28.78 -4.56
C GLN D 187 -6.22 28.04 -5.31
N LEU D 188 -6.42 26.77 -4.96
CA LEU D 188 -7.46 25.91 -5.49
C LEU D 188 -8.52 25.67 -4.42
N ARG D 189 -9.62 26.41 -4.51
CA ARG D 189 -10.73 26.35 -3.57
C ARG D 189 -11.68 25.22 -3.94
N ILE D 190 -11.98 24.36 -2.96
CA ILE D 190 -12.85 23.20 -3.10
C ILE D 190 -13.82 23.07 -1.93
N SER D 191 -14.94 22.40 -2.15
CA SER D 191 -15.97 22.13 -1.16
C SER D 191 -16.28 20.64 -1.24
N ARG D 192 -16.52 20.02 -0.09
CA ARG D 192 -16.79 18.59 -0.06
C ARG D 192 -18.18 18.24 -0.56
N GLN D 193 -18.28 17.05 -1.21
CA GLN D 193 -19.53 16.45 -1.65
C GLN D 193 -19.99 15.56 -0.48
N TYR D 194 -20.79 16.13 0.43
CA TYR D 194 -21.29 15.49 1.64
C TYR D 194 -22.53 14.57 1.45
N PHE D 195 -22.99 14.37 0.18
CA PHE D 195 -24.17 13.55 -0.11
C PHE D 195 -24.09 12.15 0.47
N SER D 196 -23.11 11.35 -0.02
CA SER D 196 -22.82 9.96 0.35
C SER D 196 -22.84 9.68 1.86
N TYR D 197 -22.41 10.65 2.68
CA TYR D 197 -22.34 10.56 4.15
C TYR D 197 -23.68 10.29 4.82
N ILE D 198 -24.75 10.95 4.33
CA ILE D 198 -26.11 10.82 4.86
C ILE D 198 -26.65 9.37 4.76
N PRO D 199 -26.77 8.72 3.57
CA PRO D 199 -27.31 7.35 3.54
C PRO D 199 -26.35 6.27 4.03
N ASN D 200 -25.04 6.52 3.91
CA ASN D 200 -24.03 5.54 4.29
C ASN D 200 -23.64 5.58 5.76
N ILE D 201 -23.40 6.78 6.33
CA ILE D 201 -22.92 6.87 7.70
C ILE D 201 -23.91 7.56 8.68
N ILE D 202 -24.37 8.80 8.40
CA ILE D 202 -25.25 9.60 9.30
C ILE D 202 -26.55 8.88 9.69
N LEU D 203 -27.42 8.54 8.72
CA LEU D 203 -28.69 7.87 8.97
C LEU D 203 -28.54 6.49 9.61
N PRO D 204 -27.68 5.55 9.11
CA PRO D 204 -27.54 4.26 9.82
C PRO D 204 -27.10 4.43 11.26
N MET D 205 -26.22 5.41 11.52
CA MET D 205 -25.73 5.74 12.86
C MET D 205 -26.87 6.25 13.75
N LEU D 206 -27.87 6.90 13.15
CA LEU D 206 -29.02 7.41 13.90
C LEU D 206 -30.01 6.30 14.20
N PHE D 207 -30.23 5.39 13.22
CA PHE D 207 -31.13 4.24 13.38
C PHE D 207 -30.70 3.39 14.56
N ILE D 208 -29.39 3.02 14.63
CA ILE D 208 -28.82 2.22 15.70
C ILE D 208 -28.94 2.92 17.07
N LEU D 209 -28.88 4.27 17.08
CA LEU D 209 -29.09 5.04 18.31
C LEU D 209 -30.56 4.99 18.76
N PHE D 210 -31.50 5.11 17.80
CA PHE D 210 -32.93 5.05 18.11
C PHE D 210 -33.35 3.66 18.54
N ILE D 211 -32.73 2.61 17.94
CA ILE D 211 -32.97 1.21 18.29
C ILE D 211 -32.65 0.98 19.78
N SER D 212 -31.56 1.59 20.29
CA SER D 212 -31.18 1.53 21.72
C SER D 212 -32.25 2.20 22.61
N TRP D 213 -32.96 3.22 22.09
CA TRP D 213 -33.99 3.92 22.84
C TRP D 213 -35.32 3.13 22.98
N THR D 214 -35.43 1.95 22.34
CA THR D 214 -36.63 1.13 22.50
C THR D 214 -36.62 0.49 23.90
N ALA D 215 -35.45 0.55 24.59
CA ALA D 215 -35.26 0.05 25.95
C ALA D 215 -36.05 0.91 26.99
N PHE D 216 -36.64 2.03 26.53
CA PHE D 216 -37.47 2.87 27.38
C PHE D 216 -38.93 2.38 27.34
N TRP D 217 -39.30 1.61 26.30
CA TRP D 217 -40.62 1.02 26.15
C TRP D 217 -40.55 -0.48 26.49
N SER D 218 -39.65 -0.84 27.42
CA SER D 218 -39.44 -2.20 27.90
C SER D 218 -38.93 -2.21 29.35
N THR D 219 -39.41 -3.21 30.13
CA THR D 219 -39.05 -3.43 31.54
C THR D 219 -38.09 -4.62 31.69
N SER D 220 -37.91 -5.41 30.62
CA SER D 220 -37.04 -6.58 30.61
C SER D 220 -35.58 -6.17 30.59
N TYR D 221 -34.90 -6.31 31.75
CA TYR D 221 -33.49 -5.95 31.89
C TYR D 221 -32.63 -6.69 30.91
N GLU D 222 -32.79 -8.02 30.81
CA GLU D 222 -32.02 -8.90 29.90
C GLU D 222 -32.14 -8.46 28.45
N ALA D 223 -33.36 -8.00 28.03
CA ALA D 223 -33.63 -7.51 26.68
C ALA D 223 -33.02 -6.11 26.49
N ASN D 224 -33.24 -5.21 27.49
CA ASN D 224 -32.70 -3.85 27.49
C ASN D 224 -31.18 -3.84 27.43
N VAL D 225 -30.52 -4.72 28.19
CA VAL D 225 -29.07 -4.86 28.21
C VAL D 225 -28.61 -5.18 26.77
N THR D 226 -29.22 -6.22 26.15
CA THR D 226 -28.96 -6.65 24.78
C THR D 226 -29.16 -5.48 23.80
N LEU D 227 -30.27 -4.71 23.95
CA LEU D 227 -30.57 -3.54 23.12
C LEU D 227 -29.51 -2.46 23.14
N VAL D 228 -29.28 -1.82 24.31
CA VAL D 228 -28.29 -0.75 24.45
C VAL D 228 -26.84 -1.21 24.11
N VAL D 229 -26.43 -2.36 24.65
CA VAL D 229 -25.06 -2.87 24.46
C VAL D 229 -24.78 -3.25 23.00
N SER D 230 -25.69 -4.03 22.36
CA SER D 230 -25.49 -4.46 20.96
C SER D 230 -25.40 -3.29 20.00
N THR D 231 -26.31 -2.33 20.14
CA THR D 231 -26.27 -1.11 19.34
C THR D 231 -24.98 -0.30 19.62
N LEU D 232 -24.46 -0.30 20.88
CA LEU D 232 -23.21 0.36 21.20
C LEU D 232 -22.07 -0.28 20.39
N ILE D 233 -22.10 -1.63 20.20
CA ILE D 233 -21.11 -2.36 19.41
C ILE D 233 -21.20 -1.92 17.94
N ALA D 234 -22.43 -1.74 17.44
CA ALA D 234 -22.68 -1.24 16.08
C ALA D 234 -22.11 0.19 15.94
N HIS D 235 -22.28 1.04 16.98
CA HIS D 235 -21.75 2.39 17.00
C HIS D 235 -20.24 2.44 17.01
N ILE D 236 -19.59 1.47 17.70
CA ILE D 236 -18.14 1.37 17.72
C ILE D 236 -17.67 1.07 16.30
N ALA D 237 -18.38 0.15 15.56
CA ALA D 237 -18.10 -0.21 14.16
C ALA D 237 -18.11 1.01 13.21
N PHE D 238 -19.03 1.95 13.47
CA PHE D 238 -19.17 3.18 12.71
C PHE D 238 -18.16 4.24 13.10
N CYS D 239 -17.80 4.40 14.39
CA CYS D 239 -16.79 5.39 14.81
C CYS D 239 -15.42 5.07 14.27
N ILE D 240 -15.02 3.79 14.35
CA ILE D 240 -13.73 3.30 13.87
C ILE D 240 -13.64 3.50 12.34
N LEU D 241 -14.79 3.34 11.63
CA LEU D 241 -14.91 3.54 10.17
C LEU D 241 -14.65 4.98 9.78
N VAL D 242 -15.20 5.95 10.55
CA VAL D 242 -15.05 7.39 10.26
C VAL D 242 -13.68 7.93 10.67
N GLU D 243 -13.23 7.63 11.92
CA GLU D 243 -11.96 8.13 12.47
C GLU D 243 -10.71 7.65 11.68
N THR D 244 -10.83 6.59 10.85
CA THR D 244 -9.75 6.07 10.01
C THR D 244 -9.58 6.88 8.71
N ASN D 245 -10.69 7.38 8.12
CA ASN D 245 -10.68 8.21 6.91
C ASN D 245 -10.22 9.66 7.24
N LEU D 246 -9.94 9.95 8.54
CA LEU D 246 -9.52 11.26 9.07
C LEU D 246 -8.16 11.22 9.79
N PRO D 247 -7.33 12.29 9.68
CA PRO D 247 -6.08 12.31 10.45
C PRO D 247 -6.29 12.75 11.90
N LYS D 248 -5.26 12.54 12.75
CA LYS D 248 -5.34 12.89 14.17
C LYS D 248 -5.11 14.39 14.35
N THR D 249 -6.22 15.10 14.46
CA THR D 249 -6.31 16.53 14.62
C THR D 249 -6.19 16.97 16.09
N PRO D 250 -5.43 18.06 16.38
CA PRO D 250 -5.32 18.52 17.78
C PRO D 250 -6.54 19.37 18.21
N TYR D 251 -7.58 19.38 17.36
CA TYR D 251 -8.82 20.12 17.55
C TYR D 251 -10.02 19.20 17.37
N MET D 252 -11.20 19.66 17.80
CA MET D 252 -12.40 18.86 17.65
C MET D 252 -13.00 19.11 16.26
N THR D 253 -13.42 18.02 15.60
CA THR D 253 -14.07 18.06 14.30
C THR D 253 -15.59 17.99 14.54
N TYR D 254 -16.39 18.39 13.55
CA TYR D 254 -17.86 18.37 13.67
C TYR D 254 -18.38 16.96 13.88
N THR D 255 -17.78 16.00 13.16
CA THR D 255 -18.06 14.57 13.22
C THR D 255 -17.61 14.01 14.55
N GLY D 256 -16.40 14.35 14.96
CA GLY D 256 -15.79 13.91 16.20
C GLY D 256 -16.61 14.24 17.42
N ALA D 257 -17.19 15.47 17.41
CA ALA D 257 -18.06 16.00 18.44
C ALA D 257 -19.33 15.14 18.55
N ILE D 258 -20.01 14.92 17.41
CA ILE D 258 -21.23 14.10 17.29
C ILE D 258 -20.98 12.68 17.80
N ILE D 259 -19.97 12.01 17.23
CA ILE D 259 -19.45 10.67 17.54
C ILE D 259 -19.29 10.52 19.06
N PHE D 260 -18.62 11.52 19.70
CA PHE D 260 -18.37 11.52 21.14
C PHE D 260 -19.63 11.76 21.93
N MET D 261 -20.47 12.69 21.49
CA MET D 261 -21.75 13.01 22.14
C MET D 261 -22.67 11.76 22.17
N ILE D 262 -22.65 10.97 21.06
CA ILE D 262 -23.41 9.73 20.92
C ILE D 262 -22.91 8.71 21.96
N TYR D 263 -21.58 8.60 22.16
CA TYR D 263 -20.99 7.72 23.18
C TYR D 263 -21.54 8.01 24.57
N LEU D 264 -21.91 9.27 24.84
CA LEU D 264 -22.50 9.64 26.13
C LEU D 264 -23.96 9.17 26.21
N PHE D 265 -24.72 9.33 25.10
CA PHE D 265 -26.12 8.89 25.00
C PHE D 265 -26.29 7.40 25.21
N TYR D 266 -25.21 6.63 24.90
CA TYR D 266 -25.15 5.18 25.10
C TYR D 266 -24.83 4.90 26.56
N PHE D 267 -23.95 5.72 27.16
CA PHE D 267 -23.57 5.57 28.56
C PHE D 267 -24.74 5.88 29.50
N VAL D 268 -25.40 7.03 29.31
CA VAL D 268 -26.56 7.48 30.10
C VAL D 268 -27.75 6.50 29.92
N ALA D 269 -27.86 5.88 28.71
CA ALA D 269 -28.90 4.88 28.42
C ALA D 269 -28.66 3.62 29.25
N VAL D 270 -27.39 3.22 29.44
CA VAL D 270 -27.03 2.08 30.29
C VAL D 270 -27.39 2.42 31.73
N ILE D 271 -27.03 3.64 32.20
CA ILE D 271 -27.34 4.10 33.56
C ILE D 271 -28.85 3.95 33.83
N GLU D 272 -29.70 4.48 32.92
CA GLU D 272 -31.16 4.41 33.00
C GLU D 272 -31.61 2.96 33.09
N VAL D 273 -31.10 2.09 32.20
CA VAL D 273 -31.45 0.67 32.13
C VAL D 273 -31.08 -0.03 33.45
N THR D 274 -29.93 0.35 34.04
CA THR D 274 -29.44 -0.19 35.31
C THR D 274 -30.35 0.25 36.47
N VAL D 275 -30.69 1.57 36.51
CA VAL D 275 -31.53 2.22 37.52
C VAL D 275 -32.95 1.62 37.51
N GLN D 276 -33.63 1.61 36.33
CA GLN D 276 -34.96 1.03 36.13
C GLN D 276 -35.00 -0.39 36.69
N HIS D 277 -33.99 -1.23 36.40
CA HIS D 277 -33.92 -2.59 36.93
C HIS D 277 -33.65 -2.60 38.43
N TYR D 278 -32.75 -1.72 38.92
CA TYR D 278 -32.43 -1.68 40.35
C TYR D 278 -33.65 -1.38 41.23
N LEU D 279 -34.47 -0.38 40.82
CA LEU D 279 -35.71 0.00 41.52
C LEU D 279 -36.77 -1.10 41.43
N LYS D 280 -36.88 -1.77 40.27
CA LYS D 280 -37.80 -2.89 40.02
C LYS D 280 -37.48 -4.04 40.99
N VAL D 281 -36.18 -4.37 41.17
CA VAL D 281 -35.70 -5.41 42.08
C VAL D 281 -35.90 -4.98 43.56
N GLU D 282 -35.77 -3.66 43.82
CA GLU D 282 -35.94 -3.05 45.14
C GLU D 282 -37.41 -2.79 45.54
N SER D 283 -38.36 -3.43 44.82
CA SER D 283 -39.81 -3.40 45.01
C SER D 283 -40.40 -1.97 45.08
N GLN D 284 -40.18 -1.18 44.01
CA GLN D 284 -40.72 0.18 43.83
C GLN D 284 -40.86 0.52 42.33
N PRO D 285 -41.63 -0.27 41.53
CA PRO D 285 -41.76 0.01 40.09
C PRO D 285 -42.54 1.29 39.75
N ALA D 286 -43.01 2.02 40.76
CA ALA D 286 -43.70 3.28 40.55
C ALA D 286 -42.64 4.35 40.30
N ARG D 287 -41.44 4.15 40.88
CA ARG D 287 -40.26 5.02 40.78
C ARG D 287 -39.50 4.78 39.45
N ALA D 288 -39.35 3.49 39.09
CA ALA D 288 -38.68 3.03 37.88
C ALA D 288 -39.46 3.46 36.65
N ALA D 289 -40.77 3.15 36.58
CA ALA D 289 -41.64 3.51 35.44
C ALA D 289 -41.70 5.00 35.18
N SER D 290 -41.58 5.84 36.22
CA SER D 290 -41.61 7.29 36.08
C SER D 290 -40.35 7.83 35.40
N ILE D 291 -39.18 7.25 35.74
CA ILE D 291 -37.87 7.59 35.16
C ILE D 291 -37.85 7.13 33.69
N THR D 292 -38.25 5.87 33.44
CA THR D 292 -38.33 5.25 32.12
C THR D 292 -39.27 6.03 31.21
N ARG D 293 -40.39 6.54 31.74
CA ARG D 293 -41.35 7.33 30.98
C ARG D 293 -40.79 8.73 30.67
N ALA D 294 -39.96 9.26 31.58
CA ALA D 294 -39.34 10.57 31.42
C ALA D 294 -38.28 10.51 30.32
N SER D 295 -37.48 9.41 30.32
CA SER D 295 -36.41 9.13 29.37
C SER D 295 -36.92 9.02 27.92
N ARG D 296 -38.18 8.60 27.74
CA ARG D 296 -38.88 8.47 26.45
C ARG D 296 -38.93 9.81 25.70
N ILE D 297 -38.97 10.92 26.47
CA ILE D 297 -39.02 12.30 25.99
C ILE D 297 -37.67 12.98 26.21
N ALA D 298 -37.01 12.73 27.36
CA ALA D 298 -35.71 13.30 27.75
C ALA D 298 -34.58 13.03 26.75
N PHE D 299 -34.39 11.75 26.37
CA PHE D 299 -33.36 11.35 25.43
C PHE D 299 -33.53 11.99 24.03
N PRO D 300 -34.71 11.92 23.32
CA PRO D 300 -34.82 12.61 22.02
C PRO D 300 -34.67 14.13 22.09
N VAL D 301 -35.18 14.77 23.17
CA VAL D 301 -35.13 16.21 23.38
C VAL D 301 -33.69 16.70 23.60
N VAL D 302 -33.01 16.13 24.62
CA VAL D 302 -31.61 16.47 24.94
C VAL D 302 -30.71 16.20 23.73
N PHE D 303 -30.99 15.14 22.94
CA PHE D 303 -30.22 14.83 21.73
C PHE D 303 -30.40 15.89 20.66
N LEU D 304 -31.67 16.25 20.37
CA LEU D 304 -32.04 17.27 19.38
C LEU D 304 -31.46 18.65 19.75
N LEU D 305 -31.50 19.02 21.05
CA LEU D 305 -30.96 20.29 21.55
C LEU D 305 -29.44 20.32 21.48
N ALA D 306 -28.76 19.23 21.92
CA ALA D 306 -27.30 19.10 21.91
C ALA D 306 -26.74 19.13 20.49
N ASN D 307 -27.53 18.65 19.50
CA ASN D 307 -27.13 18.69 18.09
C ASN D 307 -27.19 20.11 17.54
N ILE D 308 -28.23 20.89 17.97
CA ILE D 308 -28.43 22.30 17.61
C ILE D 308 -27.30 23.11 18.24
N ILE D 309 -26.92 22.80 19.49
CA ILE D 309 -25.82 23.43 20.24
C ILE D 309 -24.51 23.24 19.46
N LEU D 310 -24.19 21.97 19.10
CA LEU D 310 -22.98 21.65 18.33
C LEU D 310 -22.98 22.29 16.94
N ALA D 311 -24.09 22.14 16.17
CA ALA D 311 -24.22 22.73 14.83
C ALA D 311 -24.04 24.25 14.87
N PHE D 312 -24.43 24.90 15.97
CA PHE D 312 -24.28 26.34 16.14
C PHE D 312 -22.81 26.68 16.38
N LEU D 313 -22.15 25.94 17.29
CA LEU D 313 -20.74 26.14 17.63
C LEU D 313 -19.80 25.89 16.44
N PHE D 314 -20.19 24.99 15.54
CA PHE D 314 -19.39 24.62 14.37
C PHE D 314 -19.72 25.36 13.08
N PHE D 315 -20.94 25.92 12.94
CA PHE D 315 -21.31 26.60 11.69
C PHE D 315 -21.88 28.02 11.86
N VAL E 5 16.62 19.87 -36.45
CA VAL E 5 15.35 19.16 -36.25
C VAL E 5 14.23 20.15 -35.87
N SER E 6 13.37 20.42 -36.86
CA SER E 6 12.21 21.33 -36.78
C SER E 6 11.06 20.75 -37.63
N PRO E 7 9.78 21.19 -37.49
CA PRO E 7 8.69 20.58 -38.29
C PRO E 7 8.84 20.70 -39.80
N PRO E 8 8.31 19.73 -40.60
CA PRO E 8 8.45 19.85 -42.06
C PRO E 8 7.65 21.03 -42.62
N PRO E 9 8.24 21.85 -43.54
CA PRO E 9 7.48 22.98 -44.08
C PRO E 9 6.30 22.52 -44.95
N PRO E 10 5.17 23.26 -44.92
CA PRO E 10 4.02 22.83 -45.72
C PRO E 10 4.15 23.18 -47.21
N ILE E 11 3.62 22.30 -48.09
CA ILE E 11 3.62 22.53 -49.55
C ILE E 11 2.74 23.77 -49.85
N ALA E 12 1.50 23.73 -49.40
CA ALA E 12 0.54 24.82 -49.48
C ALA E 12 0.37 25.35 -48.03
N ASP E 13 -0.68 26.12 -47.72
CA ASP E 13 -0.87 26.55 -46.32
C ASP E 13 -1.85 25.63 -45.55
N GLU E 14 -1.50 24.33 -45.44
CA GLU E 14 -2.32 23.29 -44.78
C GLU E 14 -1.69 22.75 -43.46
N PRO E 15 -2.50 22.29 -42.48
CA PRO E 15 -1.92 21.76 -41.23
C PRO E 15 -1.45 20.31 -41.38
N LEU E 16 -0.44 19.92 -40.58
CA LEU E 16 0.12 18.57 -40.62
C LEU E 16 -0.78 17.52 -39.94
N THR E 17 -1.26 16.54 -40.74
CA THR E 17 -2.10 15.47 -40.22
C THR E 17 -1.20 14.31 -39.78
N VAL E 18 -1.36 13.92 -38.51
CA VAL E 18 -0.62 12.81 -37.90
C VAL E 18 -1.60 11.66 -37.69
N ASN E 19 -1.38 10.54 -38.40
CA ASN E 19 -2.21 9.35 -38.34
C ASN E 19 -1.83 8.46 -37.16
N THR E 20 -2.72 8.45 -36.16
CA THR E 20 -2.59 7.73 -34.91
C THR E 20 -3.25 6.33 -34.94
N GLY E 21 -2.86 5.49 -33.98
CA GLY E 21 -3.37 4.15 -33.80
C GLY E 21 -2.87 3.48 -32.54
N ILE E 22 -3.80 3.15 -31.61
CA ILE E 22 -3.45 2.48 -30.35
C ILE E 22 -3.86 1.00 -30.43
N TYR E 23 -2.92 0.08 -30.16
CA TYR E 23 -3.19 -1.36 -30.17
C TYR E 23 -2.88 -1.92 -28.78
N LEU E 24 -3.93 -2.17 -27.98
CA LEU E 24 -3.83 -2.68 -26.60
C LEU E 24 -3.22 -4.08 -26.52
N ILE E 25 -2.14 -4.19 -25.75
CA ILE E 25 -1.43 -5.45 -25.50
C ILE E 25 -1.90 -5.98 -24.16
N GLU E 26 -1.97 -5.10 -23.13
CA GLU E 26 -2.38 -5.44 -21.78
C GLU E 26 -3.35 -4.43 -21.20
N CYS E 27 -4.32 -4.94 -20.44
CA CYS E 27 -5.29 -4.17 -19.71
C CYS E 27 -5.37 -4.80 -18.38
N TYR E 28 -5.06 -4.02 -17.35
CA TYR E 28 -5.01 -4.52 -15.98
C TYR E 28 -5.22 -3.41 -14.95
N SER E 29 -5.33 -3.80 -13.67
CA SER E 29 -5.43 -2.93 -12.51
C SER E 29 -6.47 -1.78 -12.66
N LEU E 30 -7.76 -2.16 -12.78
CA LEU E 30 -8.84 -1.18 -12.81
C LEU E 30 -9.24 -0.89 -11.36
N ASP E 31 -8.75 0.24 -10.83
CA ASP E 31 -9.05 0.68 -9.47
C ASP E 31 -10.35 1.45 -9.49
N ASP E 32 -11.40 0.85 -8.91
CA ASP E 32 -12.73 1.46 -8.86
C ASP E 32 -12.75 2.72 -8.00
N LYS E 33 -12.20 2.63 -6.77
CA LYS E 33 -12.09 3.71 -5.79
C LYS E 33 -11.31 4.92 -6.35
N ALA E 34 -10.19 4.67 -7.09
CA ALA E 34 -9.32 5.70 -7.70
C ALA E 34 -9.74 6.11 -9.12
N GLU E 35 -10.67 5.36 -9.75
CA GLU E 35 -11.16 5.55 -11.12
C GLU E 35 -10.00 5.60 -12.15
N THR E 36 -9.05 4.65 -11.99
CA THR E 36 -7.89 4.48 -12.86
C THR E 36 -7.86 3.05 -13.40
N PHE E 37 -6.99 2.82 -14.39
CA PHE E 37 -6.70 1.53 -15.02
C PHE E 37 -5.36 1.61 -15.72
N LYS E 38 -4.59 0.52 -15.65
CA LYS E 38 -3.29 0.47 -16.28
C LYS E 38 -3.43 -0.16 -17.65
N VAL E 39 -2.64 0.36 -18.60
CA VAL E 39 -2.63 -0.09 -19.98
C VAL E 39 -1.19 -0.25 -20.50
N ASN E 40 -0.98 -1.26 -21.34
CA ASN E 40 0.28 -1.53 -22.04
C ASN E 40 -0.13 -1.68 -23.49
N ALA E 41 0.33 -0.78 -24.37
CA ALA E 41 -0.11 -0.76 -25.76
C ALA E 41 0.92 -0.25 -26.75
N PHE E 42 0.64 -0.46 -28.04
CA PHE E 42 1.45 0.04 -29.14
C PHE E 42 0.85 1.37 -29.55
N LEU E 43 1.70 2.37 -29.79
CA LEU E 43 1.26 3.67 -30.30
C LEU E 43 1.92 3.81 -31.64
N SER E 44 1.10 3.93 -32.70
CA SER E 44 1.59 4.07 -34.07
C SER E 44 1.24 5.45 -34.63
N LEU E 45 2.27 6.18 -35.07
CA LEU E 45 2.15 7.52 -35.64
C LEU E 45 2.62 7.54 -37.10
N SER E 46 2.04 8.45 -37.93
CA SER E 46 2.36 8.59 -39.35
C SER E 46 2.12 10.01 -39.89
N TRP E 47 3.18 10.65 -40.43
CA TRP E 47 3.14 12.00 -40.99
C TRP E 47 3.98 12.11 -42.27
N LYS E 48 3.77 13.20 -43.05
CA LYS E 48 4.49 13.49 -44.29
C LYS E 48 5.59 14.55 -44.07
N ASP E 49 6.85 14.09 -44.05
CA ASP E 49 8.04 14.93 -43.91
C ASP E 49 8.79 14.83 -45.24
N ARG E 50 8.54 15.81 -46.13
CA ARG E 50 9.11 15.86 -47.48
C ARG E 50 10.63 15.97 -47.51
N ARG E 51 11.24 16.49 -46.43
CA ARG E 51 12.68 16.65 -46.27
C ARG E 51 13.42 15.30 -46.22
N LEU E 52 12.67 14.21 -45.96
CA LEU E 52 13.21 12.86 -45.85
C LEU E 52 12.90 11.98 -47.08
N ALA E 53 12.17 12.53 -48.08
CA ALA E 53 11.81 11.83 -49.31
C ALA E 53 13.06 11.43 -50.10
N PHE E 54 12.99 10.30 -50.82
CA PHE E 54 14.10 9.77 -51.61
C PHE E 54 13.64 8.95 -52.83
N ASP E 55 14.56 8.72 -53.80
CA ASP E 55 14.27 7.92 -55.00
C ASP E 55 14.43 6.42 -54.67
N PRO E 56 13.45 5.56 -55.05
CA PRO E 56 13.59 4.13 -54.71
C PRO E 56 14.39 3.28 -55.70
N VAL E 57 14.42 3.69 -56.99
CA VAL E 57 15.10 3.00 -58.09
C VAL E 57 16.63 3.11 -57.96
N ARG E 58 17.17 4.34 -57.82
CA ARG E 58 18.62 4.55 -57.72
C ARG E 58 19.21 4.12 -56.37
N SER E 59 18.44 4.28 -55.27
CA SER E 59 18.90 3.94 -53.92
C SER E 59 19.03 2.44 -53.69
N GLY E 60 18.23 1.64 -54.39
CA GLY E 60 18.22 0.19 -54.24
C GLY E 60 17.38 -0.24 -53.05
N VAL E 61 17.22 0.68 -52.07
CA VAL E 61 16.43 0.52 -50.84
C VAL E 61 15.06 1.17 -51.00
N ARG E 62 14.02 0.45 -50.61
CA ARG E 62 12.63 0.89 -50.70
C ARG E 62 12.18 1.63 -49.43
N VAL E 63 12.65 1.19 -48.25
CA VAL E 63 12.30 1.80 -46.96
C VAL E 63 13.57 2.05 -46.13
N LYS E 64 13.71 3.30 -45.65
CA LYS E 64 14.85 3.80 -44.86
C LYS E 64 14.51 3.90 -43.38
N THR E 65 15.39 3.37 -42.51
CA THR E 65 15.27 3.36 -41.06
C THR E 65 16.01 4.55 -40.43
N TYR E 66 15.43 5.16 -39.39
CA TYR E 66 16.02 6.29 -38.68
C TYR E 66 15.91 6.12 -37.17
N GLU E 67 16.85 6.74 -36.44
CA GLU E 67 16.86 6.75 -34.97
C GLU E 67 15.98 7.94 -34.53
N PRO E 68 15.33 7.92 -33.34
CA PRO E 68 14.45 9.03 -32.94
C PRO E 68 15.07 10.45 -32.99
N GLU E 69 16.31 10.58 -32.53
CA GLU E 69 17.08 11.84 -32.49
C GLU E 69 17.44 12.39 -33.87
N ALA E 70 17.56 11.51 -34.88
CA ALA E 70 17.91 11.88 -36.25
C ALA E 70 16.84 12.73 -36.96
N ILE E 71 15.56 12.36 -36.82
CA ILE E 71 14.44 13.05 -37.49
C ILE E 71 13.48 13.77 -36.51
N TRP E 72 12.66 14.69 -37.07
CA TRP E 72 11.64 15.42 -36.31
C TRP E 72 10.47 14.48 -36.09
N ILE E 73 10.06 14.32 -34.81
CA ILE E 73 8.93 13.48 -34.41
C ILE E 73 7.93 14.36 -33.60
N PRO E 74 6.61 14.34 -33.95
CA PRO E 74 5.65 15.18 -33.23
C PRO E 74 5.52 14.84 -31.74
N GLU E 75 5.39 15.89 -30.90
CA GLU E 75 5.23 15.75 -29.46
C GLU E 75 3.80 15.34 -29.10
N ILE E 76 3.54 14.02 -29.18
CA ILE E 76 2.25 13.40 -28.87
C ILE E 76 2.25 13.05 -27.39
N ARG E 77 1.22 13.50 -26.66
CA ARG E 77 1.10 13.25 -25.23
C ARG E 77 -0.31 12.78 -24.91
N PHE E 78 -0.47 12.10 -23.77
CA PHE E 78 -1.79 11.66 -23.31
C PHE E 78 -2.31 12.69 -22.35
N VAL E 79 -3.61 12.96 -22.40
CA VAL E 79 -4.25 13.97 -21.54
C VAL E 79 -4.55 13.41 -20.15
N ASN E 80 -5.34 12.32 -20.09
CA ASN E 80 -5.80 11.75 -18.83
C ASN E 80 -4.87 10.66 -18.27
N VAL E 81 -3.61 11.02 -18.04
CA VAL E 81 -2.63 10.11 -17.43
C VAL E 81 -2.09 10.71 -16.14
N GLU E 82 -1.62 9.84 -15.22
CA GLU E 82 -1.04 10.23 -13.93
C GLU E 82 0.34 10.88 -14.16
N ASN E 83 1.25 10.14 -14.81
CA ASN E 83 2.59 10.63 -15.16
C ASN E 83 2.81 10.35 -16.66
N ALA E 84 3.95 10.81 -17.20
CA ALA E 84 4.29 10.60 -18.60
C ALA E 84 4.52 9.12 -18.85
N ARG E 85 3.91 8.60 -19.94
CA ARG E 85 3.96 7.21 -20.40
C ARG E 85 5.38 6.63 -20.52
N ASP E 86 5.53 5.33 -20.25
CA ASP E 86 6.82 4.66 -20.35
C ASP E 86 6.94 4.09 -21.75
N ALA E 87 7.48 4.90 -22.67
CA ALA E 87 7.64 4.55 -24.09
C ALA E 87 9.01 4.02 -24.48
N ASP E 88 9.01 3.01 -25.35
CA ASP E 88 10.18 2.34 -25.92
C ASP E 88 9.90 2.32 -27.41
N VAL E 89 10.71 3.05 -28.19
CA VAL E 89 10.53 3.14 -29.64
C VAL E 89 10.85 1.78 -30.27
N VAL E 90 9.86 1.22 -30.97
CA VAL E 90 9.93 -0.08 -31.63
C VAL E 90 10.61 0.04 -33.00
N ASP E 91 10.09 0.94 -33.86
CA ASP E 91 10.58 1.13 -35.23
C ASP E 91 10.13 2.46 -35.87
N ILE E 92 11.03 3.05 -36.67
CA ILE E 92 10.83 4.27 -37.48
C ILE E 92 11.23 3.91 -38.91
N SER E 93 10.25 3.94 -39.83
CA SER E 93 10.42 3.57 -41.23
C SER E 93 9.87 4.68 -42.15
N VAL E 94 10.75 5.20 -43.04
CA VAL E 94 10.44 6.26 -44.00
C VAL E 94 10.27 5.67 -45.40
N SER E 95 9.11 5.97 -46.04
CA SER E 95 8.79 5.55 -47.40
C SER E 95 9.41 6.53 -48.43
N PRO E 96 9.58 6.16 -49.73
CA PRO E 96 10.20 7.06 -50.69
C PRO E 96 9.59 8.45 -50.81
N ASP E 97 8.28 8.59 -50.55
CA ASP E 97 7.60 9.89 -50.66
C ASP E 97 7.81 10.81 -49.45
N GLY E 98 8.41 10.28 -48.39
CA GLY E 98 8.69 11.00 -47.16
C GLY E 98 7.69 10.75 -46.05
N THR E 99 6.86 9.69 -46.20
CA THR E 99 5.87 9.32 -45.19
C THR E 99 6.52 8.48 -44.09
N VAL E 100 6.62 9.08 -42.89
CA VAL E 100 7.21 8.45 -41.71
C VAL E 100 6.18 7.53 -41.04
N GLN E 101 6.64 6.34 -40.61
CA GLN E 101 5.84 5.32 -39.93
C GLN E 101 6.54 4.99 -38.62
N TYR E 102 6.10 5.67 -37.55
CA TYR E 102 6.61 5.57 -36.19
C TYR E 102 5.78 4.59 -35.37
N LEU E 103 6.47 3.78 -34.55
CA LEU E 103 5.86 2.83 -33.65
C LEU E 103 6.65 2.73 -32.35
N GLU E 104 5.93 2.77 -31.23
CA GLU E 104 6.45 2.68 -29.88
C GLU E 104 5.57 1.80 -29.05
N ARG E 105 6.12 1.21 -27.98
CA ARG E 105 5.32 0.41 -27.07
C ARG E 105 5.32 1.13 -25.70
N PHE E 106 4.14 1.61 -25.28
CA PHE E 106 4.04 2.35 -24.04
C PHE E 106 3.26 1.60 -22.99
N SER E 107 3.30 2.14 -21.76
CA SER E 107 2.54 1.70 -20.60
C SER E 107 2.21 2.94 -19.79
N ALA E 108 0.92 3.13 -19.44
CA ALA E 108 0.46 4.28 -18.66
C ALA E 108 -0.75 4.00 -17.76
N ARG E 109 -0.82 4.68 -16.61
CA ARG E 109 -1.96 4.57 -15.68
C ARG E 109 -2.93 5.69 -16.09
N VAL E 110 -4.07 5.27 -16.65
CA VAL E 110 -5.09 6.17 -17.19
C VAL E 110 -6.14 6.56 -16.14
N LEU E 111 -6.48 7.86 -16.10
CA LEU E 111 -7.46 8.48 -15.21
C LEU E 111 -8.79 8.64 -15.97
N SER E 112 -9.71 7.68 -15.82
CA SER E 112 -11.01 7.73 -16.49
C SER E 112 -12.16 7.57 -15.48
N PRO E 113 -13.05 8.59 -15.36
CA PRO E 113 -14.16 8.48 -14.39
C PRO E 113 -15.13 7.34 -14.69
N LEU E 114 -15.66 6.73 -13.62
CA LEU E 114 -16.58 5.61 -13.70
C LEU E 114 -17.95 5.98 -13.11
N ASP E 115 -19.06 5.49 -13.73
CA ASP E 115 -20.42 5.74 -13.29
C ASP E 115 -20.95 4.53 -12.51
N PHE E 116 -20.97 4.67 -11.18
CA PHE E 116 -21.35 3.59 -10.27
C PHE E 116 -22.84 3.47 -9.99
N ARG E 117 -23.68 4.27 -10.68
CA ARG E 117 -25.14 4.27 -10.53
C ARG E 117 -25.78 2.88 -10.63
N ARG E 118 -25.35 2.03 -11.60
CA ARG E 118 -25.89 0.67 -11.78
C ARG E 118 -25.00 -0.47 -11.26
N TYR E 119 -24.04 -0.17 -10.35
CA TYR E 119 -23.15 -1.16 -9.73
C TYR E 119 -23.92 -2.23 -8.91
N PRO E 120 -23.54 -3.54 -8.98
CA PRO E 120 -22.46 -4.16 -9.77
C PRO E 120 -22.93 -4.71 -11.11
N PHE E 121 -24.05 -4.16 -11.64
CA PHE E 121 -24.62 -4.54 -12.94
C PHE E 121 -24.35 -3.41 -13.95
N ASP E 122 -23.34 -2.56 -13.63
CA ASP E 122 -22.92 -1.40 -14.41
C ASP E 122 -22.00 -1.76 -15.57
N SER E 123 -21.95 -0.84 -16.54
CA SER E 123 -21.08 -0.86 -17.71
C SER E 123 -20.33 0.47 -17.73
N GLN E 124 -19.12 0.48 -18.30
CA GLN E 124 -18.25 1.66 -18.36
C GLN E 124 -17.68 1.93 -19.74
N THR E 125 -17.31 3.19 -20.00
CA THR E 125 -16.64 3.65 -21.23
C THR E 125 -15.34 4.34 -20.80
N LEU E 126 -14.24 3.62 -20.92
CA LEU E 126 -12.92 4.15 -20.54
C LEU E 126 -12.36 5.03 -21.68
N HIS E 127 -11.69 6.14 -21.34
CA HIS E 127 -11.17 7.06 -22.34
C HIS E 127 -9.65 7.15 -22.31
N ILE E 128 -9.03 7.30 -23.48
CA ILE E 128 -7.59 7.47 -23.66
C ILE E 128 -7.49 8.64 -24.64
N TYR E 129 -7.11 9.83 -24.12
CA TYR E 129 -7.02 11.04 -24.91
C TYR E 129 -5.63 11.36 -25.44
N LEU E 130 -5.47 11.38 -26.76
CA LEU E 130 -4.22 11.74 -27.43
C LEU E 130 -4.25 13.22 -27.77
N ILE E 131 -3.20 13.96 -27.43
CA ILE E 131 -3.14 15.39 -27.70
C ILE E 131 -1.81 15.77 -28.33
N VAL E 132 -1.84 16.80 -29.20
CA VAL E 132 -0.66 17.36 -29.87
C VAL E 132 -0.78 18.89 -29.90
N ARG E 133 0.22 19.57 -29.31
CA ARG E 133 0.20 21.02 -29.28
C ARG E 133 0.90 21.52 -30.54
N SER E 134 0.20 22.36 -31.32
CA SER E 134 0.71 22.91 -32.57
C SER E 134 1.90 23.86 -32.36
N VAL E 135 2.92 23.73 -33.21
CA VAL E 135 4.14 24.55 -33.20
C VAL E 135 3.89 25.92 -33.84
N ASP E 136 4.83 26.85 -33.67
CA ASP E 136 4.72 28.21 -34.21
C ASP E 136 4.75 28.24 -35.75
N THR E 137 5.69 27.47 -36.35
CA THR E 137 5.90 27.35 -37.79
C THR E 137 4.65 26.86 -38.54
N ARG E 138 4.01 25.76 -38.05
CA ARG E 138 2.77 25.23 -38.63
C ARG E 138 1.88 24.49 -37.59
N ASN E 139 0.60 24.34 -37.93
CA ASN E 139 -0.42 23.69 -37.10
C ASN E 139 -0.42 22.17 -37.28
N ILE E 140 -0.56 21.45 -36.15
CA ILE E 140 -0.59 19.98 -36.13
C ILE E 140 -2.00 19.49 -35.78
N VAL E 141 -2.54 18.59 -36.62
CA VAL E 141 -3.86 17.99 -36.49
C VAL E 141 -3.75 16.45 -36.41
N LEU E 142 -4.51 15.84 -35.48
CA LEU E 142 -4.55 14.39 -35.30
C LEU E 142 -5.61 13.70 -36.16
N ALA E 143 -5.31 12.46 -36.59
CA ALA E 143 -6.20 11.66 -37.43
C ALA E 143 -6.16 10.21 -36.99
N VAL E 144 -7.27 9.47 -37.17
CA VAL E 144 -7.37 8.05 -36.80
C VAL E 144 -7.13 7.13 -37.99
N ASP E 145 -6.13 6.25 -37.88
CA ASP E 145 -5.80 5.24 -38.88
C ASP E 145 -6.45 3.96 -38.35
N LEU E 146 -7.76 3.74 -38.66
CA LEU E 146 -8.58 2.62 -38.18
C LEU E 146 -7.97 1.23 -38.40
N GLU E 147 -7.00 1.13 -39.33
CA GLU E 147 -6.26 -0.10 -39.64
C GLU E 147 -5.31 -0.45 -38.49
N LYS E 148 -4.80 0.59 -37.79
CA LYS E 148 -3.84 0.49 -36.69
C LYS E 148 -4.45 0.63 -35.27
N VAL E 149 -5.80 0.58 -35.14
CA VAL E 149 -6.52 0.66 -33.86
C VAL E 149 -7.10 -0.72 -33.55
N GLY E 150 -6.74 -1.27 -32.39
CA GLY E 150 -7.20 -2.59 -31.98
C GLY E 150 -6.80 -3.00 -30.59
N LYS E 151 -6.86 -4.33 -30.34
CA LYS E 151 -6.51 -5.01 -29.08
C LYS E 151 -6.26 -6.49 -29.38
N ASN E 152 -5.39 -7.16 -28.62
CA ASN E 152 -5.17 -8.59 -28.89
C ASN E 152 -6.27 -9.42 -28.22
N ASP E 153 -6.41 -10.70 -28.63
CA ASP E 153 -7.44 -11.62 -28.16
C ASP E 153 -7.31 -12.01 -26.69
N ASP E 154 -6.06 -12.12 -26.18
CA ASP E 154 -5.76 -12.49 -24.79
C ASP E 154 -6.11 -11.39 -23.76
N VAL E 155 -6.15 -10.09 -24.17
CA VAL E 155 -6.46 -8.90 -23.33
C VAL E 155 -7.65 -9.17 -22.41
N PHE E 156 -7.36 -9.32 -21.11
CA PHE E 156 -8.34 -9.62 -20.06
C PHE E 156 -8.26 -8.62 -18.94
N LEU E 157 -9.40 -8.06 -18.56
CA LEU E 157 -9.47 -7.13 -17.45
C LEU E 157 -10.27 -7.86 -16.37
N THR E 158 -9.55 -8.36 -15.33
CA THR E 158 -10.09 -9.14 -14.20
C THR E 158 -11.42 -8.56 -13.68
N GLY E 159 -12.46 -9.38 -13.71
CA GLY E 159 -13.79 -9.01 -13.25
C GLY E 159 -14.60 -8.18 -14.22
N TRP E 160 -14.10 -7.99 -15.46
CA TRP E 160 -14.79 -7.21 -16.47
C TRP E 160 -14.78 -7.90 -17.82
N ASP E 161 -15.82 -7.63 -18.62
CA ASP E 161 -15.96 -8.14 -19.99
C ASP E 161 -15.67 -6.98 -20.95
N ILE E 162 -14.64 -7.14 -21.79
CA ILE E 162 -14.25 -6.12 -22.76
C ILE E 162 -15.09 -6.19 -24.02
N GLU E 163 -15.90 -5.15 -24.24
CA GLU E 163 -16.80 -5.05 -25.39
C GLU E 163 -16.09 -4.61 -26.66
N SER E 164 -15.61 -3.33 -26.70
CA SER E 164 -14.97 -2.77 -27.90
C SER E 164 -13.97 -1.65 -27.63
N PHE E 165 -12.85 -1.67 -28.37
CA PHE E 165 -11.89 -0.58 -28.33
C PHE E 165 -11.97 0.14 -29.67
N THR E 166 -12.63 1.30 -29.65
CA THR E 166 -12.90 2.15 -30.81
C THR E 166 -12.34 3.56 -30.61
N ALA E 167 -12.26 4.37 -31.68
CA ALA E 167 -11.77 5.73 -31.60
C ALA E 167 -12.68 6.69 -32.34
N VAL E 168 -12.92 7.88 -31.73
CA VAL E 168 -13.72 8.95 -32.34
C VAL E 168 -12.82 9.55 -33.41
N VAL E 169 -13.14 9.25 -34.69
CA VAL E 169 -12.40 9.63 -35.90
C VAL E 169 -12.18 11.14 -36.03
N LYS E 170 -13.18 11.95 -35.64
CA LYS E 170 -13.11 13.41 -35.69
C LYS E 170 -12.46 13.99 -34.40
N PRO E 171 -11.26 14.61 -34.52
CA PRO E 171 -10.62 15.19 -33.32
C PRO E 171 -11.27 16.49 -32.89
N ALA E 172 -11.16 16.82 -31.59
CA ALA E 172 -11.71 18.06 -31.06
C ALA E 172 -10.57 19.06 -30.98
N ASN E 173 -10.43 19.91 -32.03
CA ASN E 173 -9.41 20.94 -32.14
C ASN E 173 -9.90 22.22 -31.46
N PHE E 174 -9.07 22.78 -30.57
CA PHE E 174 -9.41 23.95 -29.76
C PHE E 174 -8.21 24.81 -29.43
N ALA E 175 -8.47 26.03 -28.93
CA ALA E 175 -7.44 26.98 -28.55
C ALA E 175 -7.15 26.85 -27.08
N LEU E 176 -5.87 26.70 -26.76
CA LEU E 176 -5.39 26.59 -25.39
C LEU E 176 -4.08 27.37 -25.26
N GLU E 177 -4.06 28.35 -24.32
CA GLU E 177 -2.93 29.24 -24.02
C GLU E 177 -2.27 29.80 -25.30
N ASP E 178 -3.11 30.45 -26.14
CA ASP E 178 -2.80 31.13 -27.42
C ASP E 178 -2.35 30.19 -28.57
N ARG E 179 -2.41 28.85 -28.40
CA ARG E 179 -2.02 27.89 -29.44
C ARG E 179 -3.10 26.83 -29.70
N LEU E 180 -3.10 26.28 -30.92
CA LEU E 180 -4.06 25.25 -31.31
C LEU E 180 -3.63 23.88 -30.76
N GLU E 181 -4.61 23.07 -30.33
CA GLU E 181 -4.37 21.72 -29.80
C GLU E 181 -5.40 20.75 -30.38
N SER E 182 -4.93 19.64 -31.01
CA SER E 182 -5.78 18.62 -31.60
C SER E 182 -5.88 17.44 -30.63
N LYS E 183 -7.10 17.14 -30.13
CA LYS E 183 -7.36 16.08 -29.14
C LYS E 183 -8.19 14.92 -29.74
N LEU E 184 -7.78 13.66 -29.47
CA LEU E 184 -8.46 12.45 -29.95
C LEU E 184 -8.99 11.60 -28.80
N ASP E 185 -10.13 10.93 -28.99
CA ASP E 185 -10.76 10.10 -27.96
C ASP E 185 -10.79 8.60 -28.30
N TYR E 186 -10.01 7.80 -27.55
CA TYR E 186 -9.99 6.35 -27.70
C TYR E 186 -10.86 5.77 -26.60
N GLN E 187 -11.97 5.11 -26.97
CA GLN E 187 -12.94 4.56 -26.03
C GLN E 187 -12.89 3.04 -25.87
N LEU E 188 -12.69 2.59 -24.61
CA LEU E 188 -12.67 1.18 -24.22
C LEU E 188 -13.94 0.86 -23.41
N ARG E 189 -14.93 0.28 -24.08
CA ARG E 189 -16.21 -0.09 -23.49
C ARG E 189 -16.12 -1.44 -22.79
N ILE E 190 -16.56 -1.48 -21.53
CA ILE E 190 -16.52 -2.65 -20.67
C ILE E 190 -17.82 -2.80 -19.89
N SER E 191 -18.13 -4.03 -19.47
CA SER E 191 -19.30 -4.39 -18.67
C SER E 191 -18.79 -5.24 -17.51
N ARG E 192 -19.34 -5.04 -16.30
CA ARG E 192 -18.94 -5.78 -15.11
C ARG E 192 -19.45 -7.20 -15.08
N GLN E 193 -18.60 -8.13 -14.61
CA GLN E 193 -18.90 -9.54 -14.39
C GLN E 193 -19.54 -9.63 -12.98
N TYR E 194 -20.88 -9.52 -12.91
CA TYR E 194 -21.69 -9.50 -11.68
C TYR E 194 -21.98 -10.89 -11.06
N PHE E 195 -21.43 -11.99 -11.62
CA PHE E 195 -21.68 -13.35 -11.12
C PHE E 195 -21.36 -13.51 -9.64
N SER E 196 -20.07 -13.34 -9.28
CA SER E 196 -19.50 -13.47 -7.93
C SER E 196 -20.31 -12.77 -6.83
N TYR E 197 -20.98 -11.64 -7.15
CA TYR E 197 -21.78 -10.83 -6.22
C TYR E 197 -22.97 -11.58 -5.62
N ILE E 198 -23.64 -12.40 -6.45
CA ILE E 198 -24.81 -13.19 -6.04
C ILE E 198 -24.48 -14.19 -4.89
N PRO E 199 -23.54 -15.17 -5.05
CA PRO E 199 -23.28 -16.10 -3.95
C PRO E 199 -22.48 -15.52 -2.78
N ASN E 200 -21.66 -14.50 -3.05
CA ASN E 200 -20.81 -13.92 -2.03
C ASN E 200 -21.48 -12.81 -1.23
N ILE E 201 -22.19 -11.86 -1.88
CA ILE E 201 -22.77 -10.73 -1.17
C ILE E 201 -24.32 -10.68 -1.18
N ILE E 202 -24.98 -10.73 -2.37
CA ILE E 202 -26.46 -10.60 -2.50
C ILE E 202 -27.25 -11.63 -1.67
N LEU E 203 -27.07 -12.94 -1.95
CA LEU E 203 -27.77 -14.02 -1.24
C LEU E 203 -27.47 -14.07 0.25
N PRO E 204 -26.19 -14.04 0.74
CA PRO E 204 -25.97 -14.04 2.20
C PRO E 204 -26.65 -12.86 2.89
N MET E 205 -26.66 -11.68 2.21
CA MET E 205 -27.31 -10.49 2.72
C MET E 205 -28.81 -10.67 2.82
N LEU E 206 -29.40 -11.50 1.95
CA LEU E 206 -30.82 -11.79 1.96
C LEU E 206 -31.18 -12.78 3.05
N PHE E 207 -30.33 -13.82 3.24
CA PHE E 207 -30.51 -14.84 4.28
C PHE E 207 -30.59 -14.19 5.65
N ILE E 208 -29.60 -13.31 5.98
CA ILE E 208 -29.54 -12.58 7.26
C ILE E 208 -30.77 -11.68 7.46
N LEU E 209 -31.34 -11.13 6.36
CA LEU E 209 -32.55 -10.33 6.44
C LEU E 209 -33.76 -11.21 6.75
N PHE E 210 -33.85 -12.39 6.11
CA PHE E 210 -34.96 -13.33 6.34
C PHE E 210 -34.89 -13.92 7.74
N ILE E 211 -33.65 -14.16 8.25
CA ILE E 211 -33.42 -14.67 9.60
C ILE E 211 -34.03 -13.71 10.63
N SER E 212 -33.89 -12.38 10.39
CA SER E 212 -34.49 -11.35 11.26
C SER E 212 -36.02 -11.45 11.26
N TRP E 213 -36.64 -11.86 10.12
CA TRP E 213 -38.08 -11.99 9.98
C TRP E 213 -38.71 -13.22 10.71
N THR E 214 -37.87 -14.08 11.31
CA THR E 214 -38.40 -15.22 12.08
C THR E 214 -38.99 -14.70 13.41
N ALA E 215 -38.70 -13.43 13.75
CA ALA E 215 -39.20 -12.73 14.94
C ALA E 215 -40.70 -12.45 14.83
N PHE E 216 -41.29 -12.72 13.64
CA PHE E 216 -42.73 -12.58 13.43
C PHE E 216 -43.45 -13.89 13.81
N TRP E 217 -42.71 -15.01 13.85
CA TRP E 217 -43.23 -16.32 14.26
C TRP E 217 -42.76 -16.64 15.69
N SER E 218 -42.61 -15.60 16.52
CA SER E 218 -42.19 -15.69 17.91
C SER E 218 -42.74 -14.54 18.75
N THR E 219 -43.10 -14.83 20.01
CA THR E 219 -43.64 -13.88 20.99
C THR E 219 -42.59 -13.51 22.06
N SER E 220 -41.46 -14.25 22.09
CA SER E 220 -40.38 -14.03 23.04
C SER E 220 -39.59 -12.78 22.69
N TYR E 221 -39.80 -11.70 23.46
CA TYR E 221 -39.14 -10.43 23.26
C TYR E 221 -37.63 -10.58 23.30
N GLU E 222 -37.09 -11.24 24.35
CA GLU E 222 -35.66 -11.48 24.53
C GLU E 222 -35.02 -12.19 23.33
N ALA E 223 -35.75 -13.18 22.74
CA ALA E 223 -35.30 -13.93 21.56
C ALA E 223 -35.39 -13.04 20.32
N ASN E 224 -36.54 -12.33 20.13
CA ASN E 224 -36.78 -11.42 19.02
C ASN E 224 -35.75 -10.29 18.96
N VAL E 225 -35.42 -9.71 20.13
CA VAL E 225 -34.41 -8.67 20.24
C VAL E 225 -33.09 -9.21 19.67
N THR E 226 -32.65 -10.39 20.18
CA THR E 226 -31.43 -11.08 19.75
C THR E 226 -31.47 -11.33 18.23
N LEU E 227 -32.61 -11.80 17.69
CA LEU E 227 -32.79 -12.04 16.26
C LEU E 227 -32.58 -10.81 15.40
N VAL E 228 -33.40 -9.76 15.58
CA VAL E 228 -33.34 -8.54 14.77
C VAL E 228 -32.00 -7.78 14.94
N VAL E 229 -31.49 -7.67 16.17
CA VAL E 229 -30.26 -6.94 16.46
C VAL E 229 -29.00 -7.65 15.95
N SER E 230 -28.89 -8.98 16.19
CA SER E 230 -27.72 -9.75 15.75
C SER E 230 -27.54 -9.75 14.24
N THR E 231 -28.65 -10.01 13.51
CA THR E 231 -28.69 -9.95 12.05
C THR E 231 -28.32 -8.52 11.57
N LEU E 232 -28.77 -7.46 12.30
CA LEU E 232 -28.42 -6.09 11.96
C LEU E 232 -26.90 -5.91 12.00
N ILE E 233 -26.22 -6.54 13.01
CA ILE E 233 -24.75 -6.50 13.14
C ILE E 233 -24.11 -7.19 11.93
N ALA E 234 -24.70 -8.34 11.47
CA ALA E 234 -24.25 -9.06 10.29
C ALA E 234 -24.41 -8.17 9.05
N HIS E 235 -25.54 -7.42 8.98
CA HIS E 235 -25.79 -6.50 7.87
C HIS E 235 -24.83 -5.35 7.84
N ILE E 236 -24.40 -4.84 9.01
CA ILE E 236 -23.41 -3.78 9.11
C ILE E 236 -22.10 -4.31 8.52
N ALA E 237 -21.71 -5.58 8.85
CA ALA E 237 -20.51 -6.27 8.34
C ALA E 237 -20.47 -6.33 6.80
N PHE E 238 -21.65 -6.54 6.18
CA PHE E 238 -21.82 -6.59 4.74
C PHE E 238 -21.84 -5.21 4.09
N CYS E 239 -22.47 -4.18 4.70
CA CYS E 239 -22.49 -2.82 4.13
C CYS E 239 -21.11 -2.20 4.09
N ILE E 240 -20.35 -2.34 5.19
CA ILE E 240 -19.00 -1.82 5.31
C ILE E 240 -18.08 -2.51 4.26
N LEU E 241 -18.33 -3.81 4.00
CA LEU E 241 -17.59 -4.62 3.01
C LEU E 241 -17.80 -4.09 1.60
N VAL E 242 -19.06 -3.71 1.25
CA VAL E 242 -19.39 -3.23 -0.10
C VAL E 242 -18.98 -1.76 -0.31
N GLU E 243 -19.32 -0.86 0.64
CA GLU E 243 -19.04 0.58 0.54
C GLU E 243 -17.53 0.91 0.50
N THR E 244 -16.64 -0.05 0.89
CA THR E 244 -15.19 0.12 0.84
C THR E 244 -14.62 -0.15 -0.56
N ASN E 245 -15.21 -1.11 -1.31
CA ASN E 245 -14.81 -1.44 -2.69
C ASN E 245 -15.32 -0.36 -3.69
N LEU E 246 -16.05 0.66 -3.18
CA LEU E 246 -16.64 1.75 -3.96
C LEU E 246 -16.17 3.14 -3.49
N PRO E 247 -16.01 4.13 -4.42
CA PRO E 247 -15.67 5.49 -3.97
C PRO E 247 -16.91 6.27 -3.49
N LYS E 248 -16.66 7.41 -2.81
CA LYS E 248 -17.74 8.25 -2.28
C LYS E 248 -18.33 9.11 -3.39
N THR E 249 -19.44 8.60 -3.91
CA THR E 249 -20.21 9.17 -5.01
C THR E 249 -21.21 10.23 -4.52
N PRO E 250 -21.35 11.37 -5.25
CA PRO E 250 -22.34 12.39 -4.85
C PRO E 250 -23.77 12.04 -5.29
N TYR E 251 -23.95 10.80 -5.78
CA TYR E 251 -25.20 10.25 -6.28
C TYR E 251 -25.51 8.91 -5.61
N MET E 252 -26.77 8.43 -5.74
CA MET E 252 -27.15 7.13 -5.20
C MET E 252 -26.78 6.03 -6.20
N THR E 253 -26.19 4.94 -5.68
CA THR E 253 -25.83 3.76 -6.46
C THR E 253 -26.94 2.72 -6.28
N TYR E 254 -27.02 1.73 -7.19
CA TYR E 254 -28.05 0.69 -7.11
C TYR E 254 -27.93 -0.14 -5.83
N THR E 255 -26.67 -0.44 -5.45
CA THR E 255 -26.29 -1.17 -4.25
C THR E 255 -26.58 -0.33 -3.03
N GLY E 256 -26.18 0.94 -3.08
CA GLY E 256 -26.35 1.90 -2.00
C GLY E 256 -27.79 2.07 -1.59
N ALA E 257 -28.70 2.09 -2.59
CA ALA E 257 -30.14 2.19 -2.43
C ALA E 257 -30.66 0.99 -1.67
N ILE E 258 -30.31 -0.23 -2.15
CA ILE E 258 -30.70 -1.52 -1.55
C ILE E 258 -30.24 -1.60 -0.09
N ILE E 259 -28.91 -1.41 0.13
CA ILE E 259 -28.20 -1.36 1.41
C ILE E 259 -28.97 -0.48 2.40
N PHE E 260 -29.35 0.75 1.96
CA PHE E 260 -30.08 1.72 2.78
C PHE E 260 -31.50 1.29 3.04
N MET E 261 -32.18 0.77 2.01
CA MET E 261 -33.56 0.29 2.12
C MET E 261 -33.64 -0.86 3.15
N ILE E 262 -32.61 -1.74 3.18
CA ILE E 262 -32.48 -2.86 4.12
C ILE E 262 -32.34 -2.32 5.54
N TYR E 263 -31.55 -1.23 5.74
CA TYR E 263 -31.42 -0.59 7.06
C TYR E 263 -32.76 -0.12 7.62
N LEU E 264 -33.72 0.21 6.75
CA LEU E 264 -35.07 0.60 7.17
C LEU E 264 -35.87 -0.65 7.60
N PHE E 265 -35.74 -1.76 6.84
CA PHE E 265 -36.40 -3.05 7.14
C PHE E 265 -35.98 -3.61 8.49
N TYR E 266 -34.77 -3.25 8.95
CA TYR E 266 -34.23 -3.62 10.24
C TYR E 266 -34.80 -2.72 11.31
N PHE E 267 -34.94 -1.42 10.99
CA PHE E 267 -35.51 -0.43 11.90
C PHE E 267 -36.99 -0.71 12.19
N VAL E 268 -37.81 -0.87 11.13
CA VAL E 268 -39.24 -1.15 11.21
C VAL E 268 -39.50 -2.51 11.91
N ALA E 269 -38.57 -3.48 11.73
CA ALA E 269 -38.64 -4.79 12.38
C ALA E 269 -38.46 -4.63 13.89
N VAL E 270 -37.56 -3.71 14.33
CA VAL E 270 -37.36 -3.41 15.74
C VAL E 270 -38.65 -2.78 16.30
N ILE E 271 -39.22 -1.80 15.55
CA ILE E 271 -40.47 -1.14 15.94
C ILE E 271 -41.55 -2.20 16.23
N GLU E 272 -41.78 -3.12 15.27
CA GLU E 272 -42.75 -4.23 15.37
C GLU E 272 -42.49 -5.05 16.62
N VAL E 273 -41.22 -5.47 16.83
CA VAL E 273 -40.79 -6.29 17.96
C VAL E 273 -41.05 -5.56 19.29
N THR E 274 -40.83 -4.23 19.31
CA THR E 274 -41.06 -3.38 20.47
C THR E 274 -42.58 -3.27 20.76
N VAL E 275 -43.39 -3.03 19.70
CA VAL E 275 -44.86 -2.90 19.76
C VAL E 275 -45.52 -4.19 20.25
N GLN E 276 -45.22 -5.34 19.59
CA GLN E 276 -45.70 -6.67 19.95
C GLN E 276 -45.47 -6.92 21.44
N HIS E 277 -44.26 -6.62 21.97
CA HIS E 277 -43.97 -6.79 23.38
C HIS E 277 -44.70 -5.78 24.24
N TYR E 278 -44.82 -4.52 23.79
CA TYR E 278 -45.52 -3.49 24.58
C TYR E 278 -46.99 -3.83 24.83
N LEU E 279 -47.70 -4.31 23.78
CA LEU E 279 -49.09 -4.72 23.86
C LEU E 279 -49.27 -5.98 24.73
N LYS E 280 -48.32 -6.94 24.62
CA LYS E 280 -48.27 -8.19 25.40
C LYS E 280 -48.18 -7.85 26.90
N VAL E 281 -47.29 -6.89 27.25
CA VAL E 281 -47.10 -6.43 28.64
C VAL E 281 -48.33 -5.60 29.11
N GLU E 282 -48.98 -4.88 28.18
CA GLU E 282 -50.17 -4.08 28.43
C GLU E 282 -51.50 -4.88 28.46
N SER E 283 -51.39 -6.23 28.57
CA SER E 283 -52.47 -7.22 28.67
C SER E 283 -53.53 -7.10 27.55
N GLN E 284 -53.05 -7.22 26.29
CA GLN E 284 -53.89 -7.23 25.07
C GLN E 284 -53.19 -8.02 23.93
N PRO E 285 -52.85 -9.32 24.15
CA PRO E 285 -52.17 -10.09 23.08
C PRO E 285 -53.02 -10.39 21.85
N ALA E 286 -54.28 -9.93 21.83
CA ALA E 286 -55.13 -10.10 20.67
C ALA E 286 -54.75 -9.05 19.64
N ARG E 287 -54.25 -7.90 20.13
CA ARG E 287 -53.80 -6.74 19.35
C ARG E 287 -52.37 -6.96 18.80
N ALA E 288 -51.50 -7.53 19.65
CA ALA E 288 -50.11 -7.83 19.35
C ALA E 288 -50.01 -8.93 18.30
N ALA E 289 -50.72 -10.06 18.49
CA ALA E 289 -50.72 -11.19 17.55
C ALA E 289 -51.24 -10.83 16.17
N SER E 290 -52.18 -9.86 16.09
CA SER E 290 -52.74 -9.42 14.81
C SER E 290 -51.74 -8.63 13.98
N ILE E 291 -50.93 -7.77 14.65
CA ILE E 291 -49.85 -6.97 14.05
C ILE E 291 -48.73 -7.91 13.58
N THR E 292 -48.29 -8.82 14.47
CA THR E 292 -47.26 -9.82 14.21
C THR E 292 -47.65 -10.73 13.04
N ARG E 293 -48.93 -11.11 12.94
CA ARG E 293 -49.43 -11.93 11.84
C ARG E 293 -49.48 -11.16 10.53
N ALA E 294 -49.72 -9.84 10.61
CA ALA E 294 -49.78 -8.96 9.45
C ALA E 294 -48.37 -8.76 8.88
N SER E 295 -47.39 -8.55 9.76
CA SER E 295 -45.98 -8.37 9.45
C SER E 295 -45.37 -9.57 8.71
N ARG E 296 -45.90 -10.79 8.96
CA ARG E 296 -45.49 -12.05 8.33
C ARG E 296 -45.63 -12.00 6.80
N ILE E 297 -46.61 -11.21 6.32
CA ILE E 297 -46.93 -10.99 4.92
C ILE E 297 -46.48 -9.59 4.48
N ALA E 298 -46.66 -8.57 5.35
CA ALA E 298 -46.30 -7.17 5.09
C ALA E 298 -44.83 -6.95 4.74
N PHE E 299 -43.91 -7.48 5.56
CA PHE E 299 -42.47 -7.35 5.35
C PHE E 299 -42.01 -7.99 4.03
N PRO E 300 -42.30 -9.29 3.69
CA PRO E 300 -41.85 -9.81 2.38
C PRO E 300 -42.45 -9.09 1.17
N VAL E 301 -43.74 -8.67 1.26
CA VAL E 301 -44.47 -7.98 0.19
C VAL E 301 -43.87 -6.59 -0.06
N VAL E 302 -43.81 -5.73 0.98
CA VAL E 302 -43.24 -4.38 0.90
C VAL E 302 -41.78 -4.44 0.42
N PHE E 303 -41.02 -5.48 0.83
CA PHE E 303 -39.63 -5.66 0.39
C PHE E 303 -39.55 -5.96 -1.10
N LEU E 304 -40.35 -6.95 -1.56
CA LEU E 304 -40.44 -7.38 -2.95
C LEU E 304 -40.87 -6.22 -3.88
N LEU E 305 -41.86 -5.41 -3.43
CA LEU E 305 -42.37 -4.26 -4.18
C LEU E 305 -41.33 -3.14 -4.25
N ALA E 306 -40.71 -2.80 -3.11
CA ALA E 306 -39.68 -1.75 -3.00
C ALA E 306 -38.45 -2.07 -3.84
N ASN E 307 -38.13 -3.37 -4.01
CA ASN E 307 -37.02 -3.81 -4.86
C ASN E 307 -37.34 -3.63 -6.33
N ILE E 308 -38.61 -3.89 -6.73
CA ILE E 308 -39.14 -3.71 -8.08
C ILE E 308 -39.15 -2.21 -8.41
N ILE E 309 -39.54 -1.37 -7.41
CA ILE E 309 -39.55 0.10 -7.51
C ILE E 309 -38.13 0.61 -7.79
N LEU E 310 -37.13 0.18 -6.96
CA LEU E 310 -35.73 0.56 -7.14
C LEU E 310 -35.15 0.06 -8.45
N ALA E 311 -35.33 -1.24 -8.77
CA ALA E 311 -34.84 -1.83 -10.02
C ALA E 311 -35.39 -1.11 -11.25
N PHE E 312 -36.62 -0.56 -11.14
CA PHE E 312 -37.23 0.19 -12.22
C PHE E 312 -36.55 1.55 -12.37
N LEU E 313 -36.38 2.26 -11.24
CA LEU E 313 -35.73 3.58 -11.21
C LEU E 313 -34.28 3.54 -11.68
N PHE E 314 -33.58 2.42 -11.46
CA PHE E 314 -32.17 2.26 -11.81
C PHE E 314 -31.92 1.59 -13.16
N PHE E 315 -32.88 0.82 -13.71
CA PHE E 315 -32.65 0.12 -14.99
C PHE E 315 -33.72 0.35 -16.06
CL CL F . 9.84 -6.23 -21.83
NA NA G . 22.47 -2.34 -31.14
NA NA H . -27.72 -13.09 23.93
C1 MBR I . -12.12 -23.99 2.34
BR2 MBR I . -10.74 -22.65 2.21
BR1 MBR I . -13.83 -23.23 2.75
BR3 MBR I . -12.18 -25.08 0.76
H1 MBR I . -11.86 -24.64 3.19
CL CL J . 22.24 -6.64 -7.82
NA NA K . 34.16 -0.30 -16.07
C1 MBR L . 1.23 -17.25 20.78
BR2 MBR L . 1.61 -15.70 19.71
BR1 MBR L . -0.51 -17.98 20.37
BR3 MBR L . 2.61 -18.59 20.62
H1 MBR L . 1.19 -16.94 21.83
NA NA M . 32.47 17.86 -9.45
C1 MBR N . -4.46 5.32 25.94
BR2 MBR N . -4.19 5.51 24.04
BR1 MBR N . -5.20 3.59 26.37
BR3 MBR N . -2.87 5.68 26.93
H1 MBR N . -5.21 6.06 26.24
CL CL O . 9.71 21.53 -7.35
NA NA P . 19.88 26.90 -19.18
C1 MBR Q . -21.37 12.53 10.96
BR2 MBR Q . -20.29 11.75 9.57
BR1 MBR Q . -21.12 11.62 12.64
BR3 MBR Q . -21.05 14.41 11.12
H1 MBR Q . -22.42 12.39 10.68
CL CL R . 1.96 11.30 -21.63
NA NA S . 13.40 14.31 -33.16
C1 MBR T . -23.26 -11.06 19.67
BR2 MBR T . -21.85 -10.49 18.48
BR1 MBR T . -22.64 -11.19 21.48
BR3 MBR T . -24.78 -9.90 19.54
H1 MBR T . -23.55 -12.06 19.34
C1 MBR U . -24.61 -6.20 -3.92
BR2 MBR U . -22.83 -5.65 -4.35
BR1 MBR U . -25.08 -5.71 -2.11
BR3 MBR U . -25.90 -5.49 -5.18
H1 MBR U . -24.63 -7.28 -3.98
#